data_8IXQ
#
_entry.id   8IXQ
#
_cell.length_a   97.634
_cell.length_b   139.484
_cell.length_c   158.748
_cell.angle_alpha   90.000
_cell.angle_beta   90.000
_cell.angle_gamma   90.000
#
_symmetry.space_group_name_H-M   'P 21 21 21'
#
loop_
_entity.id
_entity.type
_entity.pdbx_description
1 polymer Glycosyltransferase
2 non-polymer trimethyl-[(2S)-1-oxidanyl-1-oxidanylidene-3-(2-sulfanylidene-1,3-dihydroimidazol-4-yl)propan-2-yl]azanium
3 non-polymer "GUANOSINE-5'-DIPHOSPHATE"
4 water water
#
_entity_poly.entity_id   1
_entity_poly.type   'polypeptide(L)'
_entity_poly.pdbx_seq_one_letter_code
;MTARTERGRALAFVWLMVEGAQVAAGGVAGYVRNLLDEQDALRDHLAERGWSVEFVLGEPFYDPGAPGYDEERWRRVREH
LAARGGRAVRLVSDSDGLDGWGEERFFHALSATGAQLVLDTAERCDAVVAVSGTSAFARVPGMVQRQGGELAAKVLHVHT
FGLATHDTAHVPSPAEIAADGDVAFWTRQSDRVSVGYISRYTAELYARTYAIPAAALLPNRSAIPRHAPRFGVLTEERIN
ERIAGLGLPAEGEFVVMWGRNSAPGLDKGYHLLLEAARDLPGVVPVIATRRPDPGLRRLADRYAVPAVLLDDQPFTHLSA
LLQSPRTLAAAFLGEAEPGAVSPMEAMWVARESGALVIAADTGNLPEVVDDGAAGIVTRRTAADVADAVRRVRKLTADER
RRMRAAAAARVRARFDFAANVRELADAAVDRLAEVSKLAAALEHHHHHHHH
;
_entity_poly.pdbx_strand_id   A,B,C,D
#
# COMPACT_ATOMS: atom_id res chain seq x y z
N GLY A 8 -5.79 -37.05 23.15
CA GLY A 8 -6.77 -37.23 22.09
C GLY A 8 -6.41 -36.57 20.76
N ARG A 9 -5.12 -36.31 20.54
CA ARG A 9 -4.70 -35.52 19.41
C ARG A 9 -3.68 -36.22 18.52
N ALA A 10 -3.54 -37.54 18.65
CA ALA A 10 -2.58 -38.29 17.83
C ALA A 10 -3.25 -38.68 16.51
N LEU A 11 -2.88 -37.98 15.44
CA LEU A 11 -3.42 -38.21 14.10
C LEU A 11 -2.37 -38.91 13.24
N ALA A 12 -2.78 -39.97 12.55
CA ALA A 12 -1.90 -40.66 11.62
C ALA A 12 -2.48 -40.64 10.21
N PHE A 13 -1.63 -40.33 9.23
CA PHE A 13 -1.95 -40.60 7.83
C PHE A 13 -1.25 -41.89 7.46
N VAL A 14 -2.02 -42.88 7.02
CA VAL A 14 -1.47 -44.15 6.55
C VAL A 14 -1.55 -44.12 5.03
N TRP A 15 -0.41 -44.12 4.36
CA TRP A 15 -0.35 -44.04 2.91
C TRP A 15 -0.09 -45.44 2.38
N LEU A 16 -1.07 -46.04 1.73
CA LEU A 16 -0.93 -47.40 1.19
C LEU A 16 -0.63 -47.28 -0.30
N MET A 17 0.59 -47.64 -0.70
CA MET A 17 1.01 -47.35 -2.06
C MET A 17 1.74 -48.57 -2.63
N VAL A 18 1.47 -48.87 -3.91
CA VAL A 18 2.06 -50.06 -4.51
C VAL A 18 3.55 -49.89 -4.80
N GLU A 19 4.05 -48.66 -4.78
CA GLU A 19 5.46 -48.36 -5.02
C GLU A 19 5.76 -47.02 -4.38
N GLY A 20 7.04 -46.66 -4.37
CA GLY A 20 7.44 -45.39 -3.81
C GLY A 20 8.64 -45.43 -2.88
N ALA A 21 8.96 -46.58 -2.32
CA ALA A 21 10.08 -46.63 -1.39
C ALA A 21 11.13 -47.61 -1.88
N GLN A 22 10.85 -48.91 -1.72
CA GLN A 22 11.75 -49.92 -2.25
C GLN A 22 11.90 -49.78 -3.75
N VAL A 23 10.82 -49.40 -4.43
CA VAL A 23 10.75 -49.37 -5.88
C VAL A 23 10.14 -48.03 -6.28
N ALA A 24 10.74 -47.40 -7.30
CA ALA A 24 10.20 -46.17 -7.87
C ALA A 24 10.20 -46.33 -9.38
N ALA A 25 9.00 -46.43 -9.97
CA ALA A 25 8.92 -46.69 -11.41
C ALA A 25 7.69 -46.06 -12.07
N GLY A 26 7.14 -45.00 -11.49
CA GLY A 26 5.98 -44.37 -12.09
C GLY A 26 5.38 -43.29 -11.20
N GLY A 27 4.11 -42.96 -11.49
CA GLY A 27 3.49 -41.81 -10.86
C GLY A 27 3.23 -41.97 -9.37
N VAL A 28 2.88 -43.19 -8.93
CA VAL A 28 2.64 -43.43 -7.50
C VAL A 28 3.89 -43.15 -6.69
N ALA A 29 5.07 -43.54 -7.21
CA ALA A 29 6.32 -43.31 -6.49
C ALA A 29 6.64 -41.83 -6.41
N GLY A 30 6.38 -41.08 -7.49
CA GLY A 30 6.57 -39.64 -7.43
C GLY A 30 5.67 -38.99 -6.37
N TYR A 31 4.43 -39.47 -6.26
CA TYR A 31 3.51 -38.98 -5.24
C TYR A 31 4.07 -39.20 -3.84
N VAL A 32 4.56 -40.42 -3.57
CA VAL A 32 5.15 -40.70 -2.26
C VAL A 32 6.32 -39.74 -1.98
N ARG A 33 7.19 -39.49 -2.98
CA ARG A 33 8.35 -38.64 -2.70
C ARG A 33 7.95 -37.19 -2.43
N ASN A 34 7.01 -36.66 -3.20
CA ASN A 34 6.56 -35.29 -2.94
C ASN A 34 5.86 -35.19 -1.59
N LEU A 35 5.18 -36.27 -1.21
CA LEU A 35 4.52 -36.38 0.08
C LEU A 35 5.50 -36.20 1.23
N LEU A 36 6.62 -36.93 1.17
CA LEU A 36 7.61 -36.86 2.23
C LEU A 36 8.28 -35.49 2.28
N ASP A 37 8.50 -34.86 1.12
CA ASP A 37 9.02 -33.50 1.11
C ASP A 37 8.07 -32.53 1.80
N GLU A 38 6.77 -32.82 1.81
CA GLU A 38 5.75 -31.95 2.39
C GLU A 38 5.41 -32.30 3.83
N GLN A 39 6.01 -33.35 4.38
CA GLN A 39 5.55 -33.88 5.67
C GLN A 39 5.66 -32.84 6.77
N ASP A 40 6.82 -32.17 6.88
CA ASP A 40 7.01 -31.23 7.99
C ASP A 40 6.09 -30.03 7.86
N ALA A 41 5.93 -29.50 6.65
CA ALA A 41 4.99 -28.41 6.45
C ALA A 41 3.58 -28.85 6.80
N LEU A 42 3.20 -30.06 6.39
CA LEU A 42 1.88 -30.56 6.74
C LEU A 42 1.76 -30.76 8.24
N ARG A 43 2.81 -31.26 8.89
CA ARG A 43 2.80 -31.40 10.35
C ARG A 43 2.54 -30.04 11.01
N ASP A 44 3.28 -29.01 10.59
CA ASP A 44 3.10 -27.67 11.16
C ASP A 44 1.68 -27.18 10.94
N HIS A 45 1.16 -27.37 9.73
CA HIS A 45 -0.18 -26.90 9.42
C HIS A 45 -1.23 -27.55 10.30
N LEU A 46 -1.13 -28.88 10.51
CA LEU A 46 -2.16 -29.57 11.27
C LEU A 46 -1.99 -29.37 12.77
N ALA A 47 -0.78 -29.13 13.25
CA ALA A 47 -0.60 -28.69 14.63
C ALA A 47 -1.46 -27.47 14.93
N GLU A 48 -1.50 -26.50 14.00
CA GLU A 48 -2.34 -25.32 14.18
C GLU A 48 -3.81 -25.68 14.32
N ARG A 49 -4.24 -26.78 13.70
CA ARG A 49 -5.58 -27.29 13.92
C ARG A 49 -5.66 -28.22 15.13
N GLY A 50 -4.56 -28.37 15.87
CA GLY A 50 -4.58 -29.14 17.10
C GLY A 50 -4.32 -30.62 16.99
N TRP A 51 -3.71 -31.08 15.90
CA TRP A 51 -3.39 -32.49 15.72
C TRP A 51 -1.89 -32.66 15.69
N SER A 52 -1.41 -33.75 16.30
CA SER A 52 0.00 -34.15 16.17
C SER A 52 0.06 -35.26 15.11
N VAL A 53 0.72 -34.98 13.98
CA VAL A 53 0.64 -35.85 12.81
C VAL A 53 1.84 -36.77 12.73
N GLU A 54 1.58 -38.05 12.47
CA GLU A 54 2.63 -38.97 12.04
C GLU A 54 2.23 -39.58 10.70
N PHE A 55 3.23 -39.95 9.91
CA PHE A 55 3.03 -40.58 8.60
C PHE A 55 3.40 -42.05 8.72
N VAL A 56 2.54 -42.93 8.23
CA VAL A 56 2.85 -44.34 8.08
C VAL A 56 2.77 -44.66 6.60
N LEU A 57 3.82 -45.30 6.06
CA LEU A 57 3.86 -45.67 4.65
C LEU A 57 3.80 -47.20 4.54
N GLY A 58 2.83 -47.70 3.78
CA GLY A 58 2.73 -49.13 3.52
C GLY A 58 2.96 -49.45 2.05
N GLU A 59 3.89 -50.37 1.77
CA GLU A 59 4.27 -50.75 0.41
C GLU A 59 4.47 -52.26 0.37
N PRO A 60 4.01 -52.96 -0.67
CA PRO A 60 4.26 -54.40 -0.74
C PRO A 60 5.76 -54.70 -0.67
N PHE A 61 6.09 -55.81 0.01
CA PHE A 61 7.44 -56.37 -0.04
C PHE A 61 7.89 -56.51 -1.49
N TYR A 62 9.06 -55.97 -1.80
CA TYR A 62 9.69 -56.21 -3.09
C TYR A 62 10.94 -57.06 -2.92
N ASP A 63 11.22 -57.85 -3.93
CA ASP A 63 12.48 -58.57 -4.02
C ASP A 63 13.56 -57.63 -4.58
N PRO A 64 14.78 -57.67 -4.06
CA PRO A 64 15.84 -56.77 -4.55
C PRO A 64 16.10 -56.85 -6.05
N GLY A 65 15.60 -57.86 -6.74
CA GLY A 65 15.71 -57.93 -8.18
C GLY A 65 14.54 -57.36 -8.95
N ALA A 66 13.58 -56.75 -8.28
CA ALA A 66 12.45 -56.15 -8.98
C ALA A 66 12.91 -54.95 -9.81
N PRO A 67 12.25 -54.67 -10.93
CA PRO A 67 12.60 -53.50 -11.72
C PRO A 67 12.43 -52.22 -10.91
N GLY A 68 13.48 -51.41 -10.88
CA GLY A 68 13.42 -50.17 -10.15
C GLY A 68 13.72 -50.28 -8.68
N TYR A 69 14.13 -51.45 -8.20
CA TYR A 69 14.50 -51.62 -6.79
C TYR A 69 15.73 -50.79 -6.44
N ASP A 70 15.67 -50.09 -5.31
CA ASP A 70 16.78 -49.25 -4.84
C ASP A 70 16.85 -49.33 -3.32
N GLU A 71 17.70 -50.24 -2.83
CA GLU A 71 17.90 -50.39 -1.38
C GLU A 71 18.18 -49.06 -0.69
N GLU A 72 18.92 -48.17 -1.34
CA GLU A 72 19.28 -46.92 -0.67
C GLU A 72 18.09 -45.95 -0.61
N ARG A 73 17.25 -45.91 -1.64
CA ARG A 73 16.04 -45.11 -1.54
C ARG A 73 15.13 -45.63 -0.43
N TRP A 74 14.98 -46.96 -0.34
CA TRP A 74 14.26 -47.54 0.79
C TRP A 74 14.85 -47.09 2.12
N ARG A 75 16.18 -47.03 2.21
CA ARG A 75 16.79 -46.64 3.47
C ARG A 75 16.51 -45.17 3.78
N ARG A 76 16.62 -44.30 2.77
CA ARG A 76 16.36 -42.88 2.98
C ARG A 76 14.92 -42.67 3.43
N VAL A 77 13.97 -43.41 2.84
CA VAL A 77 12.58 -43.30 3.26
C VAL A 77 12.42 -43.75 4.70
N ARG A 78 12.98 -44.90 5.04
CA ARG A 78 12.84 -45.41 6.40
C ARG A 78 13.42 -44.42 7.41
N GLU A 79 14.60 -43.86 7.13
CA GLU A 79 15.20 -42.88 8.04
C GLU A 79 14.36 -41.63 8.15
N HIS A 80 13.86 -41.12 7.02
CA HIS A 80 13.06 -39.90 7.04
C HIS A 80 11.85 -40.06 7.95
N LEU A 81 11.13 -41.18 7.82
CA LEU A 81 9.93 -41.35 8.62
C LEU A 81 10.26 -41.66 10.06
N ALA A 82 11.30 -42.46 10.32
CA ALA A 82 11.66 -42.77 11.70
C ALA A 82 12.09 -41.51 12.44
N ALA A 83 12.87 -40.65 11.78
CA ALA A 83 13.31 -39.39 12.39
C ALA A 83 12.13 -38.53 12.83
N ARG A 84 10.93 -38.81 12.31
CA ARG A 84 9.74 -38.04 12.64
C ARG A 84 8.74 -38.87 13.43
N GLY A 85 9.15 -40.01 13.96
CA GLY A 85 8.23 -40.83 14.71
C GLY A 85 7.22 -41.58 13.89
N GLY A 86 7.40 -41.63 12.56
CA GLY A 86 6.56 -42.44 11.70
C GLY A 86 7.25 -43.75 11.37
N ARG A 87 6.75 -44.43 10.35
CA ARG A 87 7.40 -45.67 9.95
C ARG A 87 7.02 -46.04 8.53
N ALA A 88 7.92 -46.77 7.89
CA ALA A 88 7.65 -47.46 6.65
C ALA A 88 7.49 -48.95 6.94
N VAL A 89 6.46 -49.56 6.37
CA VAL A 89 6.13 -50.96 6.65
C VAL A 89 5.99 -51.69 5.32
N ARG A 90 6.79 -52.74 5.14
CA ARG A 90 6.65 -53.60 3.97
C ARG A 90 5.54 -54.62 4.20
N LEU A 91 4.70 -54.81 3.18
CA LEU A 91 3.44 -55.52 3.33
C LEU A 91 3.48 -56.84 2.56
N VAL A 92 2.99 -57.90 3.20
CA VAL A 92 2.86 -59.18 2.52
C VAL A 92 1.79 -59.08 1.45
N SER A 93 2.07 -59.66 0.27
CA SER A 93 1.09 -59.62 -0.81
C SER A 93 0.93 -60.99 -1.46
N ASP A 94 1.32 -62.06 -0.77
CA ASP A 94 1.23 -63.44 -1.27
C ASP A 94 1.79 -63.54 -2.69
N SER A 95 2.95 -62.94 -2.91
CA SER A 95 3.54 -62.92 -4.25
C SER A 95 5.04 -63.03 -4.12
N ASP A 96 5.72 -63.04 -5.25
CA ASP A 96 7.16 -63.26 -5.25
C ASP A 96 7.97 -61.98 -5.03
N GLY A 97 7.33 -60.82 -5.05
CA GLY A 97 8.04 -59.57 -4.83
C GLY A 97 8.72 -59.01 -6.06
N LEU A 98 8.50 -59.58 -7.24
CA LEU A 98 9.16 -59.06 -8.43
C LEU A 98 8.35 -58.00 -9.17
N ASP A 99 7.05 -57.87 -8.88
CA ASP A 99 6.19 -57.08 -9.75
C ASP A 99 5.64 -55.84 -9.07
N GLY A 100 4.75 -55.97 -8.09
CA GLY A 100 3.97 -54.83 -7.65
C GLY A 100 2.58 -54.73 -8.27
N TRP A 101 2.15 -55.76 -9.01
CA TRP A 101 0.78 -55.90 -9.48
C TRP A 101 0.49 -57.39 -9.56
N GLY A 102 -0.75 -57.73 -9.92
CA GLY A 102 -1.12 -59.14 -9.95
C GLY A 102 -2.61 -59.29 -10.17
N GLU A 103 -3.11 -60.44 -9.74
CA GLU A 103 -4.51 -60.84 -9.88
C GLU A 103 -5.15 -60.88 -8.49
N GLU A 104 -6.16 -61.76 -8.32
CA GLU A 104 -6.96 -61.82 -7.10
C GLU A 104 -6.08 -61.99 -5.88
N ARG A 105 -5.17 -62.96 -5.93
CA ARG A 105 -4.37 -63.33 -4.77
C ARG A 105 -3.54 -62.16 -4.27
N PHE A 106 -2.89 -61.44 -5.20
CA PHE A 106 -2.12 -60.25 -4.87
C PHE A 106 -3.01 -59.17 -4.27
N PHE A 107 -4.10 -58.81 -4.97
CA PHE A 107 -4.99 -57.76 -4.47
C PHE A 107 -5.54 -58.14 -3.10
N HIS A 108 -5.92 -59.40 -2.93
CA HIS A 108 -6.60 -59.81 -1.71
C HIS A 108 -5.64 -59.77 -0.52
N ALA A 109 -4.41 -60.28 -0.69
CA ALA A 109 -3.47 -60.32 0.43
C ALA A 109 -2.97 -58.92 0.77
N LEU A 110 -2.62 -58.13 -0.25
CA LEU A 110 -2.11 -56.78 -0.03
C LEU A 110 -3.19 -55.88 0.58
N SER A 111 -4.46 -56.08 0.22
CA SER A 111 -5.52 -55.35 0.89
C SER A 111 -5.68 -55.81 2.33
N ALA A 112 -5.56 -57.12 2.59
CA ALA A 112 -5.67 -57.62 3.96
C ALA A 112 -4.57 -57.04 4.84
N THR A 113 -3.32 -57.02 4.35
CA THR A 113 -2.24 -56.48 5.17
C THR A 113 -2.22 -54.95 5.18
N GLY A 114 -2.67 -54.29 4.10
CA GLY A 114 -2.87 -52.86 4.19
C GLY A 114 -3.92 -52.51 5.24
N ALA A 115 -5.02 -53.27 5.26
CA ALA A 115 -6.02 -53.10 6.29
C ALA A 115 -5.44 -53.37 7.68
N GLN A 116 -4.60 -54.41 7.79
CA GLN A 116 -3.94 -54.71 9.06
C GLN A 116 -3.14 -53.51 9.55
N LEU A 117 -2.35 -52.90 8.66
CA LEU A 117 -1.54 -51.75 9.03
C LEU A 117 -2.40 -50.57 9.51
N VAL A 118 -3.53 -50.33 8.83
CA VAL A 118 -4.46 -49.28 9.24
C VAL A 118 -4.95 -49.51 10.66
N LEU A 119 -5.40 -50.74 10.94
CA LEU A 119 -5.95 -51.03 12.26
C LEU A 119 -4.89 -51.01 13.34
N ASP A 120 -3.68 -51.54 13.04
CA ASP A 120 -2.61 -51.47 14.02
C ASP A 120 -2.21 -50.03 14.28
N THR A 121 -2.29 -49.17 13.25
CA THR A 121 -2.07 -47.75 13.48
C THR A 121 -3.18 -47.15 14.32
N ALA A 122 -4.43 -47.56 14.07
CA ALA A 122 -5.54 -47.07 14.88
C ALA A 122 -5.41 -47.49 16.34
N GLU A 123 -4.81 -48.66 16.58
CA GLU A 123 -4.61 -49.13 17.95
C GLU A 123 -3.81 -48.12 18.77
N ARG A 124 -2.80 -47.49 18.16
CA ARG A 124 -1.91 -46.60 18.90
C ARG A 124 -2.15 -45.12 18.63
N CYS A 125 -3.17 -44.76 17.87
CA CYS A 125 -3.40 -43.35 17.54
C CYS A 125 -4.83 -42.99 17.92
N ASP A 126 -5.14 -41.71 17.83
CA ASP A 126 -6.51 -41.30 18.11
C ASP A 126 -7.35 -41.22 16.86
N ALA A 127 -6.73 -41.00 15.71
CA ALA A 127 -7.46 -40.85 14.47
C ALA A 127 -6.55 -41.25 13.33
N VAL A 128 -7.12 -41.84 12.28
CA VAL A 128 -6.33 -42.33 11.17
C VAL A 128 -7.00 -41.91 9.87
N VAL A 129 -6.23 -41.29 8.98
CA VAL A 129 -6.65 -41.10 7.60
C VAL A 129 -5.91 -42.13 6.76
N ALA A 130 -6.63 -43.14 6.28
CA ALA A 130 -6.02 -44.19 5.48
C ALA A 130 -6.21 -43.83 4.01
N VAL A 131 -5.12 -43.43 3.36
CA VAL A 131 -5.14 -43.05 1.95
C VAL A 131 -4.60 -44.24 1.15
N SER A 132 -5.50 -44.96 0.52
CA SER A 132 -5.17 -46.14 -0.25
C SER A 132 -5.20 -45.81 -1.74
N GLY A 133 -4.35 -46.46 -2.51
CA GLY A 133 -4.25 -46.17 -3.93
C GLY A 133 -4.28 -47.40 -4.81
N THR A 134 -5.02 -47.29 -5.93
CA THR A 134 -5.15 -48.30 -6.98
C THR A 134 -5.96 -49.51 -6.53
N SER A 135 -6.38 -50.31 -7.50
CA SER A 135 -7.22 -51.48 -7.24
C SER A 135 -6.56 -52.45 -6.28
N ALA A 136 -5.22 -52.46 -6.23
CA ALA A 136 -4.52 -53.36 -5.31
C ALA A 136 -4.93 -53.13 -3.85
N PHE A 137 -5.25 -51.89 -3.47
CA PHE A 137 -5.66 -51.59 -2.11
C PHE A 137 -7.14 -51.25 -2.01
N ALA A 138 -7.90 -51.41 -3.10
CA ALA A 138 -9.30 -50.95 -3.10
C ALA A 138 -10.17 -51.71 -2.11
N ARG A 139 -9.82 -52.96 -1.77
CA ARG A 139 -10.60 -53.67 -0.76
C ARG A 139 -10.29 -53.21 0.67
N VAL A 140 -9.25 -52.41 0.88
CA VAL A 140 -8.89 -52.02 2.26
C VAL A 140 -10.05 -51.37 3.02
N PRO A 141 -10.75 -50.37 2.47
CA PRO A 141 -11.83 -49.75 3.27
C PRO A 141 -12.87 -50.76 3.76
N GLY A 142 -13.32 -51.67 2.89
CA GLY A 142 -14.35 -52.60 3.31
C GLY A 142 -13.85 -53.61 4.32
N MET A 143 -12.60 -54.07 4.16
CA MET A 143 -12.02 -54.99 5.14
C MET A 143 -11.93 -54.35 6.52
N VAL A 144 -11.44 -53.11 6.60
CA VAL A 144 -11.35 -52.41 7.88
C VAL A 144 -12.74 -52.16 8.44
N GLN A 145 -13.62 -51.59 7.63
CA GLN A 145 -14.92 -51.15 8.15
C GLN A 145 -15.82 -52.33 8.46
N ARG A 146 -15.66 -53.46 7.75
CA ARG A 146 -16.51 -54.62 8.04
C ARG A 146 -16.15 -55.25 9.39
N GLN A 147 -14.86 -55.34 9.70
CA GLN A 147 -14.39 -56.21 10.78
C GLN A 147 -13.68 -55.48 11.92
N GLY A 148 -13.28 -54.21 11.73
CA GLY A 148 -12.40 -53.57 12.68
C GLY A 148 -13.03 -53.05 13.97
N GLY A 149 -14.37 -53.08 14.08
CA GLY A 149 -15.01 -52.70 15.35
C GLY A 149 -14.69 -51.27 15.78
N GLU A 150 -14.33 -51.12 17.07
CA GLU A 150 -14.07 -49.78 17.58
C GLU A 150 -12.81 -49.18 16.96
N LEU A 151 -11.82 -50.00 16.57
CA LEU A 151 -10.66 -49.42 15.90
C LEU A 151 -11.06 -48.80 14.56
N ALA A 152 -11.89 -49.51 13.77
CA ALA A 152 -12.34 -48.97 12.48
C ALA A 152 -13.07 -47.64 12.62
N ALA A 153 -13.76 -47.43 13.74
CA ALA A 153 -14.46 -46.16 13.94
C ALA A 153 -13.49 -45.01 14.21
N LYS A 154 -12.19 -45.26 14.23
CA LYS A 154 -11.20 -44.19 14.35
C LYS A 154 -10.67 -43.74 13.00
N VAL A 155 -11.12 -44.36 11.91
CA VAL A 155 -10.47 -44.28 10.61
C VAL A 155 -11.41 -43.60 9.63
N LEU A 156 -10.84 -42.76 8.77
CA LEU A 156 -11.51 -42.30 7.57
C LEU A 156 -10.68 -42.81 6.40
N HIS A 157 -11.33 -43.48 5.46
CA HIS A 157 -10.66 -43.96 4.26
C HIS A 157 -10.84 -42.96 3.14
N VAL A 158 -9.76 -42.72 2.41
CA VAL A 158 -9.80 -41.96 1.17
C VAL A 158 -9.12 -42.85 0.14
N HIS A 159 -9.91 -43.45 -0.75
CA HIS A 159 -9.34 -44.32 -1.77
C HIS A 159 -9.23 -43.56 -3.09
N THR A 160 -8.06 -43.67 -3.73
CA THR A 160 -7.70 -42.76 -4.82
C THR A 160 -6.91 -43.52 -5.89
N PHE A 161 -6.54 -42.80 -6.95
CA PHE A 161 -5.74 -43.33 -8.06
C PHE A 161 -6.46 -44.43 -8.83
N GLY A 162 -7.68 -44.13 -9.27
CA GLY A 162 -8.28 -44.86 -10.36
C GLY A 162 -9.32 -45.88 -9.96
N LEU A 163 -10.50 -45.80 -10.59
CA LEU A 163 -11.52 -46.84 -10.51
C LEU A 163 -11.77 -47.39 -11.91
N ALA A 164 -12.00 -48.71 -11.99
CA ALA A 164 -12.11 -49.40 -13.28
C ALA A 164 -13.14 -48.71 -14.17
N THR A 165 -12.71 -48.36 -15.37
CA THR A 165 -13.47 -47.48 -16.25
C THR A 165 -14.06 -48.28 -17.40
N HIS A 166 -15.31 -47.99 -17.74
CA HIS A 166 -16.00 -48.70 -18.81
C HIS A 166 -15.65 -48.10 -20.17
N VAL A 171 -10.05 -53.64 -21.58
CA VAL A 171 -10.96 -54.22 -20.60
C VAL A 171 -10.19 -54.68 -19.37
N PRO A 172 -10.43 -54.03 -18.24
CA PRO A 172 -9.73 -54.42 -17.01
C PRO A 172 -9.93 -55.88 -16.66
N SER A 173 -9.02 -56.40 -15.86
CA SER A 173 -9.10 -57.77 -15.40
C SER A 173 -10.30 -57.94 -14.47
N PRO A 174 -10.79 -59.18 -14.30
CA PRO A 174 -11.83 -59.41 -13.30
C PRO A 174 -11.41 -58.96 -11.91
N ALA A 175 -10.14 -59.15 -11.56
CA ALA A 175 -9.65 -58.72 -10.25
C ALA A 175 -9.84 -57.22 -10.05
N GLU A 176 -9.54 -56.42 -11.10
CA GLU A 176 -9.70 -54.97 -10.98
C GLU A 176 -11.17 -54.59 -10.92
N ILE A 177 -12.01 -55.19 -11.76
CA ILE A 177 -13.44 -54.91 -11.73
C ILE A 177 -14.01 -55.19 -10.34
N ALA A 178 -13.64 -56.33 -9.75
CA ALA A 178 -14.24 -56.70 -8.47
C ALA A 178 -13.77 -55.78 -7.35
N ALA A 179 -12.48 -55.47 -7.33
CA ALA A 179 -11.94 -54.65 -6.25
C ALA A 179 -12.49 -53.25 -6.31
N ASP A 180 -12.56 -52.67 -7.51
CA ASP A 180 -13.13 -51.33 -7.62
C ASP A 180 -14.64 -51.35 -7.34
N GLY A 181 -15.33 -52.40 -7.77
CA GLY A 181 -16.74 -52.54 -7.39
C GLY A 181 -16.90 -52.66 -5.88
N ASP A 182 -15.95 -53.32 -5.23
CA ASP A 182 -16.01 -53.40 -3.77
C ASP A 182 -15.84 -52.01 -3.14
N VAL A 183 -14.82 -51.24 -3.54
CA VAL A 183 -14.64 -49.94 -2.90
C VAL A 183 -15.80 -49.01 -3.23
N ALA A 184 -16.37 -49.10 -4.44
CA ALA A 184 -17.54 -48.29 -4.77
C ALA A 184 -18.71 -48.62 -3.85
N PHE A 185 -18.94 -49.91 -3.62
CA PHE A 185 -19.96 -50.33 -2.65
C PHE A 185 -19.73 -49.72 -1.28
N TRP A 186 -18.49 -49.82 -0.77
CA TRP A 186 -18.22 -49.35 0.57
C TRP A 186 -18.26 -47.83 0.66
N THR A 187 -17.97 -47.13 -0.44
CA THR A 187 -18.09 -45.68 -0.45
C THR A 187 -19.54 -45.26 -0.30
N ARG A 188 -20.46 -46.00 -0.94
CA ARG A 188 -21.87 -45.73 -0.76
C ARG A 188 -22.33 -46.20 0.62
N GLN A 189 -21.78 -47.31 1.10
CA GLN A 189 -22.29 -47.96 2.29
C GLN A 189 -21.91 -47.23 3.58
N SER A 190 -20.69 -46.70 3.66
CA SER A 190 -20.13 -46.26 4.93
C SER A 190 -19.78 -44.77 4.90
N ASP A 191 -20.17 -44.05 5.96
CA ASP A 191 -19.78 -42.65 6.12
C ASP A 191 -18.28 -42.48 6.23
N ARG A 192 -17.53 -43.54 6.52
CA ARG A 192 -16.09 -43.46 6.70
C ARG A 192 -15.29 -43.86 5.46
N VAL A 193 -15.92 -43.97 4.30
CA VAL A 193 -15.21 -44.35 3.09
C VAL A 193 -15.48 -43.28 2.04
N SER A 194 -14.42 -42.60 1.60
CA SER A 194 -14.51 -41.56 0.58
C SER A 194 -13.62 -41.93 -0.60
N VAL A 195 -13.97 -41.41 -1.76
CA VAL A 195 -13.13 -41.53 -2.94
C VAL A 195 -12.36 -40.23 -3.08
N GLY A 196 -11.04 -40.33 -3.21
CA GLY A 196 -10.20 -39.16 -3.40
C GLY A 196 -10.02 -38.86 -4.87
N TYR A 197 -10.72 -37.86 -5.39
CA TYR A 197 -10.69 -37.63 -6.83
C TYR A 197 -9.45 -36.82 -7.21
N ILE A 198 -8.85 -37.17 -8.35
CA ILE A 198 -7.61 -36.53 -8.77
C ILE A 198 -7.86 -35.35 -9.70
N SER A 199 -9.08 -35.16 -10.19
CA SER A 199 -9.38 -34.10 -11.15
C SER A 199 -10.88 -33.86 -11.17
N ARG A 200 -11.27 -32.73 -11.75
CA ARG A 200 -12.69 -32.45 -11.94
C ARG A 200 -13.33 -33.53 -12.82
N TYR A 201 -12.56 -34.04 -13.79
CA TYR A 201 -13.05 -35.03 -14.73
C TYR A 201 -13.38 -36.36 -14.04
N THR A 202 -12.50 -36.83 -13.15
CA THR A 202 -12.80 -38.10 -12.47
C THR A 202 -13.87 -37.93 -11.40
N ALA A 203 -13.97 -36.76 -10.77
CA ALA A 203 -15.06 -36.55 -9.82
C ALA A 203 -16.40 -36.70 -10.52
N GLU A 204 -16.51 -36.13 -11.72
CA GLU A 204 -17.72 -36.28 -12.51
C GLU A 204 -17.92 -37.72 -12.95
N LEU A 205 -16.85 -38.34 -13.45
CA LEU A 205 -16.95 -39.70 -13.95
C LEU A 205 -17.38 -40.68 -12.87
N TYR A 206 -16.80 -40.57 -11.68
CA TYR A 206 -17.09 -41.58 -10.64
C TYR A 206 -18.49 -41.38 -10.07
N ALA A 207 -18.92 -40.14 -9.89
CA ALA A 207 -20.30 -39.90 -9.48
C ALA A 207 -21.27 -40.56 -10.45
N ARG A 208 -21.03 -40.41 -11.76
CA ARG A 208 -21.93 -40.97 -12.75
C ARG A 208 -21.74 -42.47 -12.93
N THR A 209 -20.49 -42.93 -12.93
CA THR A 209 -20.19 -44.30 -13.34
C THR A 209 -20.39 -45.28 -12.18
N TYR A 210 -20.11 -44.84 -10.95
CA TYR A 210 -20.17 -45.71 -9.78
C TYR A 210 -21.19 -45.23 -8.77
N ALA A 211 -22.01 -44.25 -9.13
CA ALA A 211 -23.04 -43.70 -8.23
C ALA A 211 -22.43 -43.29 -6.90
N ILE A 212 -21.23 -42.72 -6.96
CA ILE A 212 -20.57 -42.21 -5.77
C ILE A 212 -21.30 -40.95 -5.33
N PRO A 213 -21.80 -40.91 -4.09
CA PRO A 213 -22.45 -39.69 -3.59
C PRO A 213 -21.47 -38.53 -3.46
N ALA A 214 -21.98 -37.32 -3.71
CA ALA A 214 -21.15 -36.12 -3.65
C ALA A 214 -20.47 -35.98 -2.29
N ALA A 215 -21.17 -36.32 -1.21
CA ALA A 215 -20.59 -36.19 0.12
C ALA A 215 -19.40 -37.12 0.35
N ALA A 216 -19.24 -38.15 -0.49
CA ALA A 216 -18.18 -39.13 -0.37
C ALA A 216 -17.03 -38.87 -1.33
N LEU A 217 -17.08 -37.78 -2.10
CA LEU A 217 -15.98 -37.40 -2.97
C LEU A 217 -15.15 -36.34 -2.24
N LEU A 218 -13.86 -36.59 -2.12
CA LEU A 218 -12.95 -35.77 -1.36
C LEU A 218 -11.75 -35.44 -2.24
N PRO A 219 -11.25 -34.21 -2.23
CA PRO A 219 -10.18 -33.84 -3.18
C PRO A 219 -8.84 -34.48 -2.84
N ASN A 220 -8.27 -35.15 -3.84
CA ASN A 220 -6.85 -35.52 -3.81
C ASN A 220 -6.29 -35.21 -5.20
N ARG A 221 -6.29 -33.92 -5.54
CA ARG A 221 -6.18 -33.52 -6.95
C ARG A 221 -4.73 -33.53 -7.42
N SER A 222 -4.50 -34.11 -8.61
CA SER A 222 -3.14 -34.22 -9.13
C SER A 222 -2.52 -32.84 -9.30
N ALA A 223 -1.20 -32.78 -9.12
CA ALA A 223 -0.48 -31.51 -9.00
C ALA A 223 1.00 -31.79 -9.27
N ILE A 224 1.80 -30.73 -9.30
CA ILE A 224 3.25 -30.91 -9.48
C ILE A 224 3.95 -30.17 -8.35
N PRO A 225 5.18 -30.59 -8.00
CA PRO A 225 5.91 -29.87 -6.94
C PRO A 225 6.64 -28.69 -7.55
N ARG A 226 5.97 -27.53 -7.54
CA ARG A 226 6.38 -26.38 -8.34
C ARG A 226 7.82 -25.95 -8.09
N HIS A 227 8.32 -26.14 -6.87
CA HIS A 227 9.62 -25.63 -6.47
C HIS A 227 10.75 -26.63 -6.71
N ALA A 228 10.43 -27.84 -7.18
CA ALA A 228 11.47 -28.80 -7.52
C ALA A 228 12.45 -28.19 -8.51
N PRO A 229 13.74 -28.55 -8.40
CA PRO A 229 14.75 -27.97 -9.31
C PRO A 229 14.46 -28.24 -10.78
N ARG A 230 13.83 -29.37 -11.10
CA ARG A 230 13.62 -29.70 -12.50
C ARG A 230 12.71 -28.72 -13.21
N PHE A 231 11.98 -27.87 -12.49
CA PHE A 231 11.11 -26.87 -13.06
C PHE A 231 11.74 -25.47 -13.09
N GLY A 232 13.05 -25.38 -12.90
CA GLY A 232 13.67 -24.08 -12.83
C GLY A 232 13.58 -23.32 -14.13
N VAL A 233 13.46 -22.00 -14.02
CA VAL A 233 13.52 -21.12 -15.19
C VAL A 233 14.95 -21.06 -15.70
N LEU A 234 15.11 -21.21 -17.01
CA LEU A 234 16.43 -21.27 -17.64
C LEU A 234 16.73 -19.97 -18.37
N THR A 235 18.01 -19.61 -18.44
CA THR A 235 18.40 -18.48 -19.26
C THR A 235 18.39 -18.87 -20.74
N GLU A 236 18.27 -17.85 -21.59
CA GLU A 236 18.37 -18.06 -23.03
C GLU A 236 19.65 -18.79 -23.38
N GLU A 237 20.75 -18.43 -22.73
CA GLU A 237 22.03 -19.09 -22.96
C GLU A 237 21.95 -20.57 -22.64
N ARG A 238 21.37 -20.92 -21.48
CA ARG A 238 21.27 -22.33 -21.09
C ARG A 238 20.26 -23.08 -21.96
N ILE A 239 19.15 -22.42 -22.29
CA ILE A 239 18.19 -23.04 -23.23
C ILE A 239 18.90 -23.43 -24.51
N ASN A 240 19.67 -22.50 -25.08
CA ASN A 240 20.28 -22.75 -26.38
C ASN A 240 21.34 -23.84 -26.32
N GLU A 241 22.11 -23.93 -25.23
CA GLU A 241 23.10 -25.01 -25.24
C GLU A 241 22.47 -26.37 -24.98
N ARG A 242 21.33 -26.42 -24.27
CA ARG A 242 20.65 -27.70 -24.04
C ARG A 242 19.95 -28.22 -25.29
N ILE A 243 19.45 -27.34 -26.16
CA ILE A 243 18.77 -27.80 -27.37
C ILE A 243 19.70 -27.89 -28.58
N ALA A 244 20.99 -27.59 -28.41
CA ALA A 244 21.90 -27.51 -29.55
C ALA A 244 22.05 -28.85 -30.27
N GLY A 245 21.98 -29.95 -29.53
CA GLY A 245 22.12 -31.28 -30.10
C GLY A 245 20.82 -31.90 -30.59
N LEU A 246 19.74 -31.15 -30.66
CA LEU A 246 18.44 -31.71 -30.99
C LEU A 246 18.15 -31.65 -32.48
N GLY A 247 19.07 -31.12 -33.30
CA GLY A 247 18.84 -31.05 -34.73
C GLY A 247 17.69 -30.14 -35.12
N LEU A 248 17.46 -29.05 -34.39
CA LEU A 248 16.36 -28.19 -34.75
C LEU A 248 16.74 -27.30 -35.93
N PRO A 249 15.78 -26.98 -36.81
CA PRO A 249 16.10 -26.11 -37.95
C PRO A 249 16.37 -24.68 -37.50
N ALA A 250 17.15 -23.98 -38.32
CA ALA A 250 17.49 -22.60 -38.01
C ALA A 250 16.27 -21.69 -38.05
N GLU A 251 15.23 -22.06 -38.79
CA GLU A 251 14.00 -21.30 -38.86
C GLU A 251 12.80 -22.18 -38.54
N GLY A 252 11.73 -21.54 -38.06
CA GLY A 252 10.50 -22.24 -37.74
C GLY A 252 10.03 -22.00 -36.33
N GLU A 253 8.73 -21.91 -36.12
CA GLU A 253 8.15 -21.81 -34.79
C GLU A 253 7.76 -23.21 -34.34
N PHE A 254 8.23 -23.61 -33.15
CA PHE A 254 8.06 -24.97 -32.68
C PHE A 254 6.74 -25.15 -31.95
N VAL A 255 6.06 -26.26 -32.25
CA VAL A 255 4.97 -26.76 -31.43
C VAL A 255 5.40 -28.11 -30.89
N VAL A 256 5.49 -28.21 -29.55
CA VAL A 256 6.17 -29.33 -28.91
C VAL A 256 5.13 -30.29 -28.35
N MET A 257 5.38 -31.59 -28.55
CA MET A 257 4.66 -32.64 -27.83
C MET A 257 5.64 -33.68 -27.32
N TRP A 258 5.28 -34.33 -26.22
CA TRP A 258 6.10 -35.42 -25.70
C TRP A 258 5.25 -36.39 -24.90
N GLY A 259 5.79 -37.58 -24.70
CA GLY A 259 5.17 -38.60 -23.88
C GLY A 259 5.37 -39.98 -24.51
N ARG A 260 4.52 -40.92 -24.11
CA ARG A 260 4.56 -42.27 -24.65
C ARG A 260 4.19 -42.26 -26.13
N ASN A 261 4.73 -43.23 -26.87
CA ASN A 261 4.27 -43.49 -28.22
C ASN A 261 2.78 -43.86 -28.21
N SER A 262 2.07 -43.44 -29.24
CA SER A 262 0.68 -43.89 -29.38
C SER A 262 0.63 -45.41 -29.49
N ALA A 263 -0.40 -46.01 -28.90
CA ALA A 263 -0.47 -47.46 -28.86
C ALA A 263 -1.91 -47.89 -29.14
N PRO A 264 -2.15 -49.20 -29.46
CA PRO A 264 -3.54 -49.67 -29.45
C PRO A 264 -4.30 -49.23 -28.20
N GLY A 265 -5.36 -48.45 -28.35
CA GLY A 265 -6.11 -47.96 -27.23
C GLY A 265 -5.53 -46.75 -26.51
N LEU A 266 -4.38 -46.23 -26.95
CA LEU A 266 -3.75 -45.04 -26.38
C LEU A 266 -3.34 -44.13 -27.55
N ASP A 267 -4.27 -43.31 -28.01
CA ASP A 267 -3.99 -42.36 -29.09
C ASP A 267 -3.57 -41.04 -28.44
N LYS A 268 -2.28 -40.72 -28.54
CA LYS A 268 -1.75 -39.45 -28.02
C LYS A 268 -1.97 -38.30 -28.99
N GLY A 269 -2.33 -38.58 -30.24
CA GLY A 269 -2.68 -37.54 -31.18
C GLY A 269 -1.51 -36.83 -31.84
N TYR A 270 -0.31 -37.40 -31.77
CA TYR A 270 0.82 -36.77 -32.46
C TYR A 270 0.53 -36.58 -33.94
N HIS A 271 -0.16 -37.55 -34.55
CA HIS A 271 -0.49 -37.46 -35.97
C HIS A 271 -1.38 -36.25 -36.27
N LEU A 272 -2.19 -35.83 -35.30
CA LEU A 272 -3.07 -34.68 -35.53
C LEU A 272 -2.28 -33.39 -35.71
N LEU A 273 -1.17 -33.25 -34.98
CA LEU A 273 -0.32 -32.07 -35.17
C LEU A 273 0.38 -32.12 -36.52
N LEU A 274 0.93 -33.29 -36.88
CA LEU A 274 1.60 -33.45 -38.17
C LEU A 274 0.63 -33.16 -39.31
N GLU A 275 -0.60 -33.65 -39.21
CA GLU A 275 -1.61 -33.38 -40.23
C GLU A 275 -1.90 -31.89 -40.30
N ALA A 276 -2.10 -31.24 -39.15
CA ALA A 276 -2.42 -29.82 -39.13
C ALA A 276 -1.25 -28.96 -39.62
N ALA A 277 -0.02 -29.41 -39.36
CA ALA A 277 1.15 -28.64 -39.79
C ALA A 277 1.20 -28.46 -41.30
N ARG A 278 0.53 -29.34 -42.06
CA ARG A 278 0.37 -29.12 -43.50
C ARG A 278 -0.19 -27.74 -43.80
N ASP A 279 -1.05 -27.21 -42.94
CA ASP A 279 -1.69 -25.91 -43.17
C ASP A 279 -1.18 -24.84 -42.21
N LEU A 280 0.05 -24.99 -41.72
CA LEU A 280 0.65 -24.07 -40.76
C LEU A 280 2.02 -23.66 -41.27
N PRO A 281 2.08 -22.75 -42.25
CA PRO A 281 3.37 -22.38 -42.86
C PRO A 281 4.28 -21.69 -41.85
N GLY A 282 5.46 -22.26 -41.64
CA GLY A 282 6.40 -21.73 -40.67
C GLY A 282 6.36 -22.40 -39.31
N VAL A 283 5.46 -23.36 -39.11
CA VAL A 283 5.37 -24.13 -37.88
C VAL A 283 6.14 -25.42 -38.06
N VAL A 284 6.93 -25.77 -37.06
CA VAL A 284 7.72 -26.99 -37.07
C VAL A 284 7.31 -27.83 -35.87
N PRO A 285 6.58 -28.93 -36.08
CA PRO A 285 6.30 -29.84 -34.96
C PRO A 285 7.59 -30.43 -34.41
N VAL A 286 7.69 -30.47 -33.08
CA VAL A 286 8.79 -31.16 -32.40
C VAL A 286 8.16 -32.18 -31.46
N ILE A 287 8.37 -33.46 -31.75
CA ILE A 287 7.67 -34.54 -31.06
C ILE A 287 8.70 -35.47 -30.44
N ALA A 288 8.68 -35.58 -29.10
CA ALA A 288 9.64 -36.41 -28.37
C ALA A 288 8.88 -37.58 -27.74
N THR A 289 9.01 -38.76 -28.33
CA THR A 289 8.32 -39.94 -27.83
C THR A 289 9.28 -40.80 -27.00
N ARG A 290 8.71 -41.69 -26.20
CA ARG A 290 9.52 -42.60 -25.39
C ARG A 290 10.56 -43.31 -26.23
N ARG A 291 10.10 -44.01 -27.26
CA ARG A 291 10.95 -44.75 -28.17
C ARG A 291 10.80 -44.16 -29.57
N PRO A 292 11.76 -44.42 -30.46
CA PRO A 292 11.63 -43.89 -31.83
C PRO A 292 10.34 -44.36 -32.49
N ASP A 293 9.83 -43.52 -33.38
CA ASP A 293 8.51 -43.73 -33.99
C ASP A 293 8.64 -43.63 -35.50
N PRO A 294 8.93 -44.76 -36.17
CA PRO A 294 9.01 -44.73 -37.64
C PRO A 294 7.70 -44.34 -38.30
N GLY A 295 6.57 -44.71 -37.71
CA GLY A 295 5.29 -44.31 -38.28
C GLY A 295 5.16 -42.80 -38.38
N LEU A 296 5.53 -42.07 -37.32
CA LEU A 296 5.44 -40.63 -37.36
C LEU A 296 6.38 -40.05 -38.42
N ARG A 297 7.57 -40.66 -38.56
CA ARG A 297 8.49 -40.23 -39.61
C ARG A 297 7.86 -40.41 -40.99
N ARG A 298 7.25 -41.56 -41.24
CA ARG A 298 6.63 -41.78 -42.55
C ARG A 298 5.49 -40.80 -42.77
N LEU A 299 4.71 -40.51 -41.72
CA LEU A 299 3.61 -39.57 -41.86
C LEU A 299 4.11 -38.17 -42.22
N ALA A 300 5.15 -37.69 -41.53
CA ALA A 300 5.70 -36.38 -41.84
C ALA A 300 6.27 -36.32 -43.25
N ASP A 301 6.97 -37.39 -43.67
CA ASP A 301 7.53 -37.41 -45.02
C ASP A 301 6.42 -37.39 -46.06
N ARG A 302 5.35 -38.18 -45.84
CA ARG A 302 4.22 -38.20 -46.77
C ARG A 302 3.59 -36.83 -46.92
N TYR A 303 3.42 -36.10 -45.83
CA TYR A 303 2.82 -34.77 -45.88
C TYR A 303 3.83 -33.67 -46.21
N ALA A 304 5.11 -34.02 -46.39
CA ALA A 304 6.17 -33.02 -46.57
C ALA A 304 6.20 -32.02 -45.42
N VAL A 305 5.94 -32.51 -44.22
CA VAL A 305 5.95 -31.69 -43.01
C VAL A 305 7.32 -31.84 -42.36
N PRO A 306 8.04 -30.74 -42.09
CA PRO A 306 9.42 -30.82 -41.58
C PRO A 306 9.51 -30.98 -40.07
N ALA A 307 8.99 -32.08 -39.57
CA ALA A 307 8.96 -32.28 -38.12
C ALA A 307 10.32 -32.73 -37.60
N VAL A 308 10.64 -32.32 -36.38
CA VAL A 308 11.75 -32.89 -35.63
C VAL A 308 11.18 -33.97 -34.73
N LEU A 309 11.66 -35.20 -34.89
CA LEU A 309 11.14 -36.35 -34.16
C LEU A 309 12.26 -36.90 -33.29
N LEU A 310 12.11 -36.71 -31.98
CA LEU A 310 13.09 -37.12 -30.99
C LEU A 310 12.56 -38.31 -30.22
N ASP A 311 13.45 -38.95 -29.48
CA ASP A 311 13.04 -40.02 -28.59
C ASP A 311 13.94 -40.04 -27.37
N ASP A 312 13.40 -40.60 -26.29
CA ASP A 312 14.13 -40.80 -25.04
C ASP A 312 14.80 -39.51 -24.55
N GLN A 313 14.06 -38.40 -24.65
CA GLN A 313 14.59 -37.11 -24.23
C GLN A 313 14.40 -36.91 -22.72
N PRO A 314 15.42 -36.39 -22.03
CA PRO A 314 15.28 -36.09 -20.60
C PRO A 314 14.53 -34.79 -20.39
N PHE A 315 13.92 -34.67 -19.21
CA PHE A 315 13.08 -33.51 -18.96
C PHE A 315 13.88 -32.20 -19.00
N THR A 316 15.15 -32.23 -18.60
CA THR A 316 16.00 -31.04 -18.76
C THR A 316 15.90 -30.49 -20.16
N HIS A 317 15.83 -31.38 -21.16
CA HIS A 317 15.84 -30.93 -22.55
C HIS A 317 14.46 -30.54 -23.03
N LEU A 318 13.42 -31.26 -22.58
CA LEU A 318 12.05 -30.83 -22.86
C LEU A 318 11.77 -29.46 -22.26
N SER A 319 12.20 -29.24 -21.02
CA SER A 319 11.97 -27.94 -20.38
C SER A 319 12.65 -26.83 -21.17
N ALA A 320 13.88 -27.06 -21.63
CA ALA A 320 14.57 -26.05 -22.44
C ALA A 320 13.78 -25.75 -23.70
N LEU A 321 13.35 -26.79 -24.41
CA LEU A 321 12.50 -26.64 -25.58
C LEU A 321 11.26 -25.84 -25.27
N LEU A 322 10.57 -26.18 -24.18
CA LEU A 322 9.33 -25.50 -23.83
C LEU A 322 9.56 -24.03 -23.52
N GLN A 323 10.75 -23.68 -23.03
CA GLN A 323 11.04 -22.31 -22.63
C GLN A 323 11.61 -21.47 -23.75
N SER A 324 12.02 -22.09 -24.85
CA SER A 324 12.71 -21.36 -25.89
C SER A 324 11.78 -20.30 -26.47
N PRO A 325 12.24 -19.06 -26.61
CA PRO A 325 11.43 -18.07 -27.34
C PRO A 325 11.03 -18.51 -28.74
N ARG A 326 11.78 -19.43 -29.34
CA ARG A 326 11.38 -19.97 -30.64
C ARG A 326 10.16 -20.88 -30.56
N THR A 327 9.73 -21.28 -29.36
CA THR A 327 8.68 -22.27 -29.22
C THR A 327 7.32 -21.58 -29.12
N LEU A 328 6.43 -21.92 -30.03
CA LEU A 328 5.12 -21.31 -30.05
C LEU A 328 4.18 -21.96 -29.06
N ALA A 329 4.16 -23.29 -29.00
CA ALA A 329 3.17 -23.93 -28.15
C ALA A 329 3.63 -25.33 -27.78
N ALA A 330 3.00 -25.85 -26.73
CA ALA A 330 3.04 -27.27 -26.36
C ALA A 330 1.64 -27.83 -26.56
N ALA A 331 1.53 -28.97 -27.24
CA ALA A 331 0.24 -29.55 -27.58
C ALA A 331 0.02 -30.86 -26.85
N PHE A 332 -1.20 -31.04 -26.34
CA PHE A 332 -1.65 -32.28 -25.72
C PHE A 332 -2.95 -32.66 -26.40
N LEU A 333 -2.87 -33.65 -27.29
CA LEU A 333 -3.90 -33.91 -28.29
C LEU A 333 -4.46 -35.33 -28.18
N GLY A 334 -4.28 -35.98 -27.03
CA GLY A 334 -4.59 -37.37 -26.89
C GLY A 334 -6.02 -37.64 -26.43
N GLU A 335 -6.34 -38.93 -26.37
CA GLU A 335 -7.62 -39.36 -25.83
C GLU A 335 -7.69 -39.07 -24.35
N ALA A 336 -8.89 -39.24 -23.79
CA ALA A 336 -9.11 -38.95 -22.38
C ALA A 336 -8.11 -39.68 -21.50
N GLU A 337 -7.49 -38.93 -20.61
CA GLU A 337 -6.75 -39.46 -19.48
C GLU A 337 -7.22 -38.73 -18.23
N PRO A 338 -7.25 -39.41 -17.10
CA PRO A 338 -7.94 -38.84 -15.93
C PRO A 338 -7.17 -37.74 -15.21
N GLY A 339 -5.83 -37.77 -15.32
CA GLY A 339 -4.99 -36.93 -14.47
C GLY A 339 -3.61 -36.67 -15.02
N ALA A 340 -3.51 -36.29 -16.29
CA ALA A 340 -2.20 -36.02 -16.86
C ALA A 340 -1.61 -34.76 -16.23
N VAL A 341 -0.34 -34.82 -15.81
CA VAL A 341 0.35 -33.64 -15.27
C VAL A 341 1.29 -33.00 -16.28
N SER A 342 1.63 -33.68 -17.37
CA SER A 342 2.45 -33.07 -18.42
C SER A 342 1.98 -31.69 -18.86
N PRO A 343 0.70 -31.45 -19.15
CA PRO A 343 0.29 -30.05 -19.46
C PRO A 343 0.51 -29.09 -18.28
N MET A 344 0.40 -29.53 -17.03
CA MET A 344 0.72 -28.64 -15.92
C MET A 344 2.21 -28.29 -15.91
N GLU A 345 3.06 -29.27 -16.22
CA GLU A 345 4.50 -29.00 -16.25
C GLU A 345 4.83 -27.99 -17.33
N ALA A 346 4.15 -28.08 -18.48
CA ALA A 346 4.38 -27.14 -19.57
C ALA A 346 3.99 -25.72 -19.16
N MET A 347 2.78 -25.53 -18.64
CA MET A 347 2.38 -24.19 -18.21
C MET A 347 3.31 -23.65 -17.13
N TRP A 348 3.90 -24.51 -16.31
CA TRP A 348 4.71 -24.02 -15.20
C TRP A 348 6.12 -23.67 -15.66
N VAL A 349 6.76 -24.52 -16.48
CA VAL A 349 8.14 -24.21 -16.83
C VAL A 349 8.21 -23.07 -17.84
N ALA A 350 7.12 -22.81 -18.56
CA ALA A 350 7.05 -21.70 -19.48
C ALA A 350 6.57 -20.40 -18.83
N ARG A 351 6.61 -20.32 -17.49
CA ARG A 351 6.06 -19.14 -16.81
C ARG A 351 6.75 -17.84 -17.18
N GLU A 352 7.96 -17.88 -17.75
CA GLU A 352 8.61 -16.65 -18.17
C GLU A 352 8.85 -16.56 -19.68
N SER A 353 8.87 -17.67 -20.41
CA SER A 353 9.08 -17.58 -21.85
C SER A 353 8.67 -18.90 -22.50
N GLY A 354 8.43 -18.84 -23.81
CA GLY A 354 8.21 -20.06 -24.58
C GLY A 354 6.76 -20.41 -24.84
N ALA A 355 6.44 -21.70 -24.67
CA ALA A 355 5.17 -22.27 -25.11
C ALA A 355 3.97 -21.69 -24.38
N LEU A 356 2.85 -21.63 -25.10
CA LEU A 356 1.50 -21.62 -24.55
C LEU A 356 0.87 -22.97 -24.86
N VAL A 357 -0.10 -23.38 -24.05
CA VAL A 357 -0.58 -24.76 -24.10
C VAL A 357 -1.83 -24.87 -24.95
N ILE A 358 -1.82 -25.83 -25.87
CA ILE A 358 -2.99 -26.24 -26.64
C ILE A 358 -3.39 -27.62 -26.13
N ALA A 359 -4.65 -27.77 -25.74
CA ALA A 359 -5.13 -28.99 -25.14
C ALA A 359 -6.41 -29.46 -25.82
N ALA A 360 -6.46 -30.76 -26.09
CA ALA A 360 -7.69 -31.35 -26.55
C ALA A 360 -8.76 -31.24 -25.48
N ASP A 361 -10.02 -31.28 -25.90
CA ASP A 361 -11.13 -31.21 -24.94
C ASP A 361 -11.47 -32.57 -24.35
N THR A 362 -10.47 -33.36 -23.97
CA THR A 362 -10.71 -34.68 -23.38
C THR A 362 -10.12 -34.76 -21.99
N GLY A 363 -10.65 -35.68 -21.19
CA GLY A 363 -10.12 -35.98 -19.88
C GLY A 363 -10.01 -34.75 -19.01
N ASN A 364 -8.87 -34.63 -18.32
CA ASN A 364 -8.69 -33.50 -17.41
C ASN A 364 -8.10 -32.28 -18.10
N LEU A 365 -7.92 -32.33 -19.44
CA LEU A 365 -7.19 -31.25 -20.12
C LEU A 365 -7.95 -29.92 -20.09
N PRO A 366 -9.27 -29.89 -20.36
CA PRO A 366 -9.98 -28.61 -20.22
C PRO A 366 -9.84 -27.98 -18.85
N GLU A 367 -9.88 -28.77 -17.77
CA GLU A 367 -9.65 -28.21 -16.45
C GLU A 367 -8.26 -27.60 -16.34
N VAL A 368 -7.25 -28.29 -16.90
CA VAL A 368 -5.87 -27.81 -16.75
C VAL A 368 -5.70 -26.42 -17.36
N VAL A 369 -6.26 -26.19 -18.56
CA VAL A 369 -6.09 -24.89 -19.23
C VAL A 369 -7.26 -23.97 -18.88
N ASP A 370 -8.01 -24.30 -17.82
CA ASP A 370 -9.09 -23.46 -17.32
C ASP A 370 -10.12 -23.12 -18.40
N ASP A 371 -10.44 -24.13 -19.23
CA ASP A 371 -11.47 -24.04 -20.25
C ASP A 371 -11.25 -22.87 -21.21
N GLY A 372 -9.97 -22.55 -21.49
CA GLY A 372 -9.63 -21.49 -22.40
C GLY A 372 -9.02 -20.25 -21.77
N ALA A 373 -9.11 -20.08 -20.45
CA ALA A 373 -8.53 -18.89 -19.84
C ALA A 373 -7.02 -18.98 -19.63
N ALA A 374 -6.45 -20.19 -19.53
CA ALA A 374 -5.01 -20.34 -19.32
C ALA A 374 -4.34 -21.12 -20.44
N GLY A 375 -5.03 -21.32 -21.56
CA GLY A 375 -4.52 -22.09 -22.66
C GLY A 375 -5.59 -22.12 -23.74
N ILE A 376 -5.34 -22.92 -24.78
CA ILE A 376 -6.25 -23.02 -25.91
C ILE A 376 -6.82 -24.43 -25.96
N VAL A 377 -8.15 -24.54 -26.00
CA VAL A 377 -8.83 -25.83 -26.14
C VAL A 377 -9.13 -26.10 -27.60
N THR A 378 -8.98 -27.35 -28.03
CA THR A 378 -9.27 -27.75 -29.40
C THR A 378 -9.99 -29.08 -29.40
N ARG A 379 -10.87 -29.27 -30.40
CA ARG A 379 -11.36 -30.61 -30.71
C ARG A 379 -10.25 -31.41 -31.38
N ARG A 380 -10.40 -32.74 -31.36
CA ARG A 380 -9.36 -33.66 -31.84
C ARG A 380 -9.52 -33.96 -33.33
N THR A 381 -9.38 -32.93 -34.15
CA THR A 381 -9.22 -33.09 -35.58
C THR A 381 -8.06 -32.24 -36.05
N ALA A 382 -7.53 -32.59 -37.23
CA ALA A 382 -6.43 -31.82 -37.80
C ALA A 382 -6.84 -30.38 -38.06
N ALA A 383 -8.03 -30.17 -38.60
CA ALA A 383 -8.48 -28.80 -38.88
C ALA A 383 -8.66 -28.01 -37.59
N ASP A 384 -9.21 -28.62 -36.55
CA ASP A 384 -9.35 -27.93 -35.28
C ASP A 384 -7.99 -27.60 -34.68
N VAL A 385 -7.07 -28.56 -34.74
CA VAL A 385 -5.72 -28.33 -34.21
C VAL A 385 -5.00 -27.25 -35.01
N ALA A 386 -5.18 -27.26 -36.34
CA ALA A 386 -4.62 -26.19 -37.16
C ALA A 386 -5.18 -24.84 -36.74
N ASP A 387 -6.50 -24.77 -36.52
CA ASP A 387 -7.09 -23.49 -36.13
C ASP A 387 -6.67 -23.09 -34.71
N ALA A 388 -6.44 -24.05 -33.82
CA ALA A 388 -5.93 -23.69 -32.49
C ALA A 388 -4.51 -23.15 -32.57
N VAL A 389 -3.68 -23.70 -33.46
CA VAL A 389 -2.33 -23.18 -33.60
C VAL A 389 -2.36 -21.75 -34.11
N ARG A 390 -3.17 -21.47 -35.14
CA ARG A 390 -3.14 -20.09 -35.60
C ARG A 390 -3.87 -19.15 -34.64
N ARG A 391 -4.71 -19.68 -33.74
CA ARG A 391 -5.22 -18.81 -32.68
C ARG A 391 -4.11 -18.39 -31.73
N VAL A 392 -3.12 -19.26 -31.49
CA VAL A 392 -1.96 -18.87 -30.69
C VAL A 392 -1.11 -17.86 -31.44
N ARG A 393 -0.83 -18.11 -32.72
CA ARG A 393 -0.04 -17.18 -33.52
C ARG A 393 -0.69 -15.80 -33.59
N LYS A 394 -2.02 -15.75 -33.62
CA LYS A 394 -2.72 -14.48 -33.74
C LYS A 394 -2.56 -13.59 -32.52
N LEU A 395 -2.29 -14.18 -31.35
CA LEU A 395 -2.20 -13.37 -30.13
C LEU A 395 -1.09 -12.35 -30.22
N THR A 396 -1.37 -11.14 -29.74
CA THR A 396 -0.32 -10.14 -29.63
C THR A 396 0.68 -10.53 -28.55
N ALA A 397 1.84 -9.89 -28.57
CA ALA A 397 2.84 -10.13 -27.53
C ALA A 397 2.23 -9.90 -26.16
N ASP A 398 1.36 -8.91 -26.04
CA ASP A 398 0.71 -8.63 -24.77
C ASP A 398 -0.28 -9.73 -24.42
N GLU A 399 -1.00 -10.27 -25.41
CA GLU A 399 -1.99 -11.31 -25.14
C GLU A 399 -1.32 -12.63 -24.74
N ARG A 400 -0.19 -12.96 -25.39
CA ARG A 400 0.60 -14.11 -24.96
C ARG A 400 1.11 -13.92 -23.53
N ARG A 401 1.55 -12.70 -23.21
CA ARG A 401 2.02 -12.42 -21.85
C ARG A 401 0.92 -12.67 -20.83
N ARG A 402 -0.30 -12.20 -21.13
CA ARG A 402 -1.40 -12.41 -20.19
C ARG A 402 -1.76 -13.88 -20.08
N MET A 403 -1.73 -14.62 -21.19
CA MET A 403 -2.12 -16.03 -21.10
C MET A 403 -1.01 -16.85 -20.44
N ARG A 404 0.25 -16.49 -20.66
CA ARG A 404 1.36 -17.14 -19.97
C ARG A 404 1.27 -16.93 -18.47
N ALA A 405 0.98 -15.70 -18.05
CA ALA A 405 0.80 -15.40 -16.63
C ALA A 405 -0.39 -16.15 -16.07
N ALA A 406 -1.49 -16.23 -16.83
CA ALA A 406 -2.67 -16.95 -16.36
C ALA A 406 -2.37 -18.43 -16.18
N ALA A 407 -1.60 -19.01 -17.11
CA ALA A 407 -1.28 -20.41 -17.01
C ALA A 407 -0.36 -20.69 -15.82
N ALA A 408 0.62 -19.80 -15.58
CA ALA A 408 1.48 -19.98 -14.42
C ALA A 408 0.68 -19.80 -13.13
N ALA A 409 -0.19 -18.80 -13.09
CA ALA A 409 -1.05 -18.61 -11.92
C ALA A 409 -1.96 -19.81 -11.70
N ARG A 410 -2.46 -20.41 -12.79
CA ARG A 410 -3.35 -21.56 -12.65
C ARG A 410 -2.64 -22.74 -12.00
N VAL A 411 -1.36 -22.97 -12.32
CA VAL A 411 -0.63 -24.06 -11.69
C VAL A 411 -0.49 -23.77 -10.20
N ARG A 412 -0.11 -22.53 -9.84
CA ARG A 412 0.00 -22.11 -8.45
C ARG A 412 -1.31 -22.31 -7.70
N ALA A 413 -2.43 -21.98 -8.36
CA ALA A 413 -3.72 -21.95 -7.69
C ALA A 413 -4.34 -23.34 -7.56
N ARG A 414 -4.17 -24.19 -8.58
CA ARG A 414 -4.90 -25.45 -8.71
C ARG A 414 -4.03 -26.69 -8.68
N PHE A 415 -2.80 -26.59 -9.15
CA PHE A 415 -1.98 -27.76 -9.42
C PHE A 415 -0.67 -27.70 -8.67
N ASP A 416 -0.70 -27.14 -7.47
CA ASP A 416 0.47 -27.06 -6.60
C ASP A 416 0.44 -28.23 -5.64
N PHE A 417 1.52 -29.02 -5.61
CA PHE A 417 1.47 -30.22 -4.80
C PHE A 417 1.27 -29.91 -3.32
N ALA A 418 2.00 -28.92 -2.79
CA ALA A 418 1.87 -28.59 -1.36
C ALA A 418 0.44 -28.19 -1.02
N ALA A 419 -0.16 -27.33 -1.84
CA ALA A 419 -1.52 -26.89 -1.53
C ALA A 419 -2.51 -28.05 -1.63
N ASN A 420 -2.33 -28.93 -2.62
CA ASN A 420 -3.34 -29.96 -2.84
C ASN A 420 -3.27 -31.08 -1.81
N VAL A 421 -2.09 -31.38 -1.30
CA VAL A 421 -2.04 -32.36 -0.22
C VAL A 421 -2.54 -31.73 1.08
N ARG A 422 -2.28 -30.43 1.30
CA ARG A 422 -2.91 -29.72 2.40
C ARG A 422 -4.44 -29.71 2.23
N GLU A 423 -4.91 -29.58 0.99
CA GLU A 423 -6.35 -29.62 0.74
C GLU A 423 -6.94 -30.99 1.10
N LEU A 424 -6.25 -32.06 0.70
CA LEU A 424 -6.65 -33.41 1.09
C LEU A 424 -6.72 -33.54 2.62
N ALA A 425 -5.65 -33.13 3.31
CA ALA A 425 -5.60 -33.33 4.75
C ALA A 425 -6.70 -32.55 5.45
N ASP A 426 -6.94 -31.29 5.04
CA ASP A 426 -8.00 -30.48 5.65
C ASP A 426 -9.37 -31.09 5.42
N ALA A 427 -9.63 -31.55 4.20
CA ALA A 427 -10.90 -32.20 3.91
C ALA A 427 -11.07 -33.48 4.72
N ALA A 428 -9.98 -34.24 4.89
CA ALA A 428 -10.08 -35.49 5.65
C ALA A 428 -10.30 -35.21 7.14
N VAL A 429 -9.56 -34.25 7.69
CA VAL A 429 -9.76 -33.88 9.08
C VAL A 429 -11.16 -33.31 9.30
N ASP A 430 -11.63 -32.46 8.37
CA ASP A 430 -13.00 -31.97 8.46
C ASP A 430 -14.00 -33.11 8.38
N ARG A 431 -13.73 -34.09 7.54
CA ARG A 431 -14.70 -35.16 7.38
C ARG A 431 -14.72 -36.08 8.60
N LEU A 432 -13.54 -36.32 9.21
CA LEU A 432 -13.48 -37.04 10.48
C LEU A 432 -14.37 -36.40 11.52
N ALA A 433 -14.21 -35.10 11.72
CA ALA A 433 -15.01 -34.37 12.70
C ALA A 433 -16.50 -34.49 12.38
N GLU A 434 -16.86 -34.36 11.10
CA GLU A 434 -18.28 -34.40 10.74
C GLU A 434 -18.86 -35.79 10.97
N VAL A 435 -18.12 -36.84 10.61
CA VAL A 435 -18.59 -38.20 10.86
C VAL A 435 -18.67 -38.45 12.36
N SER A 436 -17.77 -37.85 13.13
CA SER A 436 -17.79 -38.01 14.57
C SER A 436 -18.45 -36.82 15.29
N GLY B 8 -1.09 35.60 -12.39
CA GLY B 8 -0.98 34.41 -13.20
C GLY B 8 -1.03 33.17 -12.34
N ARG B 9 -1.66 33.26 -11.17
CA ARG B 9 -1.60 32.20 -10.19
C ARG B 9 -2.96 31.63 -9.79
N ALA B 10 -4.06 32.26 -10.16
CA ALA B 10 -5.38 31.81 -9.73
C ALA B 10 -5.92 30.74 -10.68
N LEU B 11 -5.89 29.49 -10.25
CA LEU B 11 -6.37 28.36 -11.04
C LEU B 11 -7.64 27.79 -10.42
N ALA B 12 -8.70 27.69 -11.21
CA ALA B 12 -9.95 27.11 -10.74
C ALA B 12 -10.18 25.78 -11.44
N PHE B 13 -10.53 24.77 -10.66
CA PHE B 13 -11.14 23.57 -11.19
C PHE B 13 -12.64 23.79 -11.10
N VAL B 14 -13.33 23.74 -12.25
CA VAL B 14 -14.78 23.81 -12.31
C VAL B 14 -15.27 22.40 -12.55
N TRP B 15 -15.99 21.84 -11.57
CA TRP B 15 -16.52 20.49 -11.67
C TRP B 15 -18.00 20.58 -12.02
N LEU B 16 -18.36 20.07 -13.20
CA LEU B 16 -19.74 20.07 -13.65
C LEU B 16 -20.28 18.64 -13.45
N MET B 17 -21.12 18.46 -12.44
CA MET B 17 -21.45 17.12 -11.96
C MET B 17 -22.96 16.99 -11.85
N VAL B 18 -23.51 15.88 -12.36
CA VAL B 18 -24.95 15.71 -12.40
C VAL B 18 -25.54 15.41 -11.03
N GLU B 19 -24.69 15.04 -10.07
CA GLU B 19 -25.12 14.85 -8.69
C GLU B 19 -23.91 15.07 -7.79
N GLY B 20 -24.14 15.10 -6.49
CA GLY B 20 -23.01 15.18 -5.56
C GLY B 20 -23.20 16.17 -4.41
N ALA B 21 -24.23 17.01 -4.46
CA ALA B 21 -24.45 17.93 -3.35
C ALA B 21 -25.93 17.88 -2.93
N GLN B 22 -26.84 18.45 -3.72
CA GLN B 22 -28.26 18.29 -3.41
C GLN B 22 -28.67 16.81 -3.45
N VAL B 23 -28.11 16.05 -4.38
CA VAL B 23 -28.50 14.66 -4.60
C VAL B 23 -27.26 13.78 -4.57
N ALA B 24 -27.38 12.58 -4.02
CA ALA B 24 -26.28 11.61 -4.06
C ALA B 24 -26.86 10.20 -4.16
N ALA B 25 -26.58 9.50 -5.27
CA ALA B 25 -27.01 8.12 -5.40
C ALA B 25 -25.91 7.20 -5.90
N GLY B 26 -25.00 7.70 -6.73
CA GLY B 26 -24.06 6.80 -7.34
C GLY B 26 -22.62 7.26 -7.37
N GLY B 27 -21.87 6.78 -8.38
CA GLY B 27 -20.44 7.03 -8.41
C GLY B 27 -20.06 8.48 -8.63
N VAL B 28 -20.86 9.22 -9.40
CA VAL B 28 -20.58 10.64 -9.62
C VAL B 28 -20.65 11.38 -8.29
N ALA B 29 -21.68 11.13 -7.49
CA ALA B 29 -21.76 11.78 -6.20
C ALA B 29 -20.62 11.34 -5.29
N GLY B 30 -20.25 10.05 -5.32
CA GLY B 30 -19.10 9.63 -4.55
C GLY B 30 -17.84 10.35 -4.99
N TYR B 31 -17.72 10.60 -6.30
CA TYR B 31 -16.56 11.31 -6.83
C TYR B 31 -16.46 12.71 -6.26
N VAL B 32 -17.58 13.43 -6.21
CA VAL B 32 -17.61 14.77 -5.64
C VAL B 32 -17.22 14.75 -4.16
N ARG B 33 -17.77 13.80 -3.39
CA ARG B 33 -17.38 13.69 -1.98
C ARG B 33 -15.88 13.47 -1.86
N ASN B 34 -15.34 12.57 -2.70
CA ASN B 34 -13.93 12.26 -2.67
C ASN B 34 -13.07 13.49 -2.93
N LEU B 35 -13.41 14.27 -3.97
CA LEU B 35 -12.55 15.41 -4.32
C LEU B 35 -12.66 16.53 -3.27
N LEU B 36 -13.84 16.68 -2.63
CA LEU B 36 -13.98 17.68 -1.58
C LEU B 36 -13.16 17.29 -0.34
N ASP B 37 -13.10 15.99 -0.05
CA ASP B 37 -12.28 15.52 1.06
C ASP B 37 -10.79 15.72 0.76
N GLU B 38 -10.40 15.63 -0.50
CA GLU B 38 -9.02 15.76 -0.91
C GLU B 38 -8.65 17.20 -1.28
N GLN B 39 -9.62 18.13 -1.24
CA GLN B 39 -9.39 19.45 -1.83
C GLN B 39 -8.21 20.17 -1.19
N ASP B 40 -8.15 20.17 0.15
CA ASP B 40 -7.12 20.93 0.84
C ASP B 40 -5.72 20.39 0.53
N ALA B 41 -5.56 19.06 0.54
CA ALA B 41 -4.28 18.47 0.14
C ALA B 41 -3.94 18.80 -1.31
N LEU B 42 -4.94 18.78 -2.21
CA LEU B 42 -4.68 19.17 -3.59
C LEU B 42 -4.23 20.62 -3.68
N ARG B 43 -4.83 21.49 -2.87
CA ARG B 43 -4.42 22.89 -2.85
C ARG B 43 -2.96 23.03 -2.44
N ASP B 44 -2.57 22.35 -1.37
CA ASP B 44 -1.18 22.36 -0.91
C ASP B 44 -0.24 21.84 -2.00
N HIS B 45 -0.62 20.75 -2.67
CA HIS B 45 0.23 20.16 -3.70
C HIS B 45 0.35 21.06 -4.92
N LEU B 46 -0.75 21.67 -5.36
CA LEU B 46 -0.66 22.51 -6.54
C LEU B 46 0.03 23.83 -6.23
N ALA B 47 -0.05 24.30 -4.97
CA ALA B 47 0.72 25.47 -4.59
C ALA B 47 2.21 25.23 -4.77
N GLU B 48 2.68 24.00 -4.56
CA GLU B 48 4.07 23.70 -4.83
C GLU B 48 4.40 23.79 -6.31
N ARG B 49 3.41 23.56 -7.18
CA ARG B 49 3.62 23.72 -8.61
C ARG B 49 3.33 25.14 -9.09
N GLY B 50 3.13 26.08 -8.16
CA GLY B 50 2.97 27.48 -8.51
C GLY B 50 1.56 27.95 -8.82
N TRP B 51 0.52 27.22 -8.42
CA TRP B 51 -0.86 27.63 -8.66
C TRP B 51 -1.64 27.77 -7.36
N SER B 52 -2.46 28.81 -7.26
CA SER B 52 -3.42 28.99 -6.16
C SER B 52 -4.76 28.45 -6.62
N VAL B 53 -5.20 27.33 -6.02
CA VAL B 53 -6.32 26.56 -6.56
C VAL B 53 -7.60 26.87 -5.81
N GLU B 54 -8.67 27.10 -6.57
CA GLU B 54 -10.03 27.23 -6.05
C GLU B 54 -10.89 26.17 -6.73
N PHE B 55 -11.85 25.62 -5.99
CA PHE B 55 -12.81 24.66 -6.54
C PHE B 55 -14.17 25.35 -6.74
N VAL B 56 -14.81 25.07 -7.88
CA VAL B 56 -16.17 25.48 -8.20
C VAL B 56 -16.97 24.23 -8.55
N LEU B 57 -18.16 24.08 -7.99
CA LEU B 57 -19.01 22.92 -8.26
C LEU B 57 -20.34 23.38 -8.86
N GLY B 58 -20.67 22.88 -10.04
CA GLY B 58 -21.97 23.11 -10.66
C GLY B 58 -22.77 21.81 -10.68
N GLU B 59 -24.02 21.88 -10.20
CA GLU B 59 -24.95 20.73 -10.13
C GLU B 59 -26.33 21.23 -10.53
N PRO B 60 -27.08 20.47 -11.33
CA PRO B 60 -28.42 20.94 -11.72
C PRO B 60 -29.27 21.17 -10.48
N PHE B 61 -30.07 22.25 -10.51
CA PHE B 61 -31.11 22.44 -9.51
C PHE B 61 -31.92 21.16 -9.39
N TYR B 62 -32.20 20.75 -8.16
CA TYR B 62 -33.06 19.61 -7.92
C TYR B 62 -34.26 20.05 -7.09
N ASP B 63 -35.35 19.42 -7.34
CA ASP B 63 -36.53 19.53 -6.51
C ASP B 63 -36.38 18.64 -5.28
N PRO B 64 -36.92 19.04 -4.12
CA PRO B 64 -36.79 18.18 -2.92
C PRO B 64 -37.33 16.77 -3.10
N GLY B 65 -38.17 16.53 -4.10
CA GLY B 65 -38.70 15.20 -4.35
C GLY B 65 -37.76 14.27 -5.06
N ALA B 66 -36.59 14.74 -5.47
CA ALA B 66 -35.72 13.92 -6.29
C ALA B 66 -35.10 12.80 -5.45
N PRO B 67 -34.96 11.61 -6.01
CA PRO B 67 -34.28 10.52 -5.28
C PRO B 67 -32.88 10.94 -4.86
N GLY B 68 -32.54 10.64 -3.61
CA GLY B 68 -31.24 11.00 -3.07
C GLY B 68 -31.10 12.43 -2.63
N TYR B 69 -32.19 13.19 -2.60
CA TYR B 69 -32.12 14.59 -2.22
C TYR B 69 -31.87 14.74 -0.73
N ASP B 70 -30.96 15.66 -0.37
CA ASP B 70 -30.74 16.02 1.03
C ASP B 70 -30.27 17.47 1.06
N GLU B 71 -31.15 18.38 1.48
CA GLU B 71 -30.71 19.78 1.51
C GLU B 71 -29.64 20.02 2.55
N GLU B 72 -29.52 19.15 3.56
CA GLU B 72 -28.42 19.33 4.51
C GLU B 72 -27.09 18.95 3.87
N ARG B 73 -27.08 17.98 2.95
CA ARG B 73 -25.87 17.71 2.19
C ARG B 73 -25.49 18.91 1.31
N TRP B 74 -26.47 19.51 0.66
CA TRP B 74 -26.22 20.71 -0.13
C TRP B 74 -25.62 21.81 0.75
N ARG B 75 -26.15 21.96 1.97
CA ARG B 75 -25.63 22.96 2.89
C ARG B 75 -24.17 22.69 3.24
N ARG B 76 -23.84 21.44 3.59
CA ARG B 76 -22.46 21.11 3.96
C ARG B 76 -21.49 21.35 2.80
N VAL B 77 -21.88 20.95 1.58
CA VAL B 77 -21.01 21.14 0.42
C VAL B 77 -20.82 22.62 0.11
N ARG B 78 -21.92 23.36 0.05
CA ARG B 78 -21.84 24.79 -0.24
C ARG B 78 -20.97 25.50 0.80
N GLU B 79 -21.12 25.14 2.08
CA GLU B 79 -20.36 25.79 3.13
C GLU B 79 -18.90 25.36 3.13
N HIS B 80 -18.63 24.06 2.85
CA HIS B 80 -17.25 23.63 2.70
C HIS B 80 -16.53 24.43 1.64
N LEU B 81 -17.17 24.60 0.49
CA LEU B 81 -16.50 25.31 -0.60
C LEU B 81 -16.36 26.79 -0.29
N ALA B 82 -17.41 27.41 0.29
CA ALA B 82 -17.35 28.84 0.61
C ALA B 82 -16.25 29.14 1.62
N ALA B 83 -16.03 28.25 2.60
CA ALA B 83 -14.99 28.47 3.59
C ALA B 83 -13.60 28.50 2.98
N ARG B 84 -13.44 27.96 1.77
CA ARG B 84 -12.16 27.96 1.08
C ARG B 84 -12.11 28.94 -0.08
N GLY B 85 -13.07 29.85 -0.17
CA GLY B 85 -13.07 30.79 -1.29
C GLY B 85 -13.61 30.22 -2.58
N GLY B 86 -14.16 29.01 -2.57
CA GLY B 86 -14.84 28.45 -3.72
C GLY B 86 -16.35 28.62 -3.63
N ARG B 87 -17.06 27.92 -4.52
CA ARG B 87 -18.51 28.05 -4.48
C ARG B 87 -19.16 26.82 -5.09
N ALA B 88 -20.36 26.52 -4.59
CA ALA B 88 -21.26 25.58 -5.21
C ALA B 88 -22.37 26.36 -5.90
N VAL B 89 -22.75 25.93 -7.11
CA VAL B 89 -23.70 26.65 -7.94
C VAL B 89 -24.73 25.66 -8.46
N ARG B 90 -26.00 25.90 -8.17
CA ARG B 90 -27.07 25.13 -8.77
C ARG B 90 -27.38 25.65 -10.17
N LEU B 91 -27.52 24.73 -11.12
CA LEU B 91 -27.54 25.04 -12.54
C LEU B 91 -28.93 24.81 -13.13
N VAL B 92 -29.40 25.76 -13.94
CA VAL B 92 -30.66 25.61 -14.66
C VAL B 92 -30.53 24.50 -15.69
N SER B 93 -31.56 23.66 -15.78
CA SER B 93 -31.54 22.56 -16.75
C SER B 93 -32.87 22.43 -17.48
N ASP B 94 -33.73 23.45 -17.41
CA ASP B 94 -35.02 23.50 -18.10
C ASP B 94 -35.85 22.25 -17.83
N SER B 95 -35.98 21.87 -16.56
CA SER B 95 -36.66 20.62 -16.23
C SER B 95 -37.31 20.70 -14.84
N ASP B 96 -37.98 19.60 -14.49
CA ASP B 96 -38.62 19.41 -13.19
C ASP B 96 -37.67 19.59 -12.02
N GLY B 97 -36.41 19.20 -12.18
CA GLY B 97 -35.59 18.96 -11.02
C GLY B 97 -35.90 17.66 -10.29
N LEU B 98 -36.69 16.78 -10.88
CA LEU B 98 -37.06 15.53 -10.22
C LEU B 98 -36.14 14.36 -10.58
N ASP B 99 -35.25 14.54 -11.55
CA ASP B 99 -34.35 13.50 -12.01
C ASP B 99 -33.00 14.13 -12.37
N GLY B 100 -31.93 13.38 -12.16
CA GLY B 100 -30.62 13.85 -12.57
C GLY B 100 -30.21 13.44 -13.97
N TRP B 101 -31.20 13.25 -14.85
CA TRP B 101 -30.98 12.90 -16.24
C TRP B 101 -32.13 13.46 -17.06
N GLY B 102 -32.06 13.28 -18.37
CA GLY B 102 -33.13 13.76 -19.23
C GLY B 102 -32.76 13.57 -20.69
N GLU B 103 -33.40 14.34 -21.56
CA GLU B 103 -33.22 14.27 -22.99
C GLU B 103 -32.61 15.58 -23.51
N GLU B 104 -32.93 15.93 -24.76
CA GLU B 104 -32.33 17.09 -25.41
C GLU B 104 -32.45 18.37 -24.57
N ARG B 105 -33.65 18.67 -24.04
CA ARG B 105 -33.82 19.92 -23.32
C ARG B 105 -32.95 19.96 -22.07
N PHE B 106 -32.92 18.86 -21.32
CA PHE B 106 -32.08 18.76 -20.14
C PHE B 106 -30.59 18.91 -20.48
N PHE B 107 -30.12 18.12 -21.45
CA PHE B 107 -28.71 18.20 -21.85
C PHE B 107 -28.35 19.60 -22.35
N HIS B 108 -29.21 20.19 -23.17
CA HIS B 108 -28.87 21.46 -23.80
C HIS B 108 -28.83 22.59 -22.78
N ALA B 109 -29.85 22.68 -21.90
CA ALA B 109 -29.87 23.75 -20.91
C ALA B 109 -28.75 23.60 -19.90
N LEU B 110 -28.50 22.37 -19.43
CA LEU B 110 -27.45 22.13 -18.43
C LEU B 110 -26.06 22.40 -19.01
N SER B 111 -25.85 21.98 -20.26
CA SER B 111 -24.55 22.28 -20.86
C SER B 111 -24.37 23.78 -21.05
N ALA B 112 -25.45 24.49 -21.44
CA ALA B 112 -25.35 25.94 -21.61
C ALA B 112 -24.99 26.63 -20.29
N THR B 113 -25.66 26.26 -19.19
CA THR B 113 -25.38 26.92 -17.93
C THR B 113 -24.07 26.41 -17.31
N GLY B 114 -23.70 25.16 -17.56
CA GLY B 114 -22.37 24.70 -17.19
C GLY B 114 -21.28 25.45 -17.94
N ALA B 115 -21.48 25.65 -19.24
CA ALA B 115 -20.59 26.51 -20.01
C ALA B 115 -20.55 27.93 -19.44
N GLN B 116 -21.71 28.47 -19.07
CA GLN B 116 -21.77 29.79 -18.41
C GLN B 116 -20.88 29.84 -17.17
N LEU B 117 -21.04 28.85 -16.29
CA LEU B 117 -20.25 28.83 -15.07
C LEU B 117 -18.76 28.77 -15.37
N VAL B 118 -18.36 27.98 -16.36
CA VAL B 118 -16.95 27.93 -16.76
C VAL B 118 -16.45 29.31 -17.14
N LEU B 119 -17.19 30.01 -18.01
CA LEU B 119 -16.70 31.28 -18.54
C LEU B 119 -16.70 32.38 -17.48
N ASP B 120 -17.72 32.38 -16.62
CA ASP B 120 -17.75 33.34 -15.53
C ASP B 120 -16.62 33.08 -14.55
N THR B 121 -16.26 31.81 -14.33
CA THR B 121 -15.07 31.50 -13.55
C THR B 121 -13.81 31.95 -14.26
N ALA B 122 -13.72 31.71 -15.57
CA ALA B 122 -12.58 32.17 -16.34
C ALA B 122 -12.43 33.69 -16.28
N GLU B 123 -13.53 34.43 -16.17
CA GLU B 123 -13.42 35.89 -16.18
C GLU B 123 -12.76 36.42 -14.90
N ARG B 124 -12.94 35.74 -13.77
CA ARG B 124 -12.37 36.22 -12.50
C ARG B 124 -11.12 35.46 -12.07
N CYS B 125 -10.64 34.49 -12.87
CA CYS B 125 -9.45 33.70 -12.57
C CYS B 125 -8.46 33.84 -13.71
N ASP B 126 -7.30 33.20 -13.57
CA ASP B 126 -6.28 33.25 -14.62
C ASP B 126 -6.27 32.02 -15.50
N ALA B 127 -6.70 30.88 -14.99
CA ALA B 127 -6.76 29.65 -15.75
C ALA B 127 -7.87 28.78 -15.19
N VAL B 128 -8.47 27.96 -16.04
CA VAL B 128 -9.58 27.11 -15.62
C VAL B 128 -9.38 25.72 -16.19
N VAL B 129 -9.49 24.71 -15.33
CA VAL B 129 -9.65 23.34 -15.76
C VAL B 129 -11.13 23.01 -15.53
N ALA B 130 -11.88 22.84 -16.62
CA ALA B 130 -13.31 22.56 -16.55
C ALA B 130 -13.52 21.06 -16.70
N VAL B 131 -13.88 20.40 -15.61
CA VAL B 131 -14.07 18.95 -15.60
C VAL B 131 -15.57 18.69 -15.74
N SER B 132 -16.00 18.30 -16.94
CA SER B 132 -17.41 18.02 -17.20
C SER B 132 -17.63 16.50 -17.21
N GLY B 133 -18.74 16.06 -16.64
CA GLY B 133 -19.02 14.65 -16.46
C GLY B 133 -20.33 14.19 -17.08
N THR B 134 -20.27 13.06 -17.81
CA THR B 134 -21.40 12.37 -18.45
C THR B 134 -21.92 13.11 -19.67
N SER B 135 -22.73 12.42 -20.49
CA SER B 135 -23.25 13.01 -21.72
C SER B 135 -24.01 14.30 -21.47
N ALA B 136 -24.62 14.45 -20.29
CA ALA B 136 -25.41 15.63 -20.00
C ALA B 136 -24.58 16.91 -20.09
N PHE B 137 -23.27 16.84 -19.85
CA PHE B 137 -22.38 18.00 -19.97
C PHE B 137 -21.42 17.87 -21.14
N ALA B 138 -21.56 16.84 -21.97
CA ALA B 138 -20.58 16.63 -23.04
C ALA B 138 -20.52 17.78 -24.04
N ARG B 139 -21.57 18.59 -24.16
CA ARG B 139 -21.48 19.70 -25.10
C ARG B 139 -20.82 20.95 -24.50
N VAL B 140 -20.50 20.94 -23.20
CA VAL B 140 -19.87 22.11 -22.59
C VAL B 140 -18.58 22.50 -23.28
N PRO B 141 -17.62 21.58 -23.53
CA PRO B 141 -16.36 22.02 -24.18
C PRO B 141 -16.58 22.77 -25.47
N GLY B 142 -17.49 22.26 -26.31
CA GLY B 142 -17.76 22.92 -27.58
C GLY B 142 -18.48 24.25 -27.43
N MET B 143 -19.37 24.39 -26.44
CA MET B 143 -20.04 25.68 -26.30
C MET B 143 -19.06 26.74 -25.81
N VAL B 144 -18.18 26.38 -24.89
CA VAL B 144 -17.22 27.36 -24.37
C VAL B 144 -16.26 27.78 -25.46
N GLN B 145 -15.66 26.79 -26.15
CA GLN B 145 -14.60 27.08 -27.11
C GLN B 145 -15.14 27.73 -28.38
N ARG B 146 -16.40 27.44 -28.75
CA ARG B 146 -16.94 28.07 -29.95
C ARG B 146 -17.17 29.56 -29.73
N GLN B 147 -17.77 29.93 -28.59
CA GLN B 147 -18.32 31.27 -28.39
C GLN B 147 -17.61 32.10 -27.33
N GLY B 148 -16.81 31.48 -26.45
CA GLY B 148 -16.25 32.19 -25.32
C GLY B 148 -15.12 33.17 -25.59
N GLY B 149 -14.60 33.25 -26.82
CA GLY B 149 -13.56 34.23 -27.15
C GLY B 149 -12.34 34.14 -26.24
N GLU B 150 -11.88 35.31 -25.76
CA GLU B 150 -10.66 35.37 -24.95
C GLU B 150 -10.81 34.60 -23.63
N LEU B 151 -12.00 34.61 -23.04
CA LEU B 151 -12.22 33.82 -21.82
C LEU B 151 -12.05 32.32 -22.10
N ALA B 152 -12.48 31.86 -23.27
CA ALA B 152 -12.33 30.45 -23.60
C ALA B 152 -10.88 30.06 -23.67
N ALA B 153 -10.02 30.97 -24.10
CA ALA B 153 -8.60 30.69 -24.21
C ALA B 153 -7.92 30.58 -22.85
N LYS B 154 -8.65 30.74 -21.75
CA LYS B 154 -8.10 30.50 -20.43
C LYS B 154 -8.46 29.13 -19.87
N VAL B 155 -9.17 28.31 -20.64
CA VAL B 155 -9.80 27.09 -20.13
C VAL B 155 -9.15 25.88 -20.77
N LEU B 156 -8.89 24.85 -19.98
CA LEU B 156 -8.68 23.50 -20.49
C LEU B 156 -9.87 22.64 -20.07
N HIS B 157 -10.52 22.01 -21.05
CA HIS B 157 -11.62 21.10 -20.79
C HIS B 157 -11.11 19.68 -20.61
N VAL B 158 -11.68 18.96 -19.65
CA VAL B 158 -11.46 17.55 -19.44
C VAL B 158 -12.84 16.93 -19.32
N HIS B 159 -13.35 16.33 -20.38
CA HIS B 159 -14.65 15.69 -20.31
C HIS B 159 -14.49 14.23 -19.93
N THR B 160 -15.37 13.74 -19.05
CA THR B 160 -15.10 12.45 -18.41
C THR B 160 -16.40 11.77 -18.03
N PHE B 161 -16.28 10.53 -17.51
CA PHE B 161 -17.38 9.68 -17.04
C PHE B 161 -18.16 9.04 -18.19
N GLY B 162 -19.34 8.51 -17.88
CA GLY B 162 -20.04 7.63 -18.81
C GLY B 162 -20.50 8.33 -20.09
N LEU B 163 -20.67 7.53 -21.14
CA LEU B 163 -20.90 8.04 -22.48
C LEU B 163 -21.66 7.01 -23.30
N ALA B 164 -22.12 7.43 -24.48
CA ALA B 164 -22.84 6.54 -25.39
C ALA B 164 -21.88 5.51 -25.97
N THR B 165 -22.23 4.23 -25.89
CA THR B 165 -21.38 3.15 -26.38
C THR B 165 -22.23 2.13 -27.14
N HIS B 166 -21.53 1.21 -27.79
CA HIS B 166 -22.15 0.10 -28.50
C HIS B 166 -22.22 -1.17 -27.66
N ASP B 167 -22.00 -1.05 -26.34
CA ASP B 167 -21.84 -2.20 -25.46
C ASP B 167 -23.07 -2.52 -24.63
N THR B 168 -24.21 -1.89 -24.89
CA THR B 168 -25.42 -2.17 -24.13
C THR B 168 -26.54 -2.58 -25.09
N ALA B 169 -27.35 -3.55 -24.67
CA ALA B 169 -28.52 -3.94 -25.45
C ALA B 169 -29.45 -2.76 -25.67
N HIS B 170 -29.68 -1.97 -24.63
CA HIS B 170 -30.41 -0.70 -24.72
C HIS B 170 -29.57 0.29 -25.54
N VAL B 171 -30.10 0.76 -26.65
CA VAL B 171 -29.34 1.73 -27.46
C VAL B 171 -29.40 3.09 -26.78
N PRO B 172 -28.27 3.78 -26.62
CA PRO B 172 -28.29 5.13 -26.06
C PRO B 172 -29.24 6.07 -26.80
N SER B 173 -29.76 7.05 -26.07
CA SER B 173 -30.76 7.95 -26.63
C SER B 173 -30.11 8.83 -27.68
N PRO B 174 -30.91 9.42 -28.58
CA PRO B 174 -30.31 10.37 -29.54
C PRO B 174 -29.58 11.52 -28.86
N ALA B 175 -30.06 11.98 -27.71
CA ALA B 175 -29.36 13.07 -27.01
C ALA B 175 -27.98 12.63 -26.55
N GLU B 176 -27.86 11.43 -25.99
CA GLU B 176 -26.57 10.93 -25.57
C GLU B 176 -25.65 10.75 -26.77
N ILE B 177 -26.17 10.18 -27.86
CA ILE B 177 -25.36 9.97 -29.07
C ILE B 177 -24.84 11.30 -29.60
N ALA B 178 -25.71 12.30 -29.68
CA ALA B 178 -25.31 13.59 -30.23
C ALA B 178 -24.27 14.28 -29.35
N ALA B 179 -24.51 14.30 -28.04
CA ALA B 179 -23.61 15.01 -27.12
C ALA B 179 -22.22 14.40 -27.16
N ASP B 180 -22.13 13.08 -27.05
CA ASP B 180 -20.82 12.45 -27.02
C ASP B 180 -20.15 12.50 -28.40
N GLY B 181 -20.95 12.51 -29.47
CA GLY B 181 -20.38 12.85 -30.77
C GLY B 181 -19.82 14.27 -30.80
N ASP B 182 -20.51 15.20 -30.16
CA ASP B 182 -20.06 16.59 -30.17
C ASP B 182 -18.72 16.75 -29.46
N VAL B 183 -18.56 16.14 -28.28
CA VAL B 183 -17.31 16.31 -27.55
C VAL B 183 -16.18 15.57 -28.25
N ALA B 184 -16.46 14.42 -28.88
CA ALA B 184 -15.41 13.76 -29.65
C ALA B 184 -14.94 14.64 -30.80
N PHE B 185 -15.88 15.34 -31.44
CA PHE B 185 -15.49 16.27 -32.49
C PHE B 185 -14.58 17.35 -31.94
N TRP B 186 -14.91 17.87 -30.76
CA TRP B 186 -14.14 18.98 -30.23
C TRP B 186 -12.78 18.55 -29.70
N THR B 187 -12.59 17.29 -29.29
CA THR B 187 -11.25 16.85 -28.89
C THR B 187 -10.28 16.93 -30.06
N ARG B 188 -10.75 16.58 -31.26
CA ARG B 188 -9.91 16.61 -32.44
C ARG B 188 -9.86 18.00 -33.06
N GLN B 189 -10.86 18.84 -32.81
CA GLN B 189 -10.87 20.19 -33.35
C GLN B 189 -10.08 21.17 -32.50
N SER B 190 -10.05 21.01 -31.18
CA SER B 190 -9.50 22.02 -30.27
C SER B 190 -8.36 21.44 -29.46
N ASP B 191 -7.25 22.19 -29.37
CA ASP B 191 -6.16 21.88 -28.45
C ASP B 191 -6.60 21.92 -26.98
N ARG B 192 -7.70 22.60 -26.68
CA ARG B 192 -8.11 22.83 -25.30
C ARG B 192 -9.20 21.86 -24.84
N VAL B 193 -9.44 20.78 -25.58
CA VAL B 193 -10.50 19.85 -25.22
C VAL B 193 -9.88 18.45 -25.10
N SER B 194 -9.85 17.94 -23.87
CA SER B 194 -9.36 16.60 -23.58
C SER B 194 -10.50 15.75 -23.02
N VAL B 195 -10.33 14.43 -23.09
CA VAL B 195 -11.21 13.53 -22.36
C VAL B 195 -10.41 12.87 -21.23
N GLY B 196 -11.07 12.73 -20.08
CA GLY B 196 -10.45 12.11 -18.92
C GLY B 196 -10.87 10.66 -18.83
N TYR B 197 -10.00 9.73 -19.20
CA TYR B 197 -10.40 8.34 -19.15
C TYR B 197 -10.43 7.85 -17.70
N ILE B 198 -11.49 7.12 -17.34
CA ILE B 198 -11.66 6.65 -15.97
C ILE B 198 -11.20 5.21 -15.81
N SER B 199 -10.82 4.56 -16.90
CA SER B 199 -10.55 3.14 -16.87
C SER B 199 -9.85 2.78 -18.17
N ARG B 200 -9.19 1.61 -18.17
CA ARG B 200 -8.71 1.02 -19.41
C ARG B 200 -9.83 0.91 -20.43
N TYR B 201 -11.03 0.53 -19.97
CA TYR B 201 -12.15 0.32 -20.87
C TYR B 201 -12.57 1.62 -21.59
N THR B 202 -12.71 2.73 -20.86
CA THR B 202 -13.10 3.97 -21.54
C THR B 202 -11.96 4.53 -22.40
N ALA B 203 -10.71 4.35 -21.98
CA ALA B 203 -9.58 4.84 -22.78
C ALA B 203 -9.56 4.17 -24.14
N GLU B 204 -9.70 2.85 -24.17
CA GLU B 204 -9.77 2.15 -25.45
C GLU B 204 -11.03 2.51 -26.23
N LEU B 205 -12.11 2.80 -25.51
CA LEU B 205 -13.35 3.20 -26.18
C LEU B 205 -13.19 4.56 -26.86
N TYR B 206 -12.54 5.51 -26.19
CA TYR B 206 -12.32 6.82 -26.78
C TYR B 206 -11.55 6.71 -28.10
N ALA B 207 -10.50 5.88 -28.10
CA ALA B 207 -9.69 5.75 -29.32
C ALA B 207 -10.43 4.95 -30.38
N ARG B 208 -11.04 3.83 -30.00
CA ARG B 208 -11.54 2.88 -30.99
C ARG B 208 -12.95 3.18 -31.46
N THR B 209 -13.81 3.72 -30.60
CA THR B 209 -15.16 4.05 -31.01
C THR B 209 -15.27 5.49 -31.50
N TYR B 210 -14.62 6.42 -30.81
CA TYR B 210 -14.74 7.84 -31.09
C TYR B 210 -13.53 8.41 -31.83
N ALA B 211 -12.53 7.57 -32.15
CA ALA B 211 -11.34 7.99 -32.87
C ALA B 211 -10.68 9.22 -32.25
N ILE B 212 -10.69 9.29 -30.93
CA ILE B 212 -10.07 10.44 -30.27
C ILE B 212 -8.55 10.24 -30.26
N PRO B 213 -7.77 11.25 -30.65
CA PRO B 213 -6.31 11.10 -30.67
C PRO B 213 -5.75 10.87 -29.28
N ALA B 214 -4.66 10.09 -29.21
CA ALA B 214 -4.10 9.72 -27.93
C ALA B 214 -3.65 10.95 -27.14
N ALA B 215 -3.29 12.03 -27.82
CA ALA B 215 -2.85 13.25 -27.14
C ALA B 215 -3.99 13.99 -26.46
N ALA B 216 -5.24 13.67 -26.77
CA ALA B 216 -6.38 14.29 -26.10
C ALA B 216 -6.85 13.49 -24.89
N LEU B 217 -6.17 12.41 -24.54
CA LEU B 217 -6.55 11.58 -23.41
C LEU B 217 -5.76 11.98 -22.17
N LEU B 218 -6.46 12.23 -21.07
CA LEU B 218 -5.83 12.53 -19.79
C LEU B 218 -6.38 11.59 -18.73
N PRO B 219 -5.57 11.22 -17.74
CA PRO B 219 -6.03 10.23 -16.76
C PRO B 219 -7.01 10.86 -15.75
N ASN B 220 -8.12 10.17 -15.52
CA ASN B 220 -9.06 10.49 -14.43
C ASN B 220 -9.58 9.17 -13.86
N ARG B 221 -8.65 8.32 -13.42
CA ARG B 221 -8.95 6.89 -13.30
C ARG B 221 -9.71 6.62 -12.02
N SER B 222 -10.85 5.91 -12.15
CA SER B 222 -11.70 5.58 -11.01
C SER B 222 -10.90 4.95 -9.88
N ALA B 223 -11.23 5.34 -8.65
CA ALA B 223 -10.42 5.04 -7.47
C ALA B 223 -11.26 5.31 -6.23
N ILE B 224 -10.75 4.87 -5.07
CA ILE B 224 -11.48 5.06 -3.81
C ILE B 224 -10.57 5.72 -2.78
N PRO B 225 -11.12 6.48 -1.82
CA PRO B 225 -10.27 7.03 -0.75
C PRO B 225 -9.95 5.96 0.30
N ARG B 226 -8.82 5.27 0.15
CA ARG B 226 -8.55 4.08 0.96
C ARG B 226 -8.55 4.38 2.46
N HIS B 227 -8.16 5.60 2.85
CA HIS B 227 -8.07 5.93 4.26
C HIS B 227 -9.38 6.43 4.85
N ALA B 228 -10.47 6.43 4.09
CA ALA B 228 -11.75 6.85 4.64
C ALA B 228 -12.17 5.92 5.77
N PRO B 229 -12.63 6.46 6.91
CA PRO B 229 -13.00 5.60 8.03
C PRO B 229 -14.03 4.55 7.68
N ARG B 230 -14.91 4.83 6.72
CA ARG B 230 -15.91 3.84 6.37
C ARG B 230 -15.30 2.59 5.74
N PHE B 231 -14.04 2.64 5.30
CA PHE B 231 -13.37 1.42 4.83
C PHE B 231 -12.56 0.74 5.93
N GLY B 232 -12.82 1.07 7.19
CA GLY B 232 -12.04 0.49 8.28
C GLY B 232 -12.32 -1.00 8.44
N VAL B 233 -11.26 -1.74 8.80
CA VAL B 233 -11.40 -3.15 9.14
C VAL B 233 -12.18 -3.25 10.44
N LEU B 234 -13.09 -4.22 10.51
CA LEU B 234 -13.98 -4.33 11.64
C LEU B 234 -13.66 -5.59 12.44
N THR B 235 -13.87 -5.51 13.75
CA THR B 235 -13.77 -6.68 14.60
C THR B 235 -14.96 -7.61 14.33
N GLU B 236 -14.76 -8.90 14.63
CA GLU B 236 -15.86 -9.83 14.43
C GLU B 236 -17.08 -9.45 15.27
N GLU B 237 -16.87 -8.88 16.47
CA GLU B 237 -18.01 -8.46 17.28
C GLU B 237 -18.78 -7.34 16.60
N ARG B 238 -18.07 -6.32 16.10
CA ARG B 238 -18.75 -5.22 15.44
C ARG B 238 -19.42 -5.65 14.13
N ILE B 239 -18.84 -6.61 13.42
CA ILE B 239 -19.51 -7.15 12.24
C ILE B 239 -20.88 -7.72 12.63
N ASN B 240 -20.91 -8.64 13.59
CA ASN B 240 -22.16 -9.29 13.97
C ASN B 240 -23.16 -8.29 14.52
N GLU B 241 -22.67 -7.29 15.26
CA GLU B 241 -23.53 -6.23 15.75
C GLU B 241 -24.26 -5.51 14.61
N ARG B 242 -23.51 -5.17 13.56
CA ARG B 242 -24.10 -4.38 12.48
C ARG B 242 -25.07 -5.20 11.63
N ILE B 243 -24.77 -6.48 11.39
CA ILE B 243 -25.63 -7.26 10.52
C ILE B 243 -26.78 -7.93 11.27
N ALA B 244 -26.86 -7.74 12.59
CA ALA B 244 -27.89 -8.42 13.39
C ALA B 244 -29.29 -7.96 13.01
N GLY B 245 -29.43 -6.68 12.66
CA GLY B 245 -30.75 -6.16 12.32
C GLY B 245 -31.09 -6.17 10.84
N LEU B 246 -30.44 -7.01 10.04
CA LEU B 246 -30.66 -7.02 8.60
C LEU B 246 -31.60 -8.14 8.16
N GLY B 247 -32.05 -8.99 9.08
CA GLY B 247 -32.92 -10.09 8.71
C GLY B 247 -32.24 -11.21 7.95
N LEU B 248 -30.98 -11.43 8.22
CA LEU B 248 -30.27 -12.50 7.53
C LEU B 248 -30.69 -13.85 8.11
N PRO B 249 -30.80 -14.89 7.29
CA PRO B 249 -31.09 -16.22 7.83
C PRO B 249 -29.94 -16.71 8.69
N ALA B 250 -30.27 -17.64 9.58
CA ALA B 250 -29.26 -18.20 10.47
C ALA B 250 -28.26 -19.07 9.73
N GLU B 251 -28.70 -19.74 8.67
CA GLU B 251 -27.83 -20.60 7.90
C GLU B 251 -27.74 -20.09 6.46
N GLY B 252 -26.68 -20.52 5.79
CA GLY B 252 -26.40 -20.18 4.41
C GLY B 252 -25.24 -19.21 4.30
N GLU B 253 -24.61 -19.23 3.13
CA GLU B 253 -23.52 -18.30 2.80
C GLU B 253 -24.02 -17.21 1.86
N PHE B 254 -23.54 -15.99 2.08
CA PHE B 254 -24.08 -14.82 1.40
C PHE B 254 -23.26 -14.45 0.17
N VAL B 255 -23.95 -14.06 -0.89
CA VAL B 255 -23.33 -13.36 -2.00
C VAL B 255 -23.99 -11.99 -2.06
N VAL B 256 -23.17 -10.94 -1.96
CA VAL B 256 -23.64 -9.58 -1.70
C VAL B 256 -23.55 -8.76 -2.97
N MET B 257 -24.56 -7.93 -3.20
CA MET B 257 -24.52 -6.94 -4.27
C MET B 257 -25.14 -5.67 -3.72
N TRP B 258 -24.70 -4.52 -4.21
CA TRP B 258 -25.37 -3.28 -3.85
C TRP B 258 -25.18 -2.24 -4.94
N GLY B 259 -26.03 -1.22 -4.95
CA GLY B 259 -25.87 -0.15 -5.90
C GLY B 259 -27.20 0.51 -6.24
N ARG B 260 -27.12 1.46 -7.17
CA ARG B 260 -28.32 2.04 -7.76
C ARG B 260 -29.17 0.95 -8.39
N ASN B 261 -30.50 1.09 -8.28
CA ASN B 261 -31.39 0.14 -8.93
C ASN B 261 -31.10 0.09 -10.42
N SER B 262 -31.31 -1.08 -11.01
CA SER B 262 -31.24 -1.17 -12.45
C SER B 262 -32.33 -0.30 -13.07
N ALA B 263 -32.05 0.22 -14.24
CA ALA B 263 -32.97 1.10 -14.94
C ALA B 263 -32.63 1.02 -16.42
N PRO B 264 -33.43 1.63 -17.30
CA PRO B 264 -33.07 1.64 -18.72
C PRO B 264 -31.71 2.28 -18.97
N GLY B 265 -30.87 1.57 -19.71
CA GLY B 265 -29.50 2.01 -19.90
C GLY B 265 -28.56 1.70 -18.75
N LEU B 266 -29.06 1.05 -17.68
CA LEU B 266 -28.24 0.77 -16.50
C LEU B 266 -28.66 -0.60 -15.97
N ASP B 267 -28.13 -1.64 -16.60
CA ASP B 267 -28.39 -3.02 -16.20
C ASP B 267 -27.30 -3.39 -15.20
N LYS B 268 -27.63 -3.36 -13.92
CA LYS B 268 -26.63 -3.72 -12.92
C LYS B 268 -26.52 -5.21 -12.71
N GLY B 269 -27.36 -6.02 -13.38
CA GLY B 269 -27.20 -7.46 -13.31
C GLY B 269 -27.64 -8.14 -12.03
N TYR B 270 -28.39 -7.45 -11.16
CA TYR B 270 -28.88 -8.10 -9.93
C TYR B 270 -29.70 -9.34 -10.26
N HIS B 271 -30.48 -9.28 -11.35
CA HIS B 271 -31.35 -10.39 -11.72
C HIS B 271 -30.55 -11.64 -12.05
N LEU B 272 -29.32 -11.47 -12.53
CA LEU B 272 -28.49 -12.61 -12.85
C LEU B 272 -28.13 -13.40 -11.60
N LEU B 273 -27.91 -12.72 -10.48
CA LEU B 273 -27.60 -13.43 -9.25
C LEU B 273 -28.81 -14.19 -8.73
N LEU B 274 -29.97 -13.55 -8.72
CA LEU B 274 -31.22 -14.25 -8.38
C LEU B 274 -31.45 -15.46 -9.28
N GLU B 275 -31.23 -15.30 -10.59
CA GLU B 275 -31.39 -16.42 -11.50
C GLU B 275 -30.42 -17.54 -11.15
N ALA B 276 -29.15 -17.18 -10.92
CA ALA B 276 -28.14 -18.20 -10.65
C ALA B 276 -28.39 -18.88 -9.32
N ALA B 277 -29.03 -18.19 -8.38
CA ALA B 277 -29.23 -18.74 -7.05
C ALA B 277 -30.18 -19.94 -7.01
N ARG B 278 -31.04 -20.11 -8.02
CA ARG B 278 -31.84 -21.33 -7.97
C ARG B 278 -31.06 -22.56 -8.38
N ASP B 279 -29.77 -22.41 -8.67
CA ASP B 279 -28.86 -23.53 -8.86
C ASP B 279 -27.79 -23.58 -7.76
N LEU B 280 -27.96 -22.81 -6.68
CA LEU B 280 -26.95 -22.67 -5.63
C LEU B 280 -27.59 -22.91 -4.27
N PRO B 281 -27.80 -24.19 -3.90
CA PRO B 281 -28.70 -24.50 -2.78
C PRO B 281 -28.35 -23.83 -1.45
N GLY B 282 -27.08 -23.73 -1.10
CA GLY B 282 -26.81 -23.10 0.18
C GLY B 282 -26.41 -21.63 0.11
N VAL B 283 -26.75 -20.93 -0.98
CA VAL B 283 -26.33 -19.55 -1.18
C VAL B 283 -27.54 -18.63 -0.96
N VAL B 284 -27.33 -17.57 -0.19
CA VAL B 284 -28.37 -16.57 0.07
C VAL B 284 -27.94 -15.25 -0.55
N PRO B 285 -28.49 -14.85 -1.69
CA PRO B 285 -28.18 -13.52 -2.22
C PRO B 285 -28.62 -12.43 -1.25
N VAL B 286 -27.79 -11.39 -1.11
CA VAL B 286 -28.12 -10.22 -0.30
C VAL B 286 -27.91 -9.01 -1.20
N ILE B 287 -28.99 -8.35 -1.60
CA ILE B 287 -28.94 -7.31 -2.62
C ILE B 287 -29.46 -6.03 -2.00
N ALA B 288 -28.61 -5.03 -1.90
CA ALA B 288 -28.96 -3.75 -1.28
C ALA B 288 -29.00 -2.68 -2.36
N THR B 289 -30.19 -2.26 -2.75
CA THR B 289 -30.31 -1.21 -3.75
C THR B 289 -30.61 0.11 -3.07
N ARG B 290 -30.30 1.21 -3.76
CA ARG B 290 -30.58 2.52 -3.19
C ARG B 290 -32.06 2.64 -2.82
N ARG B 291 -32.95 2.20 -3.72
CA ARG B 291 -34.39 2.22 -3.51
C ARG B 291 -34.95 0.81 -3.38
N PRO B 292 -36.14 0.68 -2.75
CA PRO B 292 -36.69 -0.66 -2.38
C PRO B 292 -36.74 -1.77 -3.45
N ASP B 293 -37.07 -1.49 -4.69
CA ASP B 293 -37.15 -2.48 -5.80
C ASP B 293 -38.15 -3.63 -5.66
N PRO B 294 -39.43 -3.37 -5.90
CA PRO B 294 -40.41 -4.48 -5.99
C PRO B 294 -40.11 -5.48 -7.12
N GLY B 295 -39.41 -5.04 -8.17
CA GLY B 295 -39.13 -5.93 -9.28
C GLY B 295 -38.21 -7.07 -8.92
N LEU B 296 -37.17 -6.81 -8.13
CA LEU B 296 -36.30 -7.89 -7.69
C LEU B 296 -37.03 -8.84 -6.75
N ARG B 297 -37.98 -8.31 -5.96
CA ARG B 297 -38.79 -9.14 -5.08
C ARG B 297 -39.70 -10.06 -5.90
N ARG B 298 -40.28 -9.55 -6.99
CA ARG B 298 -41.06 -10.42 -7.87
C ARG B 298 -40.20 -11.51 -8.50
N LEU B 299 -38.96 -11.16 -8.88
CA LEU B 299 -38.07 -12.16 -9.47
C LEU B 299 -37.69 -13.22 -8.45
N ALA B 300 -37.32 -12.80 -7.24
CA ALA B 300 -36.94 -13.77 -6.22
C ALA B 300 -38.12 -14.67 -5.90
N ASP B 301 -39.30 -14.08 -5.72
CA ASP B 301 -40.51 -14.87 -5.50
C ASP B 301 -40.77 -15.84 -6.64
N ARG B 302 -40.74 -15.32 -7.89
CA ARG B 302 -41.00 -16.18 -9.04
C ARG B 302 -40.05 -17.39 -9.04
N TYR B 303 -38.78 -17.17 -8.69
CA TYR B 303 -37.78 -18.23 -8.70
C TYR B 303 -37.76 -19.05 -7.42
N ALA B 304 -38.58 -18.71 -6.42
CA ALA B 304 -38.53 -19.35 -5.11
C ALA B 304 -37.13 -19.29 -4.52
N VAL B 305 -36.45 -18.16 -4.71
CA VAL B 305 -35.10 -17.96 -4.22
C VAL B 305 -35.17 -17.21 -2.90
N PRO B 306 -34.65 -17.78 -1.80
CA PRO B 306 -34.54 -16.99 -0.56
C PRO B 306 -33.48 -15.92 -0.73
N ALA B 307 -33.88 -14.66 -0.80
CA ALA B 307 -32.93 -13.59 -0.98
C ALA B 307 -33.27 -12.50 0.02
N VAL B 308 -32.24 -11.85 0.54
CA VAL B 308 -32.43 -10.70 1.40
C VAL B 308 -32.32 -9.47 0.52
N LEU B 309 -33.42 -8.77 0.32
CA LEU B 309 -33.44 -7.56 -0.49
C LEU B 309 -33.54 -6.37 0.44
N LEU B 310 -32.51 -5.54 0.46
CA LEU B 310 -32.41 -4.39 1.33
C LEU B 310 -32.48 -3.11 0.50
N ASP B 311 -32.70 -1.98 1.18
CA ASP B 311 -32.70 -0.71 0.50
C ASP B 311 -32.18 0.37 1.44
N ASP B 312 -31.71 1.45 0.82
CA ASP B 312 -31.18 2.63 1.52
C ASP B 312 -30.25 2.26 2.67
N GLN B 313 -29.31 1.35 2.39
CA GLN B 313 -28.39 0.87 3.42
C GLN B 313 -27.21 1.83 3.56
N PRO B 314 -26.79 2.13 4.80
CA PRO B 314 -25.57 2.91 5.00
C PRO B 314 -24.34 2.04 4.75
N PHE B 315 -23.23 2.68 4.36
CA PHE B 315 -22.07 1.87 4.03
C PHE B 315 -21.53 1.10 5.24
N THR B 316 -21.74 1.62 6.47
CA THR B 316 -21.39 0.84 7.66
C THR B 316 -21.95 -0.58 7.59
N HIS B 317 -23.18 -0.74 7.14
CA HIS B 317 -23.78 -2.07 7.11
C HIS B 317 -23.30 -2.90 5.93
N LEU B 318 -23.11 -2.26 4.76
CA LEU B 318 -22.52 -2.96 3.63
C LEU B 318 -21.12 -3.44 3.96
N SER B 319 -20.32 -2.59 4.62
CA SER B 319 -18.97 -2.96 4.99
C SER B 319 -18.94 -4.20 5.89
N ALA B 320 -19.81 -4.24 6.90
CA ALA B 320 -19.88 -5.41 7.78
C ALA B 320 -20.27 -6.66 7.00
N LEU B 321 -21.28 -6.56 6.12
CA LEU B 321 -21.64 -7.68 5.28
C LEU B 321 -20.46 -8.16 4.46
N LEU B 322 -19.69 -7.25 3.90
CA LEU B 322 -18.57 -7.62 3.05
C LEU B 322 -17.47 -8.31 3.83
N GLN B 323 -17.31 -7.96 5.10
CA GLN B 323 -16.24 -8.52 5.93
C GLN B 323 -16.65 -9.78 6.68
N SER B 324 -17.94 -10.11 6.72
CA SER B 324 -18.35 -11.25 7.53
C SER B 324 -17.80 -12.55 6.96
N PRO B 325 -17.30 -13.44 7.81
CA PRO B 325 -16.92 -14.78 7.36
C PRO B 325 -18.06 -15.55 6.72
N ARG B 326 -19.31 -15.14 6.97
CA ARG B 326 -20.45 -15.78 6.31
C ARG B 326 -20.61 -15.34 4.86
N THR B 327 -19.88 -14.31 4.41
CA THR B 327 -20.01 -13.84 3.03
C THR B 327 -18.96 -14.49 2.15
N LEU B 328 -19.43 -15.26 1.17
CA LEU B 328 -18.55 -15.91 0.20
C LEU B 328 -18.03 -14.91 -0.82
N ALA B 329 -18.89 -14.03 -1.32
CA ALA B 329 -18.48 -13.21 -2.45
C ALA B 329 -19.34 -11.96 -2.51
N ALA B 330 -18.79 -10.95 -3.16
CA ALA B 330 -19.52 -9.78 -3.61
C ALA B 330 -19.49 -9.80 -5.13
N ALA B 331 -20.63 -9.60 -5.76
CA ALA B 331 -20.74 -9.72 -7.21
C ALA B 331 -21.02 -8.37 -7.84
N PHE B 332 -20.40 -8.13 -9.00
CA PHE B 332 -20.60 -6.90 -9.76
C PHE B 332 -20.83 -7.32 -11.20
N LEU B 333 -22.08 -7.18 -11.66
CA LEU B 333 -22.52 -7.84 -12.87
C LEU B 333 -23.08 -6.86 -13.89
N GLY B 334 -22.70 -5.58 -13.78
CA GLY B 334 -23.22 -4.59 -14.68
C GLY B 334 -22.89 -4.91 -16.13
N GLU B 335 -23.80 -4.51 -17.02
CA GLU B 335 -23.64 -4.79 -18.45
C GLU B 335 -22.39 -4.14 -19.01
N ALA B 336 -22.15 -2.87 -18.66
CA ALA B 336 -21.03 -2.17 -19.26
C ALA B 336 -20.61 -0.97 -18.41
N GLU B 337 -20.17 -1.24 -17.19
CA GLU B 337 -19.72 -0.17 -16.30
C GLU B 337 -18.59 0.61 -16.96
N PRO B 338 -18.72 1.93 -17.16
CA PRO B 338 -17.56 2.68 -17.66
C PRO B 338 -16.41 2.73 -16.66
N GLY B 339 -16.71 2.75 -15.36
CA GLY B 339 -15.66 2.87 -14.36
C GLY B 339 -16.18 2.71 -12.94
N ALA B 340 -16.72 1.53 -12.63
CA ALA B 340 -17.36 1.32 -11.35
C ALA B 340 -16.33 1.24 -10.23
N VAL B 341 -16.59 1.93 -9.12
CA VAL B 341 -15.70 1.84 -7.98
C VAL B 341 -16.19 0.88 -6.90
N SER B 342 -17.46 0.44 -6.95
CA SER B 342 -17.94 -0.49 -5.93
C SER B 342 -17.13 -1.78 -5.84
N PRO B 343 -16.75 -2.46 -6.93
CA PRO B 343 -15.87 -3.62 -6.78
C PRO B 343 -14.57 -3.27 -6.09
N MET B 344 -14.07 -2.05 -6.32
CA MET B 344 -12.87 -1.58 -5.63
C MET B 344 -13.11 -1.46 -4.13
N GLU B 345 -14.29 -0.93 -3.75
CA GLU B 345 -14.65 -0.86 -2.33
C GLU B 345 -14.70 -2.24 -1.68
N ALA B 346 -15.23 -3.24 -2.39
CA ALA B 346 -15.29 -4.59 -1.83
C ALA B 346 -13.89 -5.17 -1.65
N MET B 347 -13.05 -5.06 -2.69
CA MET B 347 -11.68 -5.57 -2.60
C MET B 347 -10.94 -4.95 -1.43
N TRP B 348 -11.18 -3.65 -1.17
CA TRP B 348 -10.46 -2.95 -0.12
C TRP B 348 -11.03 -3.27 1.26
N VAL B 349 -12.36 -3.23 1.42
CA VAL B 349 -12.87 -3.42 2.78
C VAL B 349 -12.70 -4.85 3.23
N ALA B 350 -12.63 -5.80 2.30
CA ALA B 350 -12.42 -7.21 2.62
C ALA B 350 -10.94 -7.59 2.73
N ARG B 351 -10.04 -6.62 2.88
CA ARG B 351 -8.61 -6.93 2.85
C ARG B 351 -8.18 -7.88 3.96
N GLU B 352 -8.96 -7.99 5.04
CA GLU B 352 -8.61 -8.92 6.11
C GLU B 352 -9.49 -10.16 6.11
N SER B 353 -10.78 -10.02 5.79
CA SER B 353 -11.69 -11.15 5.86
C SER B 353 -12.91 -10.86 5.00
N GLY B 354 -13.64 -11.92 4.69
CA GLY B 354 -14.95 -11.78 4.10
C GLY B 354 -14.99 -12.12 2.62
N ALA B 355 -15.63 -11.25 1.84
CA ALA B 355 -15.92 -11.52 0.44
C ALA B 355 -14.66 -11.56 -0.42
N LEU B 356 -14.70 -12.42 -1.43
CA LEU B 356 -13.92 -12.24 -2.65
C LEU B 356 -14.85 -11.72 -3.74
N VAL B 357 -14.27 -11.16 -4.79
CA VAL B 357 -15.06 -10.43 -5.78
C VAL B 357 -15.34 -11.29 -7.02
N ILE B 358 -16.60 -11.33 -7.43
CA ILE B 358 -17.00 -11.86 -8.72
C ILE B 358 -17.35 -10.68 -9.62
N ALA B 359 -16.75 -10.62 -10.80
CA ALA B 359 -16.92 -9.50 -11.72
C ALA B 359 -17.31 -9.99 -13.11
N ALA B 360 -18.30 -9.34 -13.72
CA ALA B 360 -18.61 -9.61 -15.11
C ALA B 360 -17.42 -9.27 -16.02
N ASP B 361 -17.42 -9.86 -17.21
CA ASP B 361 -16.33 -9.72 -18.17
C ASP B 361 -16.53 -8.54 -19.11
N THR B 362 -17.16 -7.47 -18.65
CA THR B 362 -17.55 -6.34 -19.47
C THR B 362 -17.21 -5.05 -18.74
N GLY B 363 -17.20 -3.93 -19.49
CA GLY B 363 -16.87 -2.63 -18.94
C GLY B 363 -15.50 -2.65 -18.26
N ASN B 364 -15.38 -1.90 -17.17
CA ASN B 364 -14.11 -1.81 -16.47
C ASN B 364 -13.89 -2.94 -15.47
N LEU B 365 -14.82 -3.88 -15.37
CA LEU B 365 -14.74 -4.82 -14.26
C LEU B 365 -13.57 -5.81 -14.41
N PRO B 366 -13.29 -6.37 -15.61
CA PRO B 366 -12.06 -7.18 -15.71
C PRO B 366 -10.79 -6.45 -15.31
N GLU B 367 -10.65 -5.16 -15.63
CA GLU B 367 -9.45 -4.45 -15.18
C GLU B 367 -9.39 -4.41 -13.66
N VAL B 368 -10.55 -4.21 -13.02
CA VAL B 368 -10.55 -4.07 -11.56
C VAL B 368 -10.03 -5.33 -10.89
N VAL B 369 -10.48 -6.51 -11.34
CA VAL B 369 -10.05 -7.76 -10.72
C VAL B 369 -8.81 -8.33 -11.41
N ASP B 370 -8.11 -7.48 -12.16
CA ASP B 370 -6.84 -7.85 -12.81
C ASP B 370 -7.02 -9.10 -13.70
N ASP B 371 -8.13 -9.13 -14.44
CA ASP B 371 -8.43 -10.18 -15.40
C ASP B 371 -8.44 -11.58 -14.77
N GLY B 372 -8.61 -11.68 -13.45
CA GLY B 372 -8.72 -12.95 -12.77
C GLY B 372 -7.69 -13.17 -11.69
N ALA B 373 -6.64 -12.36 -11.62
CA ALA B 373 -5.65 -12.52 -10.56
C ALA B 373 -6.14 -11.98 -9.23
N ALA B 374 -7.09 -11.04 -9.24
CA ALA B 374 -7.53 -10.39 -8.02
C ALA B 374 -9.03 -10.57 -7.78
N GLY B 375 -9.63 -11.55 -8.44
CA GLY B 375 -11.06 -11.80 -8.34
C GLY B 375 -11.44 -12.76 -9.44
N ILE B 376 -12.73 -13.12 -9.45
CA ILE B 376 -13.27 -14.12 -10.37
C ILE B 376 -14.01 -13.41 -11.49
N VAL B 377 -13.69 -13.76 -12.74
CA VAL B 377 -14.31 -13.18 -13.92
C VAL B 377 -15.44 -14.09 -14.38
N THR B 378 -16.61 -13.52 -14.66
CA THR B 378 -17.72 -14.33 -15.12
C THR B 378 -18.39 -13.68 -16.33
N ARG B 379 -18.87 -14.54 -17.24
CA ARG B 379 -19.79 -14.08 -18.28
C ARG B 379 -21.14 -13.77 -17.66
N ARG B 380 -21.89 -12.89 -18.33
CA ARG B 380 -23.17 -12.42 -17.78
C ARG B 380 -24.30 -13.36 -18.21
N THR B 381 -24.27 -14.58 -17.63
CA THR B 381 -25.39 -15.50 -17.71
C THR B 381 -25.57 -16.14 -16.34
N ALA B 382 -26.78 -16.64 -16.08
CA ALA B 382 -27.05 -17.27 -14.79
C ALA B 382 -26.14 -18.48 -14.56
N ALA B 383 -25.93 -19.31 -15.58
CA ALA B 383 -25.10 -20.50 -15.41
C ALA B 383 -23.65 -20.13 -15.16
N ASP B 384 -23.13 -19.10 -15.83
CA ASP B 384 -21.75 -18.70 -15.57
C ASP B 384 -21.61 -18.07 -14.19
N VAL B 385 -22.62 -17.32 -13.75
CA VAL B 385 -22.54 -16.69 -12.44
C VAL B 385 -22.59 -17.75 -11.34
N ALA B 386 -23.47 -18.75 -11.49
CA ALA B 386 -23.50 -19.86 -10.54
C ALA B 386 -22.16 -20.59 -10.51
N ASP B 387 -21.61 -20.89 -11.68
CA ASP B 387 -20.31 -21.52 -11.75
C ASP B 387 -19.23 -20.66 -11.08
N ALA B 388 -19.34 -19.33 -11.19
CA ALA B 388 -18.38 -18.46 -10.52
C ALA B 388 -18.51 -18.55 -9.01
N VAL B 389 -19.75 -18.65 -8.48
CA VAL B 389 -19.91 -18.79 -7.03
C VAL B 389 -19.30 -20.10 -6.58
N ARG B 390 -19.50 -21.18 -7.34
CA ARG B 390 -18.91 -22.46 -7.00
C ARG B 390 -17.39 -22.40 -7.07
N ARG B 391 -16.84 -21.69 -8.06
CA ARG B 391 -15.39 -21.49 -8.13
C ARG B 391 -14.88 -20.85 -6.84
N VAL B 392 -15.55 -19.79 -6.37
CA VAL B 392 -15.11 -19.16 -5.12
C VAL B 392 -15.14 -20.17 -3.99
N ARG B 393 -16.19 -21.01 -3.95
CA ARG B 393 -16.32 -21.96 -2.86
C ARG B 393 -15.18 -22.98 -2.85
N LYS B 394 -14.70 -23.39 -4.02
CA LYS B 394 -13.76 -24.49 -4.15
C LYS B 394 -12.29 -24.05 -4.15
N LEU B 395 -12.01 -22.76 -3.95
CA LEU B 395 -10.62 -22.29 -3.90
C LEU B 395 -9.84 -23.00 -2.81
N THR B 396 -8.57 -23.32 -3.08
CA THR B 396 -7.72 -23.75 -1.97
C THR B 396 -7.59 -22.62 -0.95
N ALA B 397 -7.19 -22.99 0.27
CA ALA B 397 -6.97 -21.98 1.30
C ALA B 397 -5.88 -21.01 0.88
N ASP B 398 -4.79 -21.52 0.30
CA ASP B 398 -3.72 -20.66 -0.15
C ASP B 398 -4.18 -19.68 -1.24
N GLU B 399 -5.05 -20.13 -2.15
CA GLU B 399 -5.48 -19.25 -3.22
C GLU B 399 -6.45 -18.19 -2.71
N ARG B 400 -7.29 -18.55 -1.73
CA ARG B 400 -8.18 -17.57 -1.13
C ARG B 400 -7.38 -16.44 -0.47
N ARG B 401 -6.37 -16.81 0.33
CA ARG B 401 -5.50 -15.81 0.94
C ARG B 401 -4.79 -14.97 -0.10
N ARG B 402 -4.28 -15.63 -1.16
CA ARG B 402 -3.53 -14.92 -2.19
C ARG B 402 -4.41 -13.93 -2.92
N MET B 403 -5.62 -14.35 -3.30
CA MET B 403 -6.52 -13.46 -4.03
C MET B 403 -6.94 -12.28 -3.18
N ARG B 404 -7.23 -12.50 -1.88
CA ARG B 404 -7.57 -11.39 -1.00
C ARG B 404 -6.43 -10.38 -0.95
N ALA B 405 -5.19 -10.86 -0.77
CA ALA B 405 -4.05 -9.95 -0.71
C ALA B 405 -3.85 -9.23 -2.02
N ALA B 406 -3.99 -9.94 -3.14
CA ALA B 406 -3.80 -9.34 -4.45
C ALA B 406 -4.83 -8.25 -4.72
N ALA B 407 -6.08 -8.51 -4.34
CA ALA B 407 -7.14 -7.51 -4.50
C ALA B 407 -6.83 -6.27 -3.67
N ALA B 408 -6.46 -6.46 -2.40
CA ALA B 408 -6.09 -5.32 -1.58
C ALA B 408 -4.92 -4.56 -2.18
N ALA B 409 -3.89 -5.28 -2.64
CA ALA B 409 -2.72 -4.61 -3.21
C ALA B 409 -3.07 -3.86 -4.50
N ARG B 410 -4.00 -4.38 -5.29
CA ARG B 410 -4.38 -3.69 -6.52
C ARG B 410 -5.07 -2.37 -6.21
N VAL B 411 -5.90 -2.32 -5.16
CA VAL B 411 -6.53 -1.05 -4.80
C VAL B 411 -5.45 -0.03 -4.42
N ARG B 412 -4.47 -0.46 -3.60
CA ARG B 412 -3.37 0.41 -3.22
C ARG B 412 -2.60 0.90 -4.43
N ALA B 413 -2.36 0.02 -5.40
CA ALA B 413 -1.44 0.40 -6.47
C ALA B 413 -2.12 1.16 -7.62
N ARG B 414 -3.40 0.90 -7.88
CA ARG B 414 -4.09 1.37 -9.07
C ARG B 414 -5.34 2.19 -8.80
N PHE B 415 -6.00 2.00 -7.66
CA PHE B 415 -7.33 2.55 -7.41
C PHE B 415 -7.34 3.41 -6.14
N ASP B 416 -6.23 4.07 -5.87
CA ASP B 416 -6.09 4.98 -4.75
C ASP B 416 -6.53 6.37 -5.20
N PHE B 417 -7.58 6.90 -4.57
CA PHE B 417 -8.14 8.17 -5.05
C PHE B 417 -7.17 9.34 -4.88
N ALA B 418 -6.49 9.43 -3.73
CA ALA B 418 -5.56 10.53 -3.54
C ALA B 418 -4.51 10.54 -4.63
N ALA B 419 -4.00 9.37 -4.99
CA ALA B 419 -3.00 9.30 -6.05
C ALA B 419 -3.62 9.61 -7.43
N ASN B 420 -4.83 9.12 -7.68
CA ASN B 420 -5.39 9.23 -9.02
C ASN B 420 -5.94 10.63 -9.28
N VAL B 421 -6.43 11.31 -8.25
CA VAL B 421 -6.91 12.67 -8.46
C VAL B 421 -5.73 13.63 -8.59
N ARG B 422 -4.63 13.35 -7.90
CA ARG B 422 -3.39 14.09 -8.13
C ARG B 422 -2.86 13.83 -9.55
N GLU B 423 -3.00 12.60 -10.05
CA GLU B 423 -2.58 12.31 -11.42
C GLU B 423 -3.38 13.17 -12.42
N LEU B 424 -4.70 13.20 -12.26
CA LEU B 424 -5.54 14.08 -13.09
C LEU B 424 -5.06 15.53 -13.01
N ALA B 425 -4.85 16.03 -11.79
CA ALA B 425 -4.54 17.44 -11.62
C ALA B 425 -3.17 17.78 -12.19
N ASP B 426 -2.18 16.90 -11.97
CA ASP B 426 -0.85 17.12 -12.53
C ASP B 426 -0.87 17.07 -14.05
N ALA B 427 -1.67 16.15 -14.62
CA ALA B 427 -1.77 16.09 -16.07
C ALA B 427 -2.49 17.31 -16.63
N ALA B 428 -3.45 17.87 -15.90
CA ALA B 428 -4.15 19.06 -16.38
C ALA B 428 -3.25 20.28 -16.30
N VAL B 429 -2.47 20.38 -15.22
CA VAL B 429 -1.57 21.52 -15.10
C VAL B 429 -0.49 21.47 -16.17
N ASP B 430 0.04 20.27 -16.45
CA ASP B 430 1.00 20.12 -17.53
C ASP B 430 0.39 20.47 -18.88
N ARG B 431 -0.81 19.95 -19.14
CA ARG B 431 -1.46 20.23 -20.42
C ARG B 431 -1.71 21.73 -20.60
N LEU B 432 -2.13 22.41 -19.53
CA LEU B 432 -2.30 23.86 -19.57
C LEU B 432 -1.02 24.56 -19.98
N ALA B 433 0.11 24.18 -19.36
CA ALA B 433 1.39 24.77 -19.74
C ALA B 433 1.69 24.51 -21.21
N GLU B 434 1.34 23.34 -21.71
CA GLU B 434 1.62 23.02 -23.11
C GLU B 434 0.84 23.94 -24.04
N VAL B 435 -0.45 24.18 -23.77
CA VAL B 435 -1.23 24.98 -24.71
C VAL B 435 -0.87 26.46 -24.64
N SER B 436 -0.30 26.94 -23.54
CA SER B 436 0.23 28.30 -23.49
C SER B 436 1.53 28.44 -24.30
N GLY C 8 -27.15 4.75 23.45
CA GLY C 8 -25.89 5.11 24.08
C GLY C 8 -24.91 5.81 23.15
N ARG C 9 -25.41 6.32 22.03
CA ARG C 9 -24.57 6.91 21.01
C ARG C 9 -24.70 8.43 20.89
N ALA C 10 -25.50 9.07 21.73
CA ALA C 10 -25.75 10.51 21.60
C ALA C 10 -24.69 11.30 22.38
N LEU C 11 -23.75 11.90 21.65
CA LEU C 11 -22.68 12.69 22.25
C LEU C 11 -22.93 14.17 21.98
N ALA C 12 -22.80 15.02 23.00
CA ALA C 12 -22.84 16.45 22.81
C ALA C 12 -21.55 17.10 23.26
N PHE C 13 -21.06 18.05 22.48
CA PHE C 13 -20.07 19.00 22.94
C PHE C 13 -20.80 20.28 23.33
N VAL C 14 -20.63 20.69 24.58
CA VAL C 14 -21.17 21.96 25.06
C VAL C 14 -20.00 22.92 25.13
N TRP C 15 -20.04 23.93 24.26
CA TRP C 15 -19.02 24.97 24.21
C TRP C 15 -19.54 26.16 25.02
N LEU C 16 -18.90 26.44 26.14
CA LEU C 16 -19.26 27.58 26.98
C LEU C 16 -18.27 28.71 26.72
N MET C 17 -18.73 29.78 26.08
CA MET C 17 -17.82 30.77 25.54
C MET C 17 -18.34 32.17 25.86
N VAL C 18 -17.44 33.06 26.28
CA VAL C 18 -17.91 34.39 26.66
C VAL C 18 -18.31 35.23 25.45
N GLU C 19 -17.91 34.85 24.24
CA GLU C 19 -18.31 35.58 23.04
C GLU C 19 -18.31 34.61 21.87
N GLY C 20 -18.78 35.12 20.73
CA GLY C 20 -18.67 34.38 19.48
C GLY C 20 -19.93 34.27 18.67
N ALA C 21 -21.09 34.66 19.23
CA ALA C 21 -22.29 34.65 18.42
C ALA C 21 -22.93 36.03 18.45
N GLN C 22 -23.57 36.38 19.57
CA GLN C 22 -24.11 37.73 19.73
C GLN C 22 -23.03 38.78 19.54
N VAL C 23 -21.81 38.48 19.98
CA VAL C 23 -20.71 39.43 20.06
C VAL C 23 -19.46 38.75 19.55
N ALA C 24 -18.65 39.47 18.78
CA ALA C 24 -17.36 38.96 18.33
C ALA C 24 -16.36 40.09 18.43
N ALA C 25 -15.39 39.97 19.36
CA ALA C 25 -14.38 41.02 19.53
C ALA C 25 -12.95 40.48 19.61
N GLY C 26 -12.75 39.26 20.10
CA GLY C 26 -11.41 38.78 20.36
C GLY C 26 -11.19 37.37 19.87
N GLY C 27 -10.20 36.71 20.47
CA GLY C 27 -9.81 35.38 20.02
C GLY C 27 -10.83 34.30 20.33
N VAL C 28 -11.57 34.42 21.45
CA VAL C 28 -12.61 33.43 21.75
C VAL C 28 -13.64 33.40 20.62
N ALA C 29 -14.06 34.58 20.13
CA ALA C 29 -15.01 34.64 19.03
C ALA C 29 -14.45 33.97 17.77
N GLY C 30 -13.16 34.19 17.48
CA GLY C 30 -12.55 33.53 16.33
C GLY C 30 -12.54 32.02 16.49
N TYR C 31 -12.31 31.54 17.72
CA TYR C 31 -12.32 30.10 17.98
C TYR C 31 -13.70 29.52 17.70
N VAL C 32 -14.74 30.19 18.20
CA VAL C 32 -16.12 29.77 17.93
C VAL C 32 -16.38 29.73 16.42
N ARG C 33 -15.91 30.74 15.68
CA ARG C 33 -16.17 30.78 14.24
C ARG C 33 -15.48 29.62 13.52
N ASN C 34 -14.24 29.32 13.89
CA ASN C 34 -13.53 28.24 13.21
C ASN C 34 -14.10 26.89 13.59
N LEU C 35 -14.58 26.78 14.83
CA LEU C 35 -15.17 25.54 15.31
C LEU C 35 -16.44 25.19 14.54
N LEU C 36 -17.31 26.17 14.31
CA LEU C 36 -18.53 25.89 13.56
C LEU C 36 -18.21 25.47 12.13
N ASP C 37 -17.24 26.13 11.49
CA ASP C 37 -16.77 25.67 10.18
C ASP C 37 -16.32 24.22 10.20
N GLU C 38 -15.78 23.74 11.32
CA GLU C 38 -15.29 22.37 11.41
C GLU C 38 -16.33 21.38 11.87
N GLN C 39 -17.53 21.85 12.23
CA GLN C 39 -18.52 20.98 12.87
C GLN C 39 -18.86 19.76 12.01
N ASP C 40 -19.14 19.98 10.71
CA ASP C 40 -19.52 18.86 9.85
C ASP C 40 -18.41 17.82 9.77
N ALA C 41 -17.16 18.26 9.65
CA ALA C 41 -16.05 17.31 9.63
C ALA C 41 -15.95 16.53 10.94
N LEU C 42 -16.14 17.22 12.07
CA LEU C 42 -16.08 16.56 13.37
C LEU C 42 -17.19 15.54 13.51
N ARG C 43 -18.41 15.93 13.13
CA ARG C 43 -19.54 15.00 13.12
C ARG C 43 -19.20 13.75 12.32
N ASP C 44 -18.75 13.93 11.07
CA ASP C 44 -18.36 12.79 10.25
C ASP C 44 -17.30 11.95 10.95
N HIS C 45 -16.25 12.60 11.47
CA HIS C 45 -15.14 11.87 12.07
C HIS C 45 -15.59 11.08 13.30
N LEU C 46 -16.42 11.68 14.15
CA LEU C 46 -16.84 11.01 15.36
C LEU C 46 -17.91 9.96 15.11
N ALA C 47 -18.75 10.16 14.08
CA ALA C 47 -19.71 9.13 13.69
C ALA C 47 -19.00 7.80 13.43
N GLU C 48 -17.82 7.85 12.84
CA GLU C 48 -17.09 6.62 12.56
C GLU C 48 -16.46 6.04 13.81
N ARG C 49 -16.36 6.81 14.89
CA ARG C 49 -16.00 6.27 16.19
C ARG C 49 -17.21 5.88 17.02
N GLY C 50 -18.40 5.85 16.42
CA GLY C 50 -19.58 5.34 17.08
C GLY C 50 -20.41 6.37 17.83
N TRP C 51 -20.21 7.65 17.58
CA TRP C 51 -20.91 8.71 18.30
C TRP C 51 -21.68 9.57 17.33
N SER C 52 -22.95 9.85 17.63
CA SER C 52 -23.70 10.86 16.92
C SER C 52 -23.59 12.18 17.69
N VAL C 53 -23.03 13.21 17.05
CA VAL C 53 -22.53 14.38 17.74
C VAL C 53 -23.47 15.56 17.54
N GLU C 54 -23.81 16.20 18.65
CA GLU C 54 -24.56 17.46 18.67
C GLU C 54 -23.66 18.55 19.24
N PHE C 55 -23.72 19.76 18.66
CA PHE C 55 -23.02 20.91 19.23
C PHE C 55 -24.01 21.83 19.95
N VAL C 56 -23.68 22.18 21.19
CA VAL C 56 -24.45 23.16 21.96
C VAL C 56 -23.52 24.33 22.29
N LEU C 57 -23.96 25.54 21.99
CA LEU C 57 -23.18 26.74 22.29
C LEU C 57 -23.89 27.55 23.37
N GLY C 58 -23.16 27.87 24.45
CA GLY C 58 -23.70 28.72 25.49
C GLY C 58 -22.88 30.00 25.59
N GLU C 59 -23.56 31.15 25.59
CA GLU C 59 -22.93 32.47 25.59
C GLU C 59 -23.77 33.38 26.48
N PRO C 60 -23.16 34.23 27.29
CA PRO C 60 -23.95 35.13 28.13
C PRO C 60 -24.84 36.02 27.27
N PHE C 61 -26.05 36.28 27.77
CA PHE C 61 -26.94 37.27 27.16
C PHE C 61 -26.20 38.58 26.99
N TYR C 62 -26.26 39.15 25.78
CA TYR C 62 -25.76 40.49 25.56
C TYR C 62 -26.91 41.44 25.24
N ASP C 63 -26.73 42.67 25.65
CA ASP C 63 -27.60 43.76 25.19
C ASP C 63 -27.21 44.17 23.78
N PRO C 64 -28.17 44.47 22.91
CA PRO C 64 -27.82 44.88 21.53
C PRO C 64 -26.87 46.08 21.45
N GLY C 65 -26.67 46.80 22.55
CA GLY C 65 -25.70 47.89 22.59
C GLY C 65 -24.30 47.48 22.96
N ALA C 66 -24.06 46.21 23.23
CA ALA C 66 -22.72 45.79 23.59
C ALA C 66 -21.76 46.04 22.43
N PRO C 67 -20.52 46.43 22.70
CA PRO C 67 -19.53 46.51 21.62
C PRO C 67 -19.42 45.18 20.90
N GLY C 68 -19.45 45.22 19.58
CA GLY C 68 -19.34 44.03 18.77
C GLY C 68 -20.63 43.26 18.60
N TYR C 69 -21.75 43.77 19.11
CA TYR C 69 -23.03 43.10 18.94
C TYR C 69 -23.44 43.08 17.47
N ASP C 70 -23.80 41.90 16.96
CA ASP C 70 -24.30 41.76 15.59
C ASP C 70 -25.46 40.78 15.61
N GLU C 71 -26.67 41.32 15.54
CA GLU C 71 -27.87 40.47 15.53
C GLU C 71 -27.83 39.46 14.38
N GLU C 72 -27.22 39.83 13.25
CA GLU C 72 -27.19 38.93 12.10
C GLU C 72 -26.18 37.80 12.29
N ARG C 73 -25.04 38.08 12.92
CA ARG C 73 -24.15 36.98 13.29
C ARG C 73 -24.84 36.03 14.27
N TRP C 74 -25.57 36.57 15.25
CA TRP C 74 -26.32 35.71 16.16
C TRP C 74 -27.29 34.82 15.39
N ARG C 75 -28.02 35.38 14.43
CA ARG C 75 -28.97 34.58 13.67
C ARG C 75 -28.26 33.50 12.87
N ARG C 76 -27.13 33.84 12.23
CA ARG C 76 -26.40 32.84 11.45
C ARG C 76 -25.94 31.68 12.33
N VAL C 77 -25.34 31.99 13.49
CA VAL C 77 -24.91 30.93 14.40
C VAL C 77 -26.12 30.10 14.84
N ARG C 78 -27.20 30.78 15.21
CA ARG C 78 -28.45 30.09 15.55
C ARG C 78 -28.89 29.13 14.45
N GLU C 79 -29.00 29.62 13.21
CA GLU C 79 -29.41 28.74 12.11
C GLU C 79 -28.40 27.62 11.89
N HIS C 80 -27.11 27.94 11.96
CA HIS C 80 -26.10 26.92 11.72
C HIS C 80 -26.28 25.73 12.66
N LEU C 81 -26.49 26.01 13.95
CA LEU C 81 -26.57 24.94 14.94
C LEU C 81 -27.92 24.22 14.87
N ALA C 82 -29.01 24.98 14.67
CA ALA C 82 -30.32 24.34 14.57
C ALA C 82 -30.39 23.41 13.37
N ALA C 83 -29.84 23.85 12.23
CA ALA C 83 -29.81 23.01 11.04
C ALA C 83 -29.10 21.69 11.28
N ARG C 84 -28.30 21.60 12.34
CA ARG C 84 -27.51 20.41 12.61
C ARG C 84 -28.00 19.67 13.85
N GLY C 85 -29.18 19.99 14.35
CA GLY C 85 -29.69 19.32 15.52
C GLY C 85 -29.15 19.83 16.84
N GLY C 86 -28.38 20.92 16.84
CA GLY C 86 -27.86 21.51 18.05
C GLY C 86 -28.60 22.78 18.42
N ARG C 87 -27.97 23.58 19.27
CA ARG C 87 -28.62 24.83 19.63
C ARG C 87 -27.60 25.81 20.19
N ALA C 88 -27.93 27.09 20.07
CA ALA C 88 -27.27 28.18 20.78
C ALA C 88 -28.19 28.63 21.91
N VAL C 89 -27.61 28.81 23.10
CA VAL C 89 -28.36 29.17 24.30
C VAL C 89 -27.70 30.40 24.92
N ARG C 90 -28.49 31.46 25.10
CA ARG C 90 -28.01 32.62 25.82
C ARG C 90 -28.16 32.40 27.32
N LEU C 91 -27.14 32.81 28.07
CA LEU C 91 -26.98 32.43 29.47
C LEU C 91 -27.10 33.65 30.37
N VAL C 92 -27.88 33.53 31.43
CA VAL C 92 -27.97 34.58 32.44
C VAL C 92 -26.62 34.75 33.13
N SER C 93 -26.19 36.00 33.31
CA SER C 93 -24.95 36.26 34.02
C SER C 93 -25.12 37.33 35.10
N ASP C 94 -26.36 37.59 35.53
CA ASP C 94 -26.68 38.58 36.56
C ASP C 94 -25.99 39.90 36.28
N SER C 95 -26.10 40.35 35.03
CA SER C 95 -25.40 41.55 34.61
C SER C 95 -26.26 42.29 33.60
N ASP C 96 -25.80 43.48 33.21
CA ASP C 96 -26.55 44.30 32.27
C ASP C 96 -26.42 43.82 30.82
N GLY C 97 -25.44 42.97 30.53
CA GLY C 97 -25.29 42.48 29.17
C GLY C 97 -24.52 43.39 28.25
N LEU C 98 -23.72 44.31 28.78
CA LEU C 98 -22.96 45.22 27.93
C LEU C 98 -21.51 44.83 27.74
N ASP C 99 -20.95 43.97 28.59
CA ASP C 99 -19.50 43.80 28.65
C ASP C 99 -19.03 42.43 28.17
N GLY C 100 -19.52 41.35 28.76
CA GLY C 100 -18.90 40.05 28.50
C GLY C 100 -17.77 39.71 29.46
N TRP C 101 -17.53 40.55 30.46
CA TRP C 101 -16.61 40.25 31.55
C TRP C 101 -17.16 40.91 32.80
N GLY C 102 -16.57 40.60 33.94
CA GLY C 102 -17.06 41.19 35.18
C GLY C 102 -16.31 40.70 36.40
N GLU C 103 -16.99 40.70 37.53
CA GLU C 103 -16.41 40.32 38.80
C GLU C 103 -17.04 39.01 39.29
N GLU C 104 -17.14 38.87 40.61
CA GLU C 104 -17.60 37.63 41.22
C GLU C 104 -19.04 37.33 40.81
N ARG C 105 -19.90 38.35 40.82
CA ARG C 105 -21.31 38.14 40.51
C ARG C 105 -21.49 37.60 39.09
N PHE C 106 -20.80 38.22 38.14
CA PHE C 106 -20.82 37.77 36.74
C PHE C 106 -20.25 36.36 36.61
N PHE C 107 -19.06 36.13 37.18
CA PHE C 107 -18.44 34.81 37.07
C PHE C 107 -19.33 33.75 37.70
N HIS C 108 -19.94 34.07 38.85
CA HIS C 108 -20.70 33.08 39.59
C HIS C 108 -21.99 32.72 38.87
N ALA C 109 -22.73 33.72 38.41
CA ALA C 109 -24.00 33.47 37.74
C ALA C 109 -23.78 32.74 36.41
N LEU C 110 -22.81 33.22 35.63
CA LEU C 110 -22.52 32.63 34.31
C LEU C 110 -22.01 31.20 34.44
N SER C 111 -21.21 30.92 35.48
CA SER C 111 -20.81 29.53 35.73
C SER C 111 -22.01 28.69 36.17
N ALA C 112 -22.88 29.26 37.02
CA ALA C 112 -24.05 28.52 37.44
C ALA C 112 -24.93 28.13 36.24
N THR C 113 -25.15 29.07 35.32
CA THR C 113 -26.02 28.76 34.20
C THR C 113 -25.27 27.97 33.11
N GLY C 114 -23.97 28.20 32.95
CA GLY C 114 -23.18 27.28 32.15
C GLY C 114 -23.28 25.85 32.64
N ALA C 115 -23.17 25.67 33.96
CA ALA C 115 -23.30 24.33 34.54
C ALA C 115 -24.70 23.78 34.31
N GLN C 116 -25.72 24.65 34.41
CA GLN C 116 -27.09 24.26 34.15
C GLN C 116 -27.26 23.75 32.71
N LEU C 117 -26.68 24.48 31.75
CA LEU C 117 -26.76 24.06 30.34
C LEU C 117 -26.08 22.71 30.14
N VAL C 118 -24.92 22.50 30.77
CA VAL C 118 -24.24 21.21 30.69
C VAL C 118 -25.15 20.09 31.19
N LEU C 119 -25.81 20.30 32.34
CA LEU C 119 -26.60 19.23 32.93
C LEU C 119 -27.92 19.01 32.19
N ASP C 120 -28.55 20.10 31.72
CA ASP C 120 -29.72 19.93 30.86
C ASP C 120 -29.35 19.18 29.59
N THR C 121 -28.15 19.43 29.06
CA THR C 121 -27.70 18.65 27.90
C THR C 121 -27.46 17.20 28.28
N ALA C 122 -26.87 16.95 29.45
CA ALA C 122 -26.63 15.58 29.87
C ALA C 122 -27.94 14.81 30.09
N GLU C 123 -29.03 15.52 30.43
CA GLU C 123 -30.29 14.82 30.65
C GLU C 123 -30.83 14.22 29.35
N ARG C 124 -30.51 14.79 28.20
CA ARG C 124 -31.06 14.28 26.93
C ARG C 124 -30.02 13.67 26.02
N CYS C 125 -28.81 13.38 26.52
CA CYS C 125 -27.76 12.76 25.74
C CYS C 125 -27.16 11.62 26.56
N ASP C 126 -26.27 10.87 25.93
CA ASP C 126 -25.60 9.79 26.65
C ASP C 126 -24.23 10.20 27.19
N ALA C 127 -23.61 11.21 26.60
CA ALA C 127 -22.31 11.66 27.08
C ALA C 127 -22.18 13.11 26.68
N VAL C 128 -21.43 13.87 27.49
CA VAL C 128 -21.24 15.29 27.23
C VAL C 128 -19.77 15.64 27.43
N VAL C 129 -19.20 16.34 26.46
CA VAL C 129 -17.90 16.99 26.63
C VAL C 129 -18.17 18.48 26.82
N ALA C 130 -17.94 18.98 28.02
CA ALA C 130 -18.21 20.36 28.37
C ALA C 130 -16.91 21.13 28.23
N VAL C 131 -16.77 21.89 27.15
CA VAL C 131 -15.57 22.69 26.92
C VAL C 131 -15.88 24.11 27.41
N SER C 132 -15.33 24.46 28.57
CA SER C 132 -15.56 25.78 29.14
C SER C 132 -14.31 26.65 28.95
N GLY C 133 -14.53 27.96 28.80
CA GLY C 133 -13.45 28.87 28.48
C GLY C 133 -13.39 30.09 29.39
N THR C 134 -12.16 30.42 29.82
CA THR C 134 -11.82 31.58 30.65
C THR C 134 -12.37 31.48 32.07
N SER C 135 -11.89 32.35 32.96
CA SER C 135 -12.28 32.34 34.37
C SER C 135 -13.78 32.50 34.57
N ALA C 136 -14.46 33.13 33.61
CA ALA C 136 -15.90 33.33 33.76
C ALA C 136 -16.65 32.01 33.84
N PHE C 137 -16.14 30.94 33.21
CA PHE C 137 -16.76 29.61 33.27
C PHE C 137 -15.92 28.62 34.07
N ALA C 138 -14.87 29.07 34.74
CA ALA C 138 -13.96 28.14 35.41
C ALA C 138 -14.61 27.41 36.58
N ARG C 139 -15.66 27.96 37.17
CA ARG C 139 -16.34 27.23 38.24
C ARG C 139 -17.33 26.20 37.71
N VAL C 140 -17.54 26.12 36.40
CA VAL C 140 -18.51 25.17 35.85
C VAL C 140 -18.17 23.73 36.19
N PRO C 141 -16.92 23.25 36.03
CA PRO C 141 -16.66 21.83 36.37
C PRO C 141 -17.00 21.51 37.82
N GLY C 142 -16.59 22.39 38.74
CA GLY C 142 -16.89 22.14 40.14
C GLY C 142 -18.38 22.13 40.45
N MET C 143 -19.15 23.06 39.87
CA MET C 143 -20.57 23.09 40.18
C MET C 143 -21.30 21.88 39.63
N VAL C 144 -20.94 21.45 38.41
CA VAL C 144 -21.52 20.23 37.85
C VAL C 144 -21.14 19.02 38.68
N GLN C 145 -19.84 18.85 38.95
CA GLN C 145 -19.38 17.60 39.54
C GLN C 145 -19.71 17.52 41.03
N ARG C 146 -19.82 18.65 41.72
CA ARG C 146 -20.24 18.63 43.12
C ARG C 146 -21.69 18.20 43.29
N GLN C 147 -22.59 18.67 42.41
CA GLN C 147 -24.02 18.64 42.67
C GLN C 147 -24.84 17.85 41.65
N GLY C 148 -24.29 17.53 40.48
CA GLY C 148 -25.07 16.96 39.40
C GLY C 148 -25.44 15.48 39.47
N GLY C 149 -24.95 14.73 40.46
CA GLY C 149 -25.37 13.34 40.64
C GLY C 149 -25.08 12.47 39.41
N GLU C 150 -26.08 11.68 39.02
CA GLU C 150 -25.90 10.77 37.89
C GLU C 150 -25.73 11.51 36.56
N LEU C 151 -26.35 12.69 36.42
CA LEU C 151 -26.14 13.47 35.20
C LEU C 151 -24.69 13.91 35.08
N ALA C 152 -24.06 14.27 36.21
CA ALA C 152 -22.67 14.72 36.20
C ALA C 152 -21.72 13.60 35.78
N ALA C 153 -22.04 12.36 36.14
CA ALA C 153 -21.21 11.23 35.73
C ALA C 153 -21.31 10.94 34.23
N LYS C 154 -22.11 11.70 33.46
CA LYS C 154 -22.09 11.57 32.01
C LYS C 154 -21.17 12.58 31.35
N VAL C 155 -20.47 13.40 32.15
CA VAL C 155 -19.80 14.59 31.65
C VAL C 155 -18.29 14.45 31.81
N LEU C 156 -17.56 14.90 30.79
CA LEU C 156 -16.14 15.17 30.90
C LEU C 156 -15.95 16.67 30.68
N HIS C 157 -15.31 17.33 31.64
CA HIS C 157 -15.03 18.76 31.53
C HIS C 157 -13.64 18.97 30.93
N VAL C 158 -13.53 19.91 30.00
CA VAL C 158 -12.26 20.38 29.50
C VAL C 158 -12.28 21.90 29.64
N HIS C 159 -11.55 22.41 30.62
CA HIS C 159 -11.53 23.84 30.85
C HIS C 159 -10.29 24.44 30.22
N THR C 160 -10.48 25.51 29.44
CA THR C 160 -9.41 25.99 28.58
C THR C 160 -9.43 27.51 28.55
N PHE C 161 -8.45 28.09 27.83
CA PHE C 161 -8.31 29.55 27.64
C PHE C 161 -7.95 30.28 28.92
N GLY C 162 -6.91 29.78 29.60
CA GLY C 162 -6.23 30.61 30.57
C GLY C 162 -6.45 30.22 32.02
N LEU C 163 -5.38 30.10 32.77
CA LEU C 163 -5.41 30.09 34.22
C LEU C 163 -4.53 31.23 34.73
N ALA C 164 -4.95 31.86 35.82
CA ALA C 164 -4.23 33.03 36.35
C ALA C 164 -2.78 32.69 36.66
N THR C 165 -1.86 33.49 36.14
CA THR C 165 -0.44 33.19 36.36
C THR C 165 0.32 34.39 36.89
N VAL C 171 -1.74 41.93 37.64
CA VAL C 171 -2.20 41.02 38.69
C VAL C 171 -3.69 40.79 38.54
N PRO C 172 -4.09 39.53 38.31
CA PRO C 172 -5.50 39.22 38.10
C PRO C 172 -6.36 39.68 39.26
N SER C 173 -7.63 39.89 38.96
CA SER C 173 -8.59 40.29 39.96
C SER C 173 -8.76 39.16 40.99
N PRO C 174 -9.25 39.49 42.18
CA PRO C 174 -9.63 38.43 43.14
C PRO C 174 -10.55 37.39 42.51
N ALA C 175 -11.50 37.83 41.68
CA ALA C 175 -12.46 36.90 41.08
C ALA C 175 -11.79 35.93 40.13
N GLU C 176 -10.81 36.41 39.36
CA GLU C 176 -10.09 35.50 38.46
C GLU C 176 -9.26 34.50 39.25
N ILE C 177 -8.55 34.96 40.28
CA ILE C 177 -7.73 34.07 41.10
C ILE C 177 -8.59 32.99 41.74
N ALA C 178 -9.76 33.37 42.26
CA ALA C 178 -10.59 32.40 42.95
C ALA C 178 -11.20 31.39 41.98
N ALA C 179 -11.67 31.87 40.83
CA ALA C 179 -12.29 30.97 39.86
C ALA C 179 -11.27 29.99 39.31
N ASP C 180 -10.06 30.48 38.98
CA ASP C 180 -9.05 29.58 38.44
C ASP C 180 -8.52 28.64 39.52
N GLY C 181 -8.43 29.10 40.77
CA GLY C 181 -8.05 28.19 41.85
C GLY C 181 -9.09 27.11 42.07
N ASP C 182 -10.37 27.46 41.89
CA ASP C 182 -11.43 26.47 42.00
C ASP C 182 -11.29 25.38 40.94
N VAL C 183 -11.10 25.77 39.66
CA VAL C 183 -11.01 24.75 38.62
C VAL C 183 -9.72 23.94 38.77
N ALA C 184 -8.63 24.55 39.23
CA ALA C 184 -7.43 23.76 39.50
C ALA C 184 -7.72 22.70 40.56
N PHE C 185 -8.39 23.10 41.64
CA PHE C 185 -8.78 22.14 42.67
C PHE C 185 -9.58 21.01 42.06
N TRP C 186 -10.55 21.35 41.21
CA TRP C 186 -11.43 20.32 40.67
C TRP C 186 -10.71 19.43 39.66
N THR C 187 -9.75 19.99 38.92
CA THR C 187 -8.93 19.19 38.02
C THR C 187 -8.13 18.15 38.81
N ARG C 188 -7.62 18.52 39.98
CA ARG C 188 -6.91 17.55 40.80
C ARG C 188 -7.89 16.58 41.46
N GLN C 189 -9.02 17.11 41.94
CA GLN C 189 -9.97 16.31 42.69
C GLN C 189 -10.66 15.24 41.83
N SER C 190 -11.06 15.59 40.60
CA SER C 190 -12.04 14.78 39.87
C SER C 190 -11.47 14.22 38.58
N ASP C 191 -11.72 12.92 38.35
CA ASP C 191 -11.37 12.25 37.11
C ASP C 191 -12.07 12.82 35.89
N ARG C 192 -13.16 13.58 36.08
CA ARG C 192 -13.95 14.09 34.98
C ARG C 192 -13.62 15.53 34.65
N VAL C 193 -12.53 16.07 35.20
CA VAL C 193 -12.20 17.47 34.99
C VAL C 193 -10.78 17.53 34.44
N SER C 194 -10.64 18.05 33.22
CA SER C 194 -9.34 18.19 32.57
C SER C 194 -9.12 19.66 32.23
N VAL C 195 -7.86 20.04 32.11
CA VAL C 195 -7.52 21.38 31.60
C VAL C 195 -7.08 21.21 30.16
N GLY C 196 -7.70 21.99 29.27
CA GLY C 196 -7.33 21.94 27.87
C GLY C 196 -6.20 22.90 27.58
N TYR C 197 -4.98 22.42 27.43
CA TYR C 197 -3.85 23.32 27.26
C TYR C 197 -3.74 23.79 25.82
N ILE C 198 -3.40 25.07 25.65
CA ILE C 198 -3.39 25.66 24.32
C ILE C 198 -2.02 25.65 23.68
N SER C 199 -0.98 25.23 24.41
CA SER C 199 0.38 25.28 23.89
C SER C 199 1.25 24.41 24.79
N ARG C 200 2.41 24.04 24.27
CA ARG C 200 3.36 23.31 25.10
C ARG C 200 3.75 24.15 26.32
N TYR C 201 3.87 25.46 26.13
CA TYR C 201 4.26 26.36 27.21
C TYR C 201 3.25 26.31 28.36
N THR C 202 1.94 26.40 28.06
CA THR C 202 0.97 26.40 29.15
C THR C 202 0.80 25.02 29.77
N ALA C 203 0.99 23.94 29.00
CA ALA C 203 0.93 22.62 29.60
C ALA C 203 1.97 22.47 30.70
N GLU C 204 3.21 22.90 30.40
CA GLU C 204 4.27 22.91 31.42
C GLU C 204 3.93 23.87 32.54
N LEU C 205 3.46 25.07 32.18
CA LEU C 205 3.22 26.10 33.17
C LEU C 205 2.15 25.67 34.17
N TYR C 206 1.06 25.07 33.69
CA TYR C 206 -0.02 24.70 34.61
C TYR C 206 0.36 23.50 35.45
N ALA C 207 1.12 22.56 34.90
CA ALA C 207 1.63 21.46 35.72
C ALA C 207 2.47 22.00 36.87
N ARG C 208 3.32 22.99 36.61
CA ARG C 208 4.20 23.50 37.65
C ARG C 208 3.49 24.49 38.58
N THR C 209 2.62 25.33 38.03
CA THR C 209 2.01 26.45 38.77
C THR C 209 0.79 26.01 39.56
N TYR C 210 0.04 25.04 39.05
CA TYR C 210 -1.23 24.65 39.65
C TYR C 210 -1.23 23.19 40.05
N ALA C 211 -0.10 22.50 39.94
CA ALA C 211 0.00 21.08 40.31
C ALA C 211 -1.06 20.26 39.58
N ILE C 212 -1.35 20.63 38.34
CA ILE C 212 -2.25 19.87 37.48
C ILE C 212 -1.57 18.55 37.14
N PRO C 213 -2.19 17.41 37.47
CA PRO C 213 -1.62 16.11 37.07
C PRO C 213 -1.55 15.98 35.55
N ALA C 214 -0.56 15.21 35.09
CA ALA C 214 -0.38 14.98 33.66
C ALA C 214 -1.61 14.33 33.03
N ALA C 215 -2.26 13.43 33.75
CA ALA C 215 -3.44 12.74 33.21
C ALA C 215 -4.65 13.65 33.10
N ALA C 216 -4.59 14.87 33.63
CA ALA C 216 -5.70 15.82 33.57
C ALA C 216 -5.40 16.97 32.62
N LEU C 217 -4.31 16.88 31.86
CA LEU C 217 -3.99 17.84 30.81
C LEU C 217 -4.34 17.23 29.46
N LEU C 218 -5.15 17.94 28.69
CA LEU C 218 -5.71 17.45 27.46
C LEU C 218 -5.47 18.52 26.40
N PRO C 219 -5.11 18.14 25.16
CA PRO C 219 -4.74 19.15 24.16
C PRO C 219 -5.96 19.93 23.65
N ASN C 220 -5.85 21.26 23.66
CA ASN C 220 -6.74 22.16 22.93
C ASN C 220 -5.87 23.24 22.29
N ARG C 221 -4.98 22.81 21.41
CA ARG C 221 -3.82 23.62 21.07
C ARG C 221 -4.14 24.67 20.02
N SER C 222 -3.76 25.92 20.30
CA SER C 222 -4.04 27.04 19.42
C SER C 222 -3.48 26.78 18.03
N ALA C 223 -4.17 27.29 17.01
CA ALA C 223 -3.94 26.90 15.63
C ALA C 223 -4.64 27.90 14.73
N ILE C 224 -4.44 27.77 13.41
CA ILE C 224 -5.08 28.69 12.47
C ILE C 224 -5.85 27.89 11.41
N PRO C 225 -6.91 28.46 10.82
CA PRO C 225 -7.61 27.78 9.73
C PRO C 225 -6.86 27.96 8.42
N ARG C 226 -5.95 27.02 8.12
CA ARG C 226 -4.95 27.21 7.05
C ARG C 226 -5.59 27.53 5.72
N HIS C 227 -6.79 27.03 5.49
CA HIS C 227 -7.38 27.12 4.17
C HIS C 227 -8.28 28.32 4.00
N ALA C 228 -8.40 29.16 5.03
CA ALA C 228 -9.14 30.42 4.90
C ALA C 228 -8.53 31.27 3.79
N PRO C 229 -9.37 31.92 2.97
CA PRO C 229 -8.85 32.80 1.91
C PRO C 229 -7.92 33.89 2.42
N ARG C 230 -8.10 34.35 3.66
CA ARG C 230 -7.24 35.40 4.17
C ARG C 230 -5.78 34.99 4.22
N PHE C 231 -5.47 33.69 4.13
CA PHE C 231 -4.10 33.22 4.09
C PHE C 231 -3.65 32.86 2.67
N GLY C 232 -4.37 33.33 1.65
CA GLY C 232 -4.06 32.95 0.29
C GLY C 232 -2.71 33.48 -0.17
N VAL C 233 -2.02 32.67 -0.96
CA VAL C 233 -0.80 33.10 -1.63
C VAL C 233 -1.14 34.22 -2.62
N LEU C 234 -0.35 35.28 -2.59
CA LEU C 234 -0.55 36.44 -3.46
C LEU C 234 0.51 36.46 -4.55
N THR C 235 0.10 36.80 -5.77
CA THR C 235 1.07 37.09 -6.81
C THR C 235 1.87 38.34 -6.45
N GLU C 236 3.04 38.46 -7.08
CA GLU C 236 3.85 39.67 -6.91
C GLU C 236 3.09 40.91 -7.34
N GLU C 237 2.24 40.77 -8.37
CA GLU C 237 1.41 41.87 -8.81
C GLU C 237 0.49 42.35 -7.68
N ARG C 238 -0.24 41.41 -7.07
CA ARG C 238 -1.15 41.77 -5.99
C ARG C 238 -0.38 42.28 -4.77
N ILE C 239 0.78 41.68 -4.48
CA ILE C 239 1.58 42.16 -3.34
C ILE C 239 1.95 43.62 -3.54
N ASN C 240 2.53 43.95 -4.69
CA ASN C 240 2.95 45.33 -4.96
C ASN C 240 1.77 46.27 -4.99
N GLU C 241 0.62 45.81 -5.48
CA GLU C 241 -0.57 46.66 -5.51
C GLU C 241 -1.00 47.04 -4.09
N ARG C 242 -0.99 46.09 -3.16
CA ARG C 242 -1.51 46.36 -1.82
C ARG C 242 -0.54 47.19 -0.97
N ILE C 243 0.77 47.02 -1.15
CA ILE C 243 1.72 47.76 -0.35
C ILE C 243 2.07 49.10 -0.98
N ALA C 244 1.49 49.43 -2.14
CA ALA C 244 1.86 50.67 -2.83
C ALA C 244 1.56 51.90 -1.99
N GLY C 245 0.49 51.86 -1.19
CA GLY C 245 0.09 52.99 -0.39
C GLY C 245 0.68 53.02 0.99
N LEU C 246 1.67 52.18 1.27
CA LEU C 246 2.21 52.03 2.62
C LEU C 246 3.42 52.91 2.89
N GLY C 247 3.92 53.64 1.88
CA GLY C 247 5.04 54.54 2.10
C GLY C 247 6.36 53.86 2.34
N LEU C 248 6.61 52.73 1.66
CA LEU C 248 7.83 51.95 1.81
C LEU C 248 8.96 52.54 0.96
N PRO C 249 10.19 52.57 1.47
CA PRO C 249 11.30 53.09 0.67
C PRO C 249 11.59 52.22 -0.55
N ALA C 250 12.14 52.85 -1.58
CA ALA C 250 12.45 52.12 -2.81
C ALA C 250 13.52 51.06 -2.58
N GLU C 251 14.38 51.25 -1.58
CA GLU C 251 15.38 50.25 -1.22
C GLU C 251 15.26 49.87 0.25
N GLY C 252 15.77 48.69 0.58
CA GLY C 252 15.75 48.21 1.95
C GLY C 252 15.12 46.83 2.03
N GLU C 253 15.63 45.99 2.93
CA GLU C 253 15.05 44.68 3.19
C GLU C 253 14.26 44.79 4.50
N PHE C 254 12.98 44.43 4.44
CA PHE C 254 12.07 44.70 5.54
C PHE C 254 12.13 43.61 6.60
N VAL C 255 11.99 44.04 7.85
CA VAL C 255 11.66 43.15 8.97
C VAL C 255 10.34 43.67 9.54
N VAL C 256 9.30 42.82 9.49
CA VAL C 256 7.94 43.24 9.78
C VAL C 256 7.55 42.79 11.18
N MET C 257 6.88 43.67 11.92
CA MET C 257 6.19 43.31 13.15
C MET C 257 4.82 43.95 13.14
N TRP C 258 3.87 43.32 13.83
CA TRP C 258 2.54 43.89 13.91
C TRP C 258 1.82 43.39 15.15
N GLY C 259 0.75 44.10 15.52
CA GLY C 259 -0.08 43.70 16.62
C GLY C 259 -0.40 44.88 17.52
N ARG C 260 -0.73 44.58 18.77
CA ARG C 260 -1.10 45.64 19.70
C ARG C 260 0.09 46.52 20.02
N ASN C 261 -0.20 47.76 20.40
CA ASN C 261 0.84 48.64 20.92
C ASN C 261 1.35 48.08 22.25
N SER C 262 2.63 48.34 22.53
CA SER C 262 3.18 47.99 23.83
C SER C 262 2.49 48.83 24.90
N ALA C 263 2.20 48.20 26.02
CA ALA C 263 1.44 48.78 27.13
C ALA C 263 2.14 48.42 28.42
N PRO C 264 1.82 49.09 29.53
CA PRO C 264 2.48 48.74 30.80
C PRO C 264 2.28 47.28 31.14
N GLY C 265 3.38 46.61 31.46
CA GLY C 265 3.35 45.20 31.78
C GLY C 265 3.03 44.28 30.62
N LEU C 266 3.04 44.78 29.37
CA LEU C 266 2.78 43.97 28.19
C LEU C 266 3.65 44.53 27.05
N ASP C 267 4.96 44.28 27.15
CA ASP C 267 5.95 44.79 26.21
C ASP C 267 5.99 43.91 24.97
N LYS C 268 5.61 44.47 23.81
CA LYS C 268 5.65 43.72 22.57
C LYS C 268 7.03 43.75 21.92
N GLY C 269 7.94 44.63 22.38
CA GLY C 269 9.32 44.56 21.95
C GLY C 269 9.64 45.24 20.64
N TYR C 270 8.76 46.09 20.13
CA TYR C 270 9.04 46.78 18.87
C TYR C 270 10.34 47.59 18.97
N HIS C 271 10.57 48.24 20.12
CA HIS C 271 11.79 49.02 20.34
C HIS C 271 13.04 48.17 20.16
N LEU C 272 12.96 46.88 20.47
CA LEU C 272 14.13 46.01 20.33
C LEU C 272 14.57 45.90 18.87
N LEU C 273 13.62 45.90 17.94
CA LEU C 273 14.02 45.83 16.54
C LEU C 273 14.56 47.16 16.06
N LEU C 274 13.97 48.27 16.52
CA LEU C 274 14.47 49.59 16.12
C LEU C 274 15.90 49.78 16.59
N GLU C 275 16.16 49.47 17.85
CA GLU C 275 17.53 49.56 18.37
C GLU C 275 18.47 48.64 17.59
N ALA C 276 18.03 47.41 17.28
CA ALA C 276 18.89 46.50 16.54
C ALA C 276 19.14 46.97 15.12
N ALA C 277 18.19 47.68 14.51
CA ALA C 277 18.38 48.16 13.15
C ALA C 277 19.54 49.13 13.02
N ARG C 278 19.94 49.78 14.12
CA ARG C 278 21.13 50.63 14.11
C ARG C 278 22.37 49.86 13.63
N ASP C 279 22.43 48.56 13.89
CA ASP C 279 23.54 47.73 13.46
C ASP C 279 23.19 46.83 12.28
N LEU C 280 22.19 47.21 11.47
CA LEU C 280 21.73 46.41 10.33
C LEU C 280 21.62 47.29 9.08
N PRO C 281 22.74 47.48 8.38
CA PRO C 281 22.72 48.37 7.20
C PRO C 281 21.89 47.75 6.08
N GLY C 282 20.89 48.49 5.61
CA GLY C 282 20.01 48.01 4.56
C GLY C 282 18.76 47.32 5.04
N VAL C 283 18.53 47.28 6.36
CA VAL C 283 17.34 46.67 6.94
C VAL C 283 16.38 47.77 7.35
N VAL C 284 15.13 47.65 6.92
CA VAL C 284 14.12 48.66 7.22
C VAL C 284 13.03 48.02 8.07
N PRO C 285 12.90 48.40 9.34
CA PRO C 285 11.78 47.91 10.14
C PRO C 285 10.46 48.41 9.58
N VAL C 286 9.45 47.54 9.61
CA VAL C 286 8.09 47.90 9.25
C VAL C 286 7.20 47.42 10.38
N ILE C 287 6.57 48.36 11.09
CA ILE C 287 5.86 48.05 12.33
C ILE C 287 4.45 48.58 12.22
N ALA C 288 3.47 47.67 12.18
CA ALA C 288 2.06 48.03 12.10
C ALA C 288 1.44 47.77 13.47
N THR C 289 1.12 48.83 14.20
CA THR C 289 0.48 48.69 15.50
C THR C 289 -1.00 49.00 15.39
N ARG C 290 -1.76 48.60 16.41
CA ARG C 290 -3.19 48.86 16.42
C ARG C 290 -3.49 50.33 16.19
N ARG C 291 -2.95 51.19 17.05
CA ARG C 291 -3.11 52.62 16.97
C ARG C 291 -1.78 53.27 16.64
N PRO C 292 -1.77 54.53 16.21
CA PRO C 292 -0.50 55.21 15.96
C PRO C 292 0.37 55.22 17.20
N ASP C 293 1.68 55.17 17.00
CA ASP C 293 2.63 55.05 18.10
C ASP C 293 3.64 56.18 18.02
N PRO C 294 3.33 57.33 18.64
CA PRO C 294 4.28 58.45 18.58
C PRO C 294 5.59 58.15 19.30
N GLY C 295 5.56 57.32 20.34
CA GLY C 295 6.79 56.92 21.00
C GLY C 295 7.74 56.22 20.06
N LEU C 296 7.23 55.25 19.29
CA LEU C 296 8.07 54.57 18.32
C LEU C 296 8.63 55.54 17.30
N ARG C 297 7.85 56.57 16.95
CA ARG C 297 8.37 57.64 16.11
C ARG C 297 9.57 58.32 16.78
N ARG C 298 9.38 58.78 18.03
CA ARG C 298 10.46 59.44 18.76
C ARG C 298 11.73 58.59 18.78
N LEU C 299 11.57 57.26 18.87
CA LEU C 299 12.72 56.39 19.03
C LEU C 299 13.42 56.10 17.70
N ALA C 300 12.65 55.96 16.62
CA ALA C 300 13.27 55.76 15.30
C ALA C 300 14.15 56.93 14.92
N ASP C 301 13.66 58.16 15.12
CA ASP C 301 14.45 59.34 14.77
C ASP C 301 15.72 59.43 15.60
N ARG C 302 15.59 59.25 16.92
CA ARG C 302 16.74 59.31 17.82
C ARG C 302 17.91 58.47 17.34
N TYR C 303 17.62 57.34 16.69
CA TYR C 303 18.65 56.40 16.30
C TYR C 303 19.04 56.52 14.83
N ALA C 304 18.44 57.47 14.10
CA ALA C 304 18.66 57.61 12.66
C ALA C 304 18.33 56.32 11.94
N VAL C 305 17.30 55.63 12.42
CA VAL C 305 16.85 54.36 11.84
C VAL C 305 15.68 54.66 10.91
N PRO C 306 15.74 54.24 9.64
CA PRO C 306 14.66 54.52 8.68
C PRO C 306 13.51 53.52 8.77
N ALA C 307 12.64 53.72 9.75
CA ALA C 307 11.53 52.80 9.98
C ALA C 307 10.28 53.26 9.25
N VAL C 308 9.47 52.30 8.82
CA VAL C 308 8.11 52.57 8.37
C VAL C 308 7.17 52.18 9.50
N LEU C 309 6.42 53.15 10.00
CA LEU C 309 5.52 52.95 11.14
C LEU C 309 4.08 53.09 10.67
N LEU C 310 3.33 51.99 10.67
CA LEU C 310 1.94 51.97 10.22
C LEU C 310 1.02 51.70 11.39
N ASP C 311 -0.26 51.95 11.16
CA ASP C 311 -1.27 51.65 12.16
C ASP C 311 -2.58 51.27 11.46
N ASP C 312 -3.37 50.46 12.17
CA ASP C 312 -4.73 50.09 11.74
C ASP C 312 -4.72 49.36 10.40
N GLN C 313 -3.75 48.48 10.21
CA GLN C 313 -3.62 47.86 8.90
C GLN C 313 -4.42 46.56 8.83
N PRO C 314 -5.14 46.33 7.74
CA PRO C 314 -5.89 45.08 7.58
C PRO C 314 -4.98 43.92 7.24
N PHE C 315 -5.41 42.71 7.65
CA PHE C 315 -4.55 41.55 7.41
C PHE C 315 -4.21 41.38 5.93
N THR C 316 -5.07 41.85 5.03
CA THR C 316 -4.75 41.78 3.60
C THR C 316 -3.43 42.47 3.30
N HIS C 317 -3.14 43.58 4.00
CA HIS C 317 -1.93 44.35 3.74
C HIS C 317 -0.74 43.78 4.51
N LEU C 318 -0.96 43.36 5.76
CA LEU C 318 0.06 42.60 6.48
C LEU C 318 0.54 41.40 5.69
N SER C 319 -0.42 40.61 5.16
CA SER C 319 -0.04 39.40 4.43
C SER C 319 0.78 39.74 3.19
N ALA C 320 0.42 40.82 2.49
CA ALA C 320 1.20 41.25 1.33
C ALA C 320 2.62 41.62 1.74
N LEU C 321 2.76 42.42 2.80
CA LEU C 321 4.07 42.70 3.38
C LEU C 321 4.86 41.44 3.65
N LEU C 322 4.24 40.46 4.32
CA LEU C 322 4.97 39.28 4.75
C LEU C 322 5.40 38.41 3.57
N GLN C 323 4.69 38.49 2.45
CA GLN C 323 4.99 37.67 1.28
C GLN C 323 5.96 38.33 0.30
N SER C 324 6.23 39.62 0.45
CA SER C 324 7.04 40.32 -0.53
C SER C 324 8.45 39.72 -0.54
N PRO C 325 9.02 39.48 -1.73
CA PRO C 325 10.43 39.06 -1.78
C PRO C 325 11.37 40.10 -1.21
N ARG C 326 10.90 41.33 -1.02
CA ARG C 326 11.69 42.36 -0.34
C ARG C 326 11.72 42.18 1.16
N THR C 327 10.83 41.34 1.72
CA THR C 327 10.74 41.21 3.16
C THR C 327 11.66 40.09 3.64
N LEU C 328 12.53 40.44 4.58
CA LEU C 328 13.54 39.51 5.07
C LEU C 328 13.00 38.64 6.19
N ALA C 329 12.24 39.22 7.12
CA ALA C 329 11.78 38.48 8.28
C ALA C 329 10.54 39.13 8.86
N ALA C 330 9.84 38.35 9.67
CA ALA C 330 8.80 38.86 10.56
C ALA C 330 9.23 38.57 11.99
N ALA C 331 9.13 39.57 12.86
CA ALA C 331 9.71 39.48 14.19
C ALA C 331 8.62 39.48 15.25
N PHE C 332 8.79 38.61 16.25
CA PHE C 332 7.87 38.50 17.38
C PHE C 332 8.71 38.54 18.66
N LEU C 333 8.78 39.72 19.28
CA LEU C 333 9.83 40.03 20.24
C LEU C 333 9.27 40.38 21.62
N GLY C 334 8.03 40.04 21.90
CA GLY C 334 7.40 40.43 23.14
C GLY C 334 7.67 39.45 24.28
N GLU C 335 7.21 39.83 25.46
CA GLU C 335 7.32 38.93 26.60
C GLU C 335 6.32 37.80 26.45
N ALA C 336 6.30 36.91 27.45
CA ALA C 336 5.58 35.66 27.34
C ALA C 336 4.09 35.90 27.08
N GLU C 337 3.59 35.30 26.02
CA GLU C 337 2.18 35.14 25.82
C GLU C 337 1.88 33.64 25.69
N PRO C 338 0.75 33.18 26.19
CA PRO C 338 0.52 31.74 26.28
C PRO C 338 0.23 31.07 24.94
N GLY C 339 -0.38 31.77 23.99
CA GLY C 339 -0.85 31.15 22.76
C GLY C 339 -0.98 32.09 21.58
N ALA C 340 0.05 32.87 21.30
CA ALA C 340 0.01 33.78 20.16
C ALA C 340 -0.09 32.99 18.85
N VAL C 341 -1.05 33.37 17.99
CA VAL C 341 -1.18 32.74 16.67
C VAL C 341 -0.60 33.59 15.54
N SER C 342 -0.29 34.86 15.79
CA SER C 342 0.35 35.72 14.79
C SER C 342 1.61 35.14 14.18
N PRO C 343 2.56 34.57 14.95
CA PRO C 343 3.71 33.92 14.28
C PRO C 343 3.32 32.69 13.48
N MET C 344 2.29 31.94 13.89
CA MET C 344 1.79 30.87 13.01
C MET C 344 1.26 31.46 11.71
N GLU C 345 0.56 32.59 11.79
CA GLU C 345 0.05 33.22 10.57
C GLU C 345 1.19 33.63 9.65
N ALA C 346 2.27 34.19 10.22
CA ALA C 346 3.41 34.61 9.40
C ALA C 346 4.07 33.43 8.72
N MET C 347 4.32 32.36 9.47
CA MET C 347 4.91 31.16 8.88
C MET C 347 4.03 30.60 7.78
N TRP C 348 2.70 30.72 7.95
CA TRP C 348 1.81 30.12 6.96
C TRP C 348 1.69 30.97 5.72
N VAL C 349 1.53 32.30 5.86
CA VAL C 349 1.33 33.13 4.67
C VAL C 349 2.60 33.27 3.85
N ALA C 350 3.76 33.09 4.47
CA ALA C 350 5.02 33.16 3.72
C ALA C 350 5.47 31.80 3.19
N ARG C 351 4.56 30.83 3.07
CA ARG C 351 4.97 29.49 2.68
C ARG C 351 5.61 29.45 1.29
N GLU C 352 5.26 30.39 0.41
CA GLU C 352 5.82 30.41 -0.93
C GLU C 352 6.87 31.50 -1.14
N SER C 353 6.84 32.57 -0.36
CA SER C 353 7.81 33.65 -0.53
C SER C 353 7.74 34.61 0.66
N GLY C 354 8.82 35.34 0.87
CA GLY C 354 8.82 36.41 1.84
C GLY C 354 9.55 36.10 3.13
N ALA C 355 8.93 36.49 4.24
CA ALA C 355 9.58 36.49 5.55
C ALA C 355 9.87 35.07 6.06
N LEU C 356 10.97 34.96 6.80
CA LEU C 356 11.21 33.90 7.76
C LEU C 356 11.01 34.50 9.15
N VAL C 357 10.70 33.68 10.14
CA VAL C 357 10.23 34.19 11.43
C VAL C 357 11.39 34.28 12.42
N ILE C 358 11.47 35.41 13.11
CA ILE C 358 12.35 35.61 14.26
C ILE C 358 11.46 35.69 15.50
N ALA C 359 11.74 34.85 16.50
CA ALA C 359 10.89 34.73 17.68
C ALA C 359 11.71 34.89 18.96
N ALA C 360 11.18 35.70 19.89
CA ALA C 360 11.76 35.76 21.22
C ALA C 360 11.64 34.40 21.90
N ASP C 361 12.50 34.16 22.90
CA ASP C 361 12.47 32.87 23.59
C ASP C 361 11.50 32.89 24.76
N THR C 362 10.31 33.42 24.53
CA THR C 362 9.30 33.60 25.56
C THR C 362 8.00 32.94 25.15
N GLY C 363 7.21 32.55 26.15
CA GLY C 363 5.88 31.98 25.96
C GLY C 363 5.87 30.83 24.98
N ASN C 364 4.84 30.79 24.13
CA ASN C 364 4.72 29.73 23.14
C ASN C 364 5.59 29.94 21.90
N LEU C 365 6.48 30.95 21.89
CA LEU C 365 7.20 31.27 20.66
C LEU C 365 8.25 30.21 20.28
N PRO C 366 9.05 29.68 21.21
CA PRO C 366 9.98 28.62 20.81
C PRO C 366 9.30 27.40 20.22
N GLU C 367 8.17 26.95 20.79
CA GLU C 367 7.43 25.86 20.19
C GLU C 367 7.03 26.19 18.75
N VAL C 368 6.58 27.43 18.52
CA VAL C 368 6.04 27.79 17.20
C VAL C 368 7.12 27.66 16.11
N VAL C 369 8.34 28.10 16.40
CA VAL C 369 9.42 28.02 15.41
C VAL C 369 10.24 26.74 15.61
N ASP C 370 9.69 25.74 16.32
CA ASP C 370 10.35 24.45 16.52
C ASP C 370 11.76 24.62 17.07
N ASP C 371 11.93 25.59 17.96
CA ASP C 371 13.20 25.81 18.67
C ASP C 371 14.36 26.01 17.71
N GLY C 372 14.09 26.62 16.55
CA GLY C 372 15.12 26.97 15.60
C GLY C 372 15.05 26.20 14.29
N ALA C 373 14.33 25.08 14.24
CA ALA C 373 14.27 24.32 13.00
C ALA C 373 13.35 24.97 11.97
N ALA C 374 12.39 25.80 12.41
CA ALA C 374 11.42 26.44 11.53
C ALA C 374 11.45 27.96 11.64
N GLY C 375 12.46 28.52 12.28
CA GLY C 375 12.57 29.95 12.45
C GLY C 375 13.78 30.25 13.30
N ILE C 376 13.97 31.52 13.64
CA ILE C 376 15.14 31.96 14.40
C ILE C 376 14.68 32.36 15.79
N VAL C 377 15.26 31.71 16.82
CA VAL C 377 14.99 32.07 18.21
C VAL C 377 15.99 33.12 18.64
N THR C 378 15.52 34.15 19.35
CA THR C 378 16.41 35.19 19.85
C THR C 378 16.07 35.52 21.30
N ARG C 379 17.13 35.74 22.08
CA ARG C 379 17.00 36.44 23.35
C ARG C 379 16.45 37.85 23.12
N ARG C 380 15.86 38.42 24.16
CA ARG C 380 15.22 39.74 24.05
C ARG C 380 16.19 40.88 24.38
N THR C 381 17.30 40.93 23.63
CA THR C 381 18.16 42.10 23.63
C THR C 381 18.35 42.59 22.21
N ALA C 382 18.64 43.89 22.09
CA ALA C 382 18.87 44.47 20.76
C ALA C 382 20.04 43.77 20.07
N ALA C 383 21.09 43.44 20.83
CA ALA C 383 22.22 42.75 20.22
C ALA C 383 21.82 41.36 19.75
N ASP C 384 21.04 40.65 20.55
CA ASP C 384 20.57 39.34 20.12
C ASP C 384 19.66 39.46 18.90
N VAL C 385 18.77 40.47 18.90
CA VAL C 385 17.88 40.69 17.76
C VAL C 385 18.69 41.00 16.50
N ALA C 386 19.62 41.95 16.60
CA ALA C 386 20.49 42.26 15.47
C ALA C 386 21.21 41.02 14.98
N ASP C 387 21.73 40.22 15.92
CA ASP C 387 22.39 38.97 15.57
C ASP C 387 21.41 38.00 14.89
N ALA C 388 20.21 37.86 15.45
CA ALA C 388 19.20 37.01 14.82
C ALA C 388 18.95 37.45 13.36
N VAL C 389 18.84 38.76 13.13
CA VAL C 389 18.64 39.24 11.77
C VAL C 389 19.84 38.90 10.89
N ARG C 390 21.05 39.02 11.43
CA ARG C 390 22.24 38.66 10.66
C ARG C 390 22.21 37.21 10.23
N ARG C 391 21.72 36.32 11.10
CA ARG C 391 21.63 34.91 10.75
C ARG C 391 20.65 34.69 9.61
N VAL C 392 19.53 35.41 9.62
CA VAL C 392 18.59 35.29 8.52
C VAL C 392 19.23 35.78 7.21
N ARG C 393 19.94 36.92 7.29
CA ARG C 393 20.64 37.44 6.12
C ARG C 393 21.71 36.47 5.64
N LYS C 394 22.42 35.83 6.58
CA LYS C 394 23.50 34.92 6.22
C LYS C 394 23.00 33.71 5.43
N LEU C 395 21.76 33.28 5.64
CA LEU C 395 21.29 32.04 5.04
C LEU C 395 21.41 32.08 3.52
N THR C 396 21.86 30.96 2.94
CA THR C 396 21.79 30.84 1.50
C THR C 396 20.34 30.76 1.03
N ALA C 397 20.12 30.99 -0.27
CA ALA C 397 18.79 30.84 -0.83
C ALA C 397 18.28 29.42 -0.68
N ASP C 398 19.19 28.45 -0.58
CA ASP C 398 18.79 27.08 -0.36
C ASP C 398 18.43 26.83 1.11
N GLU C 399 19.16 27.46 2.04
CA GLU C 399 18.81 27.32 3.45
C GLU C 399 17.49 28.03 3.75
N ARG C 400 17.24 29.17 3.09
CA ARG C 400 15.97 29.87 3.26
C ARG C 400 14.84 29.00 2.74
N ARG C 401 15.04 28.37 1.58
CA ARG C 401 14.08 27.41 1.06
C ARG C 401 13.77 26.34 2.10
N ARG C 402 14.82 25.76 2.69
CA ARG C 402 14.65 24.73 3.70
C ARG C 402 13.77 25.23 4.86
N MET C 403 14.10 26.41 5.39
CA MET C 403 13.45 26.86 6.61
C MET C 403 12.03 27.35 6.34
N ARG C 404 11.80 27.98 5.17
CA ARG C 404 10.45 28.33 4.78
C ARG C 404 9.57 27.10 4.65
N ALA C 405 10.12 26.01 4.11
CA ALA C 405 9.34 24.79 3.97
C ALA C 405 9.11 24.15 5.33
N ALA C 406 10.10 24.22 6.21
CA ALA C 406 9.94 23.69 7.57
C ALA C 406 8.89 24.48 8.33
N ALA C 407 8.86 25.79 8.12
CA ALA C 407 7.90 26.64 8.82
C ALA C 407 6.48 26.38 8.32
N ALA C 408 6.29 26.28 7.01
CA ALA C 408 4.98 25.96 6.46
C ALA C 408 4.54 24.56 6.87
N ALA C 409 5.46 23.58 6.83
CA ALA C 409 5.10 22.25 7.29
C ALA C 409 4.77 22.24 8.77
N ARG C 410 5.43 23.08 9.56
CA ARG C 410 5.17 23.10 10.98
C ARG C 410 3.74 23.56 11.27
N VAL C 411 3.27 24.58 10.55
CA VAL C 411 1.88 25.03 10.73
C VAL C 411 0.92 23.90 10.38
N ARG C 412 1.12 23.27 9.22
CA ARG C 412 0.26 22.13 8.85
C ARG C 412 0.32 21.02 9.88
N ALA C 413 1.50 20.77 10.45
CA ALA C 413 1.62 19.61 11.34
C ALA C 413 1.11 19.88 12.74
N ARG C 414 1.35 21.08 13.28
CA ARG C 414 1.07 21.38 14.68
C ARG C 414 0.03 22.47 14.91
N PHE C 415 -0.19 23.36 13.95
CA PHE C 415 -0.99 24.55 14.17
C PHE C 415 -2.13 24.63 13.16
N ASP C 416 -2.68 23.48 12.81
CA ASP C 416 -3.80 23.39 11.88
C ASP C 416 -5.09 23.31 12.70
N PHE C 417 -5.99 24.27 12.49
CA PHE C 417 -7.18 24.30 13.35
C PHE C 417 -8.00 23.02 13.22
N ALA C 418 -8.24 22.55 11.99
CA ALA C 418 -9.05 21.35 11.81
C ALA C 418 -8.46 20.15 12.52
N ALA C 419 -7.14 19.98 12.42
CA ALA C 419 -6.48 18.86 13.09
C ALA C 419 -6.50 19.02 14.61
N ASN C 420 -6.36 20.24 15.10
CA ASN C 420 -6.23 20.41 16.54
C ASN C 420 -7.57 20.31 17.24
N VAL C 421 -8.66 20.70 16.58
CA VAL C 421 -9.97 20.46 17.17
C VAL C 421 -10.35 18.98 17.08
N ARG C 422 -9.92 18.28 16.03
CA ARG C 422 -10.05 16.83 16.03
C ARG C 422 -9.23 16.22 17.16
N GLU C 423 -8.01 16.72 17.37
CA GLU C 423 -7.17 16.17 18.42
C GLU C 423 -7.85 16.34 19.80
N LEU C 424 -8.49 17.50 20.01
CA LEU C 424 -9.25 17.73 21.23
C LEU C 424 -10.41 16.73 21.35
N ALA C 425 -11.21 16.60 20.30
CA ALA C 425 -12.37 15.71 20.36
C ALA C 425 -11.96 14.27 20.62
N ASP C 426 -10.89 13.81 19.94
CA ASP C 426 -10.41 12.44 20.15
C ASP C 426 -9.90 12.24 21.57
N ALA C 427 -9.15 13.21 22.10
CA ALA C 427 -8.66 13.10 23.47
C ALA C 427 -9.81 13.07 24.48
N ALA C 428 -10.85 13.88 24.25
CA ALA C 428 -11.96 13.90 25.19
C ALA C 428 -12.78 12.61 25.10
N VAL C 429 -12.98 12.08 23.89
CA VAL C 429 -13.71 10.82 23.73
C VAL C 429 -12.92 9.65 24.33
N ASP C 430 -11.59 9.64 24.14
CA ASP C 430 -10.78 8.60 24.78
C ASP C 430 -10.84 8.73 26.29
N ARG C 431 -10.73 9.95 26.80
CA ARG C 431 -10.78 10.17 28.24
C ARG C 431 -12.12 9.72 28.80
N LEU C 432 -13.21 10.01 28.07
CA LEU C 432 -14.55 9.55 28.48
C LEU C 432 -14.58 8.05 28.66
N ALA C 433 -14.13 7.31 27.64
CA ALA C 433 -14.08 5.86 27.72
C ALA C 433 -13.24 5.41 28.92
N GLU C 434 -12.06 6.00 29.09
CA GLU C 434 -11.17 5.59 30.17
C GLU C 434 -11.81 5.81 31.54
N VAL C 435 -12.51 6.93 31.73
CA VAL C 435 -13.15 7.19 33.01
C VAL C 435 -14.26 6.16 33.28
N SER C 436 -14.92 5.66 32.23
CA SER C 436 -15.91 4.60 32.40
C SER C 436 -15.31 3.19 32.43
N GLY D 8 32.58 -4.86 -31.50
CA GLY D 8 32.75 -3.75 -30.57
C GLY D 8 31.59 -3.59 -29.60
N ARG D 9 30.83 -4.68 -29.44
CA ARG D 9 29.58 -4.66 -28.69
C ARG D 9 29.67 -5.28 -27.30
N ALA D 10 30.80 -5.86 -26.92
CA ALA D 10 30.90 -6.65 -25.70
C ALA D 10 31.25 -5.75 -24.52
N LEU D 11 30.26 -5.50 -23.66
CA LEU D 11 30.43 -4.64 -22.49
C LEU D 11 30.35 -5.49 -21.24
N ALA D 12 31.29 -5.27 -20.31
CA ALA D 12 31.24 -5.95 -19.02
C ALA D 12 31.10 -4.93 -17.91
N PHE D 13 30.24 -5.23 -16.95
CA PHE D 13 30.30 -4.60 -15.64
C PHE D 13 31.07 -5.54 -14.75
N VAL D 14 32.19 -5.06 -14.20
CA VAL D 14 32.92 -5.78 -13.16
C VAL D 14 32.57 -5.16 -11.82
N TRP D 15 31.94 -5.94 -10.95
CA TRP D 15 31.53 -5.48 -9.63
C TRP D 15 32.53 -6.02 -8.61
N LEU D 16 33.28 -5.12 -7.98
CA LEU D 16 34.25 -5.52 -6.96
C LEU D 16 33.64 -5.23 -5.60
N MET D 17 33.22 -6.29 -4.90
CA MET D 17 32.39 -6.15 -3.70
C MET D 17 32.99 -6.94 -2.54
N VAL D 18 33.09 -6.30 -1.36
CA VAL D 18 33.71 -6.95 -0.21
C VAL D 18 32.85 -8.06 0.39
N GLU D 19 31.58 -8.11 0.03
CA GLU D 19 30.71 -9.21 0.42
C GLU D 19 29.62 -9.31 -0.64
N GLY D 20 28.79 -10.35 -0.54
CA GLY D 20 27.66 -10.47 -1.43
C GLY D 20 27.42 -11.84 -2.02
N ALA D 21 28.33 -12.79 -1.80
CA ALA D 21 28.12 -14.13 -2.33
C ALA D 21 28.48 -15.17 -1.28
N GLN D 22 29.77 -15.40 -1.03
CA GLN D 22 30.15 -16.23 0.11
C GLN D 22 29.59 -15.68 1.41
N VAL D 23 29.55 -14.35 1.57
CA VAL D 23 29.23 -13.72 2.84
C VAL D 23 28.18 -12.64 2.62
N ALA D 24 27.23 -12.53 3.54
CA ALA D 24 26.23 -11.46 3.45
C ALA D 24 25.87 -11.00 4.85
N ALA D 25 26.15 -9.74 5.16
CA ALA D 25 25.81 -9.20 6.48
C ALA D 25 25.16 -7.83 6.36
N GLY D 26 25.59 -7.01 5.40
CA GLY D 26 25.14 -5.63 5.37
C GLY D 26 24.73 -5.08 4.01
N GLY D 27 24.84 -3.76 3.84
CA GLY D 27 24.32 -3.12 2.65
C GLY D 27 25.01 -3.52 1.35
N VAL D 28 26.33 -3.72 1.40
CA VAL D 28 27.07 -4.13 0.20
C VAL D 28 26.53 -5.46 -0.31
N ALA D 29 26.33 -6.43 0.58
CA ALA D 29 25.78 -7.70 0.13
C ALA D 29 24.35 -7.54 -0.40
N GLY D 30 23.55 -6.68 0.23
CA GLY D 30 22.21 -6.43 -0.29
C GLY D 30 22.25 -5.83 -1.68
N TYR D 31 23.21 -4.94 -1.93
CA TYR D 31 23.38 -4.36 -3.26
C TYR D 31 23.70 -5.42 -4.30
N VAL D 32 24.60 -6.35 -3.98
CA VAL D 32 24.90 -7.44 -4.89
C VAL D 32 23.64 -8.25 -5.19
N ARG D 33 22.83 -8.55 -4.17
CA ARG D 33 21.60 -9.30 -4.41
C ARG D 33 20.64 -8.51 -5.31
N ASN D 34 20.41 -7.23 -4.99
CA ASN D 34 19.53 -6.41 -5.83
C ASN D 34 20.01 -6.37 -7.27
N LEU D 35 21.33 -6.24 -7.44
CA LEU D 35 21.95 -6.16 -8.75
C LEU D 35 21.71 -7.43 -9.57
N LEU D 36 21.91 -8.58 -8.96
CA LEU D 36 21.73 -9.84 -9.69
C LEU D 36 20.27 -10.02 -10.10
N ASP D 37 19.33 -9.67 -9.22
CA ASP D 37 17.92 -9.81 -9.57
C ASP D 37 17.52 -8.86 -10.69
N GLU D 38 18.23 -7.74 -10.82
CA GLU D 38 17.96 -6.76 -11.85
C GLU D 38 18.81 -6.97 -13.11
N GLN D 39 19.63 -8.03 -13.14
CA GLN D 39 20.62 -8.17 -14.21
C GLN D 39 19.95 -8.36 -15.57
N ASP D 40 18.92 -9.19 -15.65
CA ASP D 40 18.31 -9.46 -16.95
C ASP D 40 17.65 -8.21 -17.52
N ALA D 41 16.99 -7.42 -16.66
CA ALA D 41 16.38 -6.17 -17.12
C ALA D 41 17.44 -5.16 -17.55
N LEU D 42 18.58 -5.10 -16.83
CA LEU D 42 19.67 -4.23 -17.27
C LEU D 42 20.22 -4.69 -18.61
N ARG D 43 20.38 -6.00 -18.80
CA ARG D 43 20.86 -6.50 -20.08
C ARG D 43 19.92 -6.09 -21.22
N ASP D 44 18.61 -6.29 -21.04
CA ASP D 44 17.66 -5.88 -22.07
C ASP D 44 17.76 -4.38 -22.34
N HIS D 45 17.81 -3.57 -21.29
CA HIS D 45 17.87 -2.13 -21.46
C HIS D 45 19.14 -1.71 -22.19
N LEU D 46 20.27 -2.30 -21.84
CA LEU D 46 21.50 -1.88 -22.49
C LEU D 46 21.61 -2.43 -23.90
N ALA D 47 20.97 -3.57 -24.17
CA ALA D 47 20.86 -4.07 -25.54
C ALA D 47 20.16 -3.06 -26.44
N GLU D 48 19.22 -2.28 -25.89
CA GLU D 48 18.56 -1.27 -26.70
C GLU D 48 19.50 -0.11 -27.01
N ARG D 49 20.49 0.13 -26.16
CA ARG D 49 21.50 1.14 -26.44
C ARG D 49 22.71 0.58 -27.18
N GLY D 50 22.63 -0.64 -27.69
CA GLY D 50 23.65 -1.16 -28.58
C GLY D 50 24.75 -1.98 -27.93
N TRP D 51 24.62 -2.37 -26.67
CA TRP D 51 25.66 -3.07 -25.94
C TRP D 51 25.18 -4.46 -25.55
N SER D 52 26.07 -5.44 -25.67
CA SER D 52 25.85 -6.77 -25.13
C SER D 52 26.59 -6.86 -23.80
N VAL D 53 25.87 -7.16 -22.71
CA VAL D 53 26.38 -6.91 -21.35
C VAL D 53 26.63 -8.20 -20.60
N GLU D 54 27.82 -8.30 -20.00
CA GLU D 54 28.20 -9.40 -19.12
C GLU D 54 28.48 -8.83 -17.73
N PHE D 55 28.10 -9.57 -16.69
CA PHE D 55 28.39 -9.22 -15.31
C PHE D 55 29.51 -10.13 -14.77
N VAL D 56 30.51 -9.51 -14.16
CA VAL D 56 31.59 -10.21 -13.46
C VAL D 56 31.56 -9.77 -12.01
N LEU D 57 31.63 -10.72 -11.07
CA LEU D 57 31.62 -10.40 -9.65
C LEU D 57 32.92 -10.86 -9.02
N GLY D 58 33.59 -9.94 -8.32
CA GLY D 58 34.76 -10.29 -7.52
C GLY D 58 34.50 -10.04 -6.05
N GLU D 59 34.79 -11.04 -5.20
CA GLU D 59 34.60 -10.95 -3.74
C GLU D 59 35.82 -11.61 -3.10
N PRO D 60 36.37 -11.03 -2.03
CA PRO D 60 37.54 -11.67 -1.39
C PRO D 60 37.19 -13.07 -0.92
N PHE D 61 38.18 -13.97 -1.03
CA PHE D 61 38.07 -15.31 -0.48
C PHE D 61 37.68 -15.23 0.99
N TYR D 62 36.73 -16.04 1.39
CA TYR D 62 36.36 -16.14 2.79
C TYR D 62 36.57 -17.57 3.27
N ASP D 63 36.89 -17.70 4.50
CA ASP D 63 36.88 -18.96 5.23
C ASP D 63 35.44 -19.29 5.65
N PRO D 64 35.04 -20.57 5.65
CA PRO D 64 33.67 -20.91 6.10
C PRO D 64 33.36 -20.47 7.53
N GLY D 65 34.35 -20.13 8.33
CA GLY D 65 34.08 -19.58 9.64
C GLY D 65 33.77 -18.10 9.69
N ALA D 66 33.81 -17.41 8.55
CA ALA D 66 33.52 -15.99 8.56
C ALA D 66 32.05 -15.76 8.89
N PRO D 67 31.73 -14.70 9.63
CA PRO D 67 30.32 -14.38 9.88
C PRO D 67 29.58 -14.08 8.57
N GLY D 68 28.36 -14.60 8.48
CA GLY D 68 27.57 -14.44 7.28
C GLY D 68 27.88 -15.41 6.17
N TYR D 69 28.79 -16.35 6.39
CA TYR D 69 29.20 -17.27 5.34
C TYR D 69 28.08 -18.23 4.97
N ASP D 70 27.87 -18.45 3.67
CA ASP D 70 26.89 -19.45 3.24
C ASP D 70 27.35 -20.01 1.91
N GLU D 71 27.84 -21.24 1.94
CA GLU D 71 28.37 -21.85 0.73
C GLU D 71 27.29 -22.01 -0.33
N GLU D 72 26.04 -22.19 0.09
CA GLU D 72 24.98 -22.36 -0.88
C GLU D 72 24.63 -21.04 -1.58
N ARG D 73 24.76 -19.91 -0.87
CA ARG D 73 24.63 -18.61 -1.52
C ARG D 73 25.72 -18.41 -2.57
N TRP D 74 26.97 -18.75 -2.22
CA TRP D 74 28.06 -18.62 -3.18
C TRP D 74 27.77 -19.42 -4.44
N ARG D 75 27.32 -20.67 -4.26
CA ARG D 75 27.01 -21.51 -5.42
C ARG D 75 25.87 -20.92 -6.25
N ARG D 76 24.85 -20.36 -5.59
CA ARG D 76 23.74 -19.74 -6.32
C ARG D 76 24.21 -18.56 -7.15
N VAL D 77 25.01 -17.68 -6.54
CA VAL D 77 25.51 -16.51 -7.25
C VAL D 77 26.39 -16.94 -8.42
N ARG D 78 27.30 -17.88 -8.16
CA ARG D 78 28.21 -18.37 -9.19
C ARG D 78 27.44 -18.95 -10.38
N GLU D 79 26.40 -19.75 -10.09
CA GLU D 79 25.58 -20.32 -11.15
C GLU D 79 24.75 -19.24 -11.84
N HIS D 80 24.15 -18.32 -11.07
CA HIS D 80 23.41 -17.21 -11.67
C HIS D 80 24.23 -16.49 -12.72
N LEU D 81 25.48 -16.15 -12.38
CA LEU D 81 26.32 -15.41 -13.32
C LEU D 81 26.79 -16.31 -14.46
N ALA D 82 27.16 -17.55 -14.17
CA ALA D 82 27.64 -18.45 -15.21
C ALA D 82 26.55 -18.71 -16.26
N ALA D 83 25.30 -18.89 -15.82
CA ALA D 83 24.20 -19.13 -16.76
C ALA D 83 23.96 -17.95 -17.69
N ARG D 84 24.44 -16.76 -17.33
CA ARG D 84 24.32 -15.59 -18.19
C ARG D 84 25.62 -15.26 -18.90
N GLY D 85 26.56 -16.21 -18.95
CA GLY D 85 27.83 -15.96 -19.60
C GLY D 85 28.78 -15.07 -18.83
N GLY D 86 28.50 -14.75 -17.57
CA GLY D 86 29.43 -14.03 -16.71
C GLY D 86 30.14 -14.97 -15.74
N ARG D 87 30.70 -14.38 -14.69
CA ARG D 87 31.41 -15.24 -13.75
C ARG D 87 31.53 -14.59 -12.38
N ALA D 88 31.62 -15.44 -11.36
CA ALA D 88 31.98 -15.03 -10.01
C ALA D 88 33.40 -15.48 -9.73
N VAL D 89 34.18 -14.60 -9.11
CA VAL D 89 35.61 -14.84 -8.88
C VAL D 89 35.91 -14.50 -7.43
N ARG D 90 36.38 -15.49 -6.67
CA ARG D 90 36.92 -15.20 -5.36
C ARG D 90 38.36 -14.67 -5.48
N LEU D 91 38.64 -13.60 -4.74
CA LEU D 91 39.86 -12.80 -4.87
C LEU D 91 40.78 -12.99 -3.68
N VAL D 92 42.07 -13.14 -3.97
CA VAL D 92 43.09 -13.18 -2.93
C VAL D 92 43.22 -11.82 -2.27
N SER D 93 43.29 -11.81 -0.94
CA SER D 93 43.46 -10.58 -0.19
C SER D 93 44.54 -10.70 0.87
N ASP D 94 45.37 -11.74 0.77
CA ASP D 94 46.50 -11.95 1.69
C ASP D 94 46.05 -11.91 3.14
N SER D 95 45.00 -12.68 3.45
CA SER D 95 44.42 -12.67 4.79
C SER D 95 43.86 -14.06 5.10
N ASP D 96 43.34 -14.20 6.32
CA ASP D 96 42.77 -15.47 6.75
C ASP D 96 41.39 -15.74 6.19
N GLY D 97 40.74 -14.74 5.60
CA GLY D 97 39.36 -14.98 5.18
C GLY D 97 38.34 -14.97 6.29
N LEU D 98 38.68 -14.56 7.50
CA LEU D 98 37.72 -14.58 8.60
C LEU D 98 36.91 -13.29 8.70
N ASP D 99 37.25 -12.28 7.93
CA ASP D 99 36.69 -10.95 8.07
C ASP D 99 36.68 -10.30 6.69
N GLY D 100 35.68 -9.48 6.43
CA GLY D 100 35.62 -8.77 5.15
C GLY D 100 36.27 -7.40 5.18
N TRP D 101 37.22 -7.20 6.10
CA TRP D 101 37.96 -5.94 6.21
C TRP D 101 39.39 -6.24 6.65
N GLY D 102 40.17 -5.20 6.82
CA GLY D 102 41.55 -5.37 7.27
C GLY D 102 42.27 -4.05 7.16
N GLU D 103 43.61 -4.12 7.17
CA GLU D 103 44.43 -2.92 7.06
C GLU D 103 45.21 -2.95 5.74
N GLU D 104 46.48 -2.50 5.78
CA GLU D 104 47.23 -2.29 4.55
C GLU D 104 47.34 -3.55 3.69
N ARG D 105 47.72 -4.68 4.31
CA ARG D 105 47.89 -5.93 3.57
C ARG D 105 46.61 -6.31 2.84
N PHE D 106 45.50 -6.28 3.57
CA PHE D 106 44.22 -6.66 3.01
C PHE D 106 43.86 -5.73 1.86
N PHE D 107 43.94 -4.42 2.08
CA PHE D 107 43.57 -3.43 1.06
C PHE D 107 44.43 -3.60 -0.18
N HIS D 108 45.74 -3.72 0.00
CA HIS D 108 46.66 -3.71 -1.12
C HIS D 108 46.51 -4.97 -1.98
N ALA D 109 46.43 -6.15 -1.33
CA ALA D 109 46.29 -7.40 -2.08
C ALA D 109 44.95 -7.47 -2.78
N LEU D 110 43.86 -7.09 -2.09
CA LEU D 110 42.53 -7.17 -2.69
C LEU D 110 42.37 -6.16 -3.82
N SER D 111 42.98 -4.98 -3.66
CA SER D 111 42.94 -4.03 -4.77
C SER D 111 43.74 -4.56 -5.95
N ALA D 112 44.89 -5.21 -5.69
CA ALA D 112 45.69 -5.78 -6.77
C ALA D 112 44.93 -6.86 -7.52
N THR D 113 44.28 -7.77 -6.80
CA THR D 113 43.56 -8.84 -7.49
C THR D 113 42.25 -8.33 -8.08
N GLY D 114 41.64 -7.29 -7.49
CA GLY D 114 40.51 -6.65 -8.15
C GLY D 114 40.91 -5.99 -9.46
N ALA D 115 42.06 -5.29 -9.46
CA ALA D 115 42.59 -4.72 -10.67
C ALA D 115 42.89 -5.79 -11.71
N GLN D 116 43.46 -6.91 -11.26
CA GLN D 116 43.71 -8.06 -12.14
C GLN D 116 42.42 -8.52 -12.82
N LEU D 117 41.35 -8.67 -12.05
CA LEU D 117 40.08 -9.14 -12.61
C LEU D 117 39.54 -8.14 -13.62
N VAL D 118 39.68 -6.85 -13.32
CA VAL D 118 39.24 -5.82 -14.28
C VAL D 118 40.01 -5.95 -15.60
N LEU D 119 41.34 -6.11 -15.52
CA LEU D 119 42.16 -6.14 -16.73
C LEU D 119 42.00 -7.45 -17.49
N ASP D 120 41.86 -8.56 -16.76
CA ASP D 120 41.58 -9.83 -17.41
C ASP D 120 40.22 -9.81 -18.11
N THR D 121 39.25 -9.07 -17.56
CA THR D 121 37.97 -8.87 -18.24
C THR D 121 38.12 -7.93 -19.44
N ALA D 122 38.92 -6.88 -19.30
CA ALA D 122 39.14 -5.98 -20.42
C ALA D 122 39.81 -6.67 -21.60
N GLU D 123 40.67 -7.68 -21.34
CA GLU D 123 41.36 -8.36 -22.43
C GLU D 123 40.39 -9.11 -23.34
N ARG D 124 39.25 -9.57 -22.82
CA ARG D 124 38.32 -10.37 -23.62
C ARG D 124 37.03 -9.62 -23.94
N CYS D 125 36.95 -8.33 -23.61
CA CYS D 125 35.76 -7.53 -23.85
C CYS D 125 36.15 -6.29 -24.64
N ASP D 126 35.15 -5.54 -25.08
CA ASP D 126 35.46 -4.30 -25.77
C ASP D 126 35.43 -3.09 -24.87
N ALA D 127 34.68 -3.17 -23.78
CA ALA D 127 34.57 -2.07 -22.83
C ALA D 127 34.23 -2.66 -21.47
N VAL D 128 34.70 -2.01 -20.42
CA VAL D 128 34.49 -2.45 -19.05
C VAL D 128 34.08 -1.26 -18.20
N VAL D 129 32.99 -1.42 -17.45
CA VAL D 129 32.67 -0.52 -16.36
C VAL D 129 33.05 -1.26 -15.08
N ALA D 130 34.06 -0.75 -14.38
CA ALA D 130 34.60 -1.40 -13.19
C ALA D 130 34.04 -0.66 -11.97
N VAL D 131 33.07 -1.27 -11.30
CA VAL D 131 32.44 -0.69 -10.12
C VAL D 131 33.15 -1.28 -8.91
N SER D 132 34.02 -0.50 -8.28
CA SER D 132 34.72 -0.88 -7.06
C SER D 132 34.05 -0.24 -5.85
N GLY D 133 33.95 -0.98 -4.75
CA GLY D 133 33.23 -0.52 -3.57
C GLY D 133 34.07 -0.53 -2.31
N THR D 134 34.01 0.59 -1.56
CA THR D 134 34.62 0.80 -0.23
C THR D 134 36.13 0.99 -0.33
N SER D 135 36.73 1.47 0.76
CA SER D 135 38.14 1.79 0.80
C SER D 135 39.00 0.59 0.42
N ALA D 136 38.51 -0.62 0.69
CA ALA D 136 39.28 -1.83 0.43
C ALA D 136 39.60 -1.99 -1.06
N PHE D 137 38.77 -1.43 -1.96
CA PHE D 137 39.04 -1.46 -3.40
C PHE D 137 39.37 -0.10 -3.97
N ALA D 138 39.57 0.93 -3.14
CA ALA D 138 39.71 2.27 -3.71
C ALA D 138 40.97 2.45 -4.54
N ARG D 139 42.00 1.63 -4.33
CA ARG D 139 43.20 1.76 -5.15
C ARG D 139 43.08 1.06 -6.50
N VAL D 140 41.97 0.35 -6.77
CA VAL D 140 41.83 -0.34 -8.06
C VAL D 140 41.90 0.59 -9.26
N PRO D 141 41.15 1.72 -9.31
CA PRO D 141 41.26 2.61 -10.50
C PRO D 141 42.69 3.02 -10.81
N GLY D 142 43.44 3.47 -9.80
CA GLY D 142 44.83 3.85 -10.03
C GLY D 142 45.71 2.68 -10.43
N MET D 143 45.46 1.50 -9.87
CA MET D 143 46.29 0.35 -10.25
C MET D 143 46.08 -0.01 -11.72
N VAL D 144 44.82 -0.05 -12.16
CA VAL D 144 44.52 -0.35 -13.55
C VAL D 144 45.06 0.74 -14.46
N GLN D 145 44.73 1.99 -14.16
CA GLN D 145 45.04 3.08 -15.08
C GLN D 145 46.54 3.35 -15.15
N ARG D 146 47.28 3.13 -14.06
CA ARG D 146 48.71 3.39 -14.10
C ARG D 146 49.44 2.38 -14.98
N GLN D 147 49.10 1.09 -14.87
CA GLN D 147 49.90 0.01 -15.41
C GLN D 147 49.24 -0.76 -16.55
N GLY D 148 47.93 -0.61 -16.72
CA GLY D 148 47.22 -1.50 -17.62
C GLY D 148 47.36 -1.23 -19.11
N GLY D 149 48.09 -0.19 -19.50
CA GLY D 149 48.31 0.09 -20.92
C GLY D 149 47.03 0.13 -21.73
N GLU D 150 47.06 -0.57 -22.87
CA GLU D 150 45.94 -0.55 -23.81
C GLU D 150 44.68 -1.12 -23.19
N LEU D 151 44.81 -2.13 -22.33
CA LEU D 151 43.65 -2.71 -21.64
C LEU D 151 42.98 -1.70 -20.70
N ALA D 152 43.78 -0.84 -20.05
CA ALA D 152 43.21 0.18 -19.17
C ALA D 152 42.40 1.19 -19.96
N ALA D 153 42.77 1.45 -21.21
CA ALA D 153 42.04 2.36 -22.08
C ALA D 153 40.66 1.82 -22.48
N LYS D 154 40.29 0.61 -22.07
CA LYS D 154 38.94 0.08 -22.30
C LYS D 154 38.04 0.21 -21.07
N VAL D 155 38.55 0.77 -19.98
CA VAL D 155 37.85 0.71 -18.69
C VAL D 155 37.39 2.11 -18.29
N LEU D 156 36.15 2.21 -17.81
CA LEU D 156 35.71 3.33 -17.01
C LEU D 156 35.51 2.84 -15.59
N HIS D 157 36.17 3.49 -14.63
CA HIS D 157 36.07 3.11 -13.24
C HIS D 157 34.98 3.93 -12.58
N VAL D 158 34.18 3.27 -11.73
CA VAL D 158 33.20 3.94 -10.89
C VAL D 158 33.48 3.47 -9.46
N HIS D 159 34.13 4.32 -8.66
CA HIS D 159 34.38 3.93 -7.29
C HIS D 159 33.29 4.48 -6.38
N THR D 160 32.83 3.65 -5.45
CA THR D 160 31.59 3.95 -4.74
C THR D 160 31.61 3.30 -3.36
N PHE D 161 30.57 3.60 -2.58
CA PHE D 161 30.32 3.14 -1.21
C PHE D 161 31.17 3.86 -0.16
N GLY D 162 31.28 3.27 1.04
CA GLY D 162 31.79 4.02 2.18
C GLY D 162 33.27 4.33 2.04
N LEU D 163 33.69 5.39 2.75
CA LEU D 163 35.03 5.95 2.59
C LEU D 163 35.46 6.65 3.87
N ALA D 164 36.73 7.05 3.91
CA ALA D 164 37.29 7.74 5.07
C ALA D 164 36.78 9.17 5.13
N THR D 165 36.21 9.57 6.27
CA THR D 165 35.63 10.91 6.42
C THR D 165 36.09 11.52 7.74
N HIS D 166 35.75 12.80 7.91
CA HIS D 166 35.96 13.52 9.16
C HIS D 166 34.74 13.48 10.08
N ASP D 167 33.79 12.57 9.82
CA ASP D 167 32.49 12.62 10.47
C ASP D 167 32.31 11.56 11.56
N THR D 168 33.36 10.86 11.93
CA THR D 168 33.29 9.85 12.99
C THR D 168 34.23 10.25 14.11
N ALA D 169 33.85 9.92 15.35
CA ALA D 169 34.77 10.17 16.47
C ALA D 169 36.00 9.30 16.36
N HIS D 170 35.81 8.04 15.98
CA HIS D 170 36.91 7.15 15.65
C HIS D 170 37.57 7.61 14.35
N VAL D 171 38.86 7.88 14.39
CA VAL D 171 39.54 8.35 13.18
C VAL D 171 39.74 7.17 12.23
N PRO D 172 39.42 7.32 10.95
CA PRO D 172 39.70 6.25 9.97
C PRO D 172 41.16 5.81 10.03
N SER D 173 41.39 4.55 9.67
CA SER D 173 42.73 3.99 9.76
C SER D 173 43.63 4.60 8.68
N PRO D 174 44.95 4.53 8.87
CA PRO D 174 45.85 5.03 7.82
C PRO D 174 45.60 4.37 6.47
N ALA D 175 45.28 3.08 6.46
CA ALA D 175 45.02 2.39 5.20
C ALA D 175 43.78 2.95 4.51
N GLU D 176 42.75 3.25 5.29
CA GLU D 176 41.54 3.82 4.72
C GLU D 176 41.82 5.22 4.18
N ILE D 177 42.49 6.05 4.97
CA ILE D 177 42.84 7.41 4.55
C ILE D 177 43.66 7.38 3.27
N ALA D 178 44.65 6.49 3.19
CA ALA D 178 45.53 6.46 2.01
C ALA D 178 44.77 6.03 0.77
N ALA D 179 43.97 4.96 0.87
CA ALA D 179 43.29 4.41 -0.30
C ALA D 179 42.29 5.41 -0.86
N ASP D 180 41.51 6.05 0.00
CA ASP D 180 40.53 7.03 -0.49
C ASP D 180 41.20 8.32 -0.95
N GLY D 181 42.34 8.70 -0.34
CA GLY D 181 43.14 9.74 -0.96
C GLY D 181 43.62 9.35 -2.35
N ASP D 182 43.92 8.07 -2.55
CA ASP D 182 44.45 7.63 -3.84
C ASP D 182 43.38 7.70 -4.92
N VAL D 183 42.16 7.21 -4.62
CA VAL D 183 41.12 7.30 -5.64
C VAL D 183 40.73 8.75 -5.88
N ALA D 184 40.76 9.60 -4.85
CA ALA D 184 40.47 11.01 -5.09
C ALA D 184 41.51 11.61 -6.03
N PHE D 185 42.78 11.23 -5.86
CA PHE D 185 43.81 11.72 -6.76
C PHE D 185 43.54 11.27 -8.20
N TRP D 186 43.23 9.98 -8.38
CA TRP D 186 43.06 9.43 -9.73
C TRP D 186 41.79 9.96 -10.40
N THR D 187 40.77 10.26 -9.60
CA THR D 187 39.58 10.95 -10.10
C THR D 187 39.95 12.26 -10.79
N ARG D 188 40.83 13.02 -10.17
CA ARG D 188 41.30 14.28 -10.73
C ARG D 188 42.30 14.05 -11.86
N GLN D 189 43.09 12.97 -11.81
CA GLN D 189 44.16 12.78 -12.77
C GLN D 189 43.68 12.13 -14.08
N SER D 190 42.62 11.32 -14.04
CA SER D 190 42.27 10.47 -15.17
C SER D 190 40.84 10.71 -15.58
N ASP D 191 40.62 10.90 -16.89
CA ASP D 191 39.29 10.92 -17.48
C ASP D 191 38.50 9.63 -17.25
N ARG D 192 39.17 8.52 -16.95
CA ARG D 192 38.50 7.23 -16.82
C ARG D 192 38.18 6.84 -15.39
N VAL D 193 38.25 7.77 -14.45
CA VAL D 193 38.03 7.44 -13.05
C VAL D 193 36.93 8.34 -12.54
N SER D 194 35.78 7.77 -12.21
CA SER D 194 34.67 8.48 -11.62
C SER D 194 34.41 7.91 -10.24
N VAL D 195 33.67 8.66 -9.43
CA VAL D 195 33.11 8.17 -8.18
C VAL D 195 31.59 8.13 -8.31
N GLY D 196 31.00 7.08 -7.76
CA GLY D 196 29.56 6.90 -7.80
C GLY D 196 28.95 7.29 -6.48
N TYR D 197 28.35 8.48 -6.41
CA TYR D 197 27.79 8.91 -5.14
C TYR D 197 26.51 8.11 -4.85
N ILE D 198 26.36 7.68 -3.60
CA ILE D 198 25.21 6.87 -3.21
C ILE D 198 24.16 7.69 -2.48
N SER D 199 24.44 8.96 -2.21
CA SER D 199 23.59 9.83 -1.42
C SER D 199 24.03 11.26 -1.66
N ARG D 200 23.13 12.18 -1.32
CA ARG D 200 23.48 13.59 -1.21
C ARG D 200 24.70 13.78 -0.33
N TYR D 201 24.76 13.05 0.79
CA TYR D 201 25.85 13.21 1.75
C TYR D 201 27.22 12.83 1.15
N THR D 202 27.29 11.72 0.41
CA THR D 202 28.57 11.35 -0.17
C THR D 202 28.91 12.25 -1.37
N ALA D 203 27.91 12.66 -2.15
CA ALA D 203 28.16 13.61 -3.22
C ALA D 203 28.81 14.89 -2.68
N GLU D 204 28.24 15.45 -1.61
CA GLU D 204 28.78 16.70 -1.08
C GLU D 204 30.15 16.47 -0.46
N LEU D 205 30.34 15.29 0.11
CA LEU D 205 31.61 14.95 0.73
C LEU D 205 32.72 14.77 -0.31
N TYR D 206 32.40 14.11 -1.44
CA TYR D 206 33.36 14.00 -2.52
C TYR D 206 33.87 15.37 -2.93
N ALA D 207 32.97 16.36 -2.99
CA ALA D 207 33.34 17.69 -3.48
C ALA D 207 34.05 18.49 -2.40
N ARG D 208 33.50 18.49 -1.18
CA ARG D 208 33.99 19.38 -0.13
C ARG D 208 35.18 18.82 0.62
N THR D 209 35.26 17.50 0.80
CA THR D 209 36.39 16.92 1.52
C THR D 209 37.52 16.51 0.60
N TYR D 210 37.20 15.93 -0.57
CA TYR D 210 38.18 15.36 -1.47
C TYR D 210 38.41 16.20 -2.73
N ALA D 211 37.76 17.36 -2.84
CA ALA D 211 37.95 18.29 -3.96
C ALA D 211 37.77 17.61 -5.32
N ILE D 212 36.84 16.67 -5.39
CA ILE D 212 36.66 15.90 -6.63
C ILE D 212 35.83 16.74 -7.60
N PRO D 213 36.25 16.90 -8.86
CA PRO D 213 35.49 17.74 -9.79
C PRO D 213 34.10 17.15 -10.04
N ALA D 214 33.13 18.04 -10.27
CA ALA D 214 31.75 17.58 -10.42
C ALA D 214 31.58 16.66 -11.63
N ALA D 215 32.43 16.81 -12.64
CA ALA D 215 32.29 15.97 -13.83
C ALA D 215 32.74 14.54 -13.59
N ALA D 216 33.46 14.28 -12.50
CA ALA D 216 33.83 12.93 -12.13
C ALA D 216 32.80 12.22 -11.24
N LEU D 217 31.69 12.86 -10.92
CA LEU D 217 30.66 12.24 -10.09
C LEU D 217 29.56 11.65 -10.98
N LEU D 218 29.23 10.37 -10.75
CA LEU D 218 28.11 9.67 -11.38
C LEU D 218 27.17 9.12 -10.32
N PRO D 219 25.89 9.00 -10.62
CA PRO D 219 24.92 8.55 -9.59
C PRO D 219 24.97 7.04 -9.39
N ASN D 220 24.99 6.62 -8.13
CA ASN D 220 24.83 5.21 -7.75
C ASN D 220 24.02 5.19 -6.46
N ARG D 221 22.83 5.79 -6.51
CA ARG D 221 22.17 6.23 -5.29
C ARG D 221 21.49 5.06 -4.58
N SER D 222 21.78 4.92 -3.28
CA SER D 222 21.23 3.86 -2.45
C SER D 222 19.72 3.77 -2.61
N ALA D 223 19.20 2.55 -2.66
CA ALA D 223 17.82 2.31 -3.06
C ALA D 223 17.43 0.88 -2.65
N ILE D 224 16.13 0.59 -2.72
CA ILE D 224 15.66 -0.76 -2.39
C ILE D 224 14.80 -1.32 -3.53
N PRO D 225 14.76 -2.65 -3.72
CA PRO D 225 13.88 -3.23 -4.74
C PRO D 225 12.46 -3.34 -4.23
N ARG D 226 11.66 -2.28 -4.44
CA ARG D 226 10.39 -2.11 -3.73
C ARG D 226 9.44 -3.26 -4.00
N HIS D 227 9.51 -3.88 -5.17
CA HIS D 227 8.58 -4.94 -5.53
C HIS D 227 9.03 -6.32 -5.04
N ALA D 228 10.17 -6.41 -4.37
CA ALA D 228 10.57 -7.68 -3.79
C ALA D 228 9.49 -8.22 -2.86
N PRO D 229 9.21 -9.53 -2.90
CA PRO D 229 8.19 -10.10 -2.01
C PRO D 229 8.41 -9.83 -0.54
N ARG D 230 9.67 -9.68 -0.11
CA ARG D 230 9.90 -9.48 1.30
C ARG D 230 9.40 -8.13 1.79
N PHE D 231 9.09 -7.19 0.89
CA PHE D 231 8.51 -5.90 1.29
C PHE D 231 6.98 -5.89 1.18
N GLY D 232 6.36 -7.05 1.08
CA GLY D 232 4.91 -7.08 0.91
C GLY D 232 4.19 -6.66 2.18
N VAL D 233 3.04 -6.02 1.99
CA VAL D 233 2.17 -5.68 3.11
C VAL D 233 1.59 -6.97 3.68
N LEU D 234 1.50 -7.04 5.01
CA LEU D 234 1.01 -8.22 5.70
C LEU D 234 -0.36 -7.96 6.29
N THR D 235 -1.18 -9.02 6.38
CA THR D 235 -2.40 -8.96 7.16
C THR D 235 -2.08 -8.85 8.65
N GLU D 236 -3.07 -8.39 9.42
CA GLU D 236 -2.93 -8.39 10.87
C GLU D 236 -2.66 -9.79 11.40
N GLU D 237 -3.31 -10.81 10.82
CA GLU D 237 -3.09 -12.18 11.27
C GLU D 237 -1.65 -12.62 11.00
N ARG D 238 -1.14 -12.35 9.80
CA ARG D 238 0.22 -12.79 9.48
C ARG D 238 1.25 -12.04 10.34
N ILE D 239 1.03 -10.74 10.58
CA ILE D 239 1.89 -9.99 11.48
C ILE D 239 1.96 -10.67 12.85
N ASN D 240 0.80 -11.00 13.41
CA ASN D 240 0.77 -11.56 14.76
C ASN D 240 1.43 -12.93 14.81
N GLU D 241 1.23 -13.76 13.79
CA GLU D 241 1.86 -15.08 13.76
C GLU D 241 3.39 -14.96 13.75
N ARG D 242 3.92 -14.01 12.95
CA ARG D 242 5.38 -13.87 12.88
C ARG D 242 5.96 -13.26 14.15
N ILE D 243 5.26 -12.31 14.77
CA ILE D 243 5.79 -11.68 15.99
C ILE D 243 5.64 -12.59 17.21
N ALA D 244 4.80 -13.63 17.12
CA ALA D 244 4.46 -14.40 18.31
C ALA D 244 5.65 -15.13 18.89
N GLY D 245 6.60 -15.55 18.06
CA GLY D 245 7.76 -16.26 18.56
C GLY D 245 8.96 -15.40 18.95
N LEU D 246 8.83 -14.07 18.99
CA LEU D 246 9.99 -13.22 19.25
C LEU D 246 10.16 -12.86 20.72
N GLY D 247 9.29 -13.36 21.60
CA GLY D 247 9.45 -13.07 23.02
C GLY D 247 9.08 -11.66 23.42
N LEU D 248 8.13 -11.05 22.73
CA LEU D 248 7.78 -9.67 23.03
C LEU D 248 6.89 -9.62 24.27
N PRO D 249 7.01 -8.59 25.10
CA PRO D 249 6.12 -8.46 26.26
C PRO D 249 4.71 -8.14 25.81
N ALA D 250 3.76 -8.47 26.70
CA ALA D 250 2.34 -8.26 26.39
C ALA D 250 2.00 -6.78 26.31
N GLU D 251 2.62 -5.94 27.13
CA GLU D 251 2.36 -4.51 27.17
C GLU D 251 3.57 -3.74 26.64
N GLY D 252 3.34 -2.47 26.33
CA GLY D 252 4.38 -1.56 25.86
C GLY D 252 4.33 -1.35 24.35
N GLU D 253 4.84 -0.19 23.92
CA GLU D 253 5.02 0.13 22.50
C GLU D 253 6.48 -0.03 22.09
N PHE D 254 6.70 -0.57 20.90
CA PHE D 254 8.05 -0.95 20.48
C PHE D 254 8.72 0.15 19.68
N VAL D 255 10.03 0.33 19.90
CA VAL D 255 10.89 1.06 18.98
C VAL D 255 11.91 0.06 18.47
N VAL D 256 11.99 -0.10 17.14
CA VAL D 256 12.70 -1.20 16.53
C VAL D 256 14.00 -0.68 15.92
N MET D 257 15.08 -1.44 16.07
CA MET D 257 16.28 -1.21 15.28
C MET D 257 16.84 -2.57 14.86
N TRP D 258 17.56 -2.57 13.74
CA TRP D 258 18.22 -3.78 13.28
C TRP D 258 19.42 -3.42 12.43
N GLY D 259 20.38 -4.32 12.37
CA GLY D 259 21.52 -4.12 11.48
C GLY D 259 22.71 -4.95 11.91
N ARG D 260 23.82 -4.73 11.20
CA ARG D 260 25.10 -5.22 11.68
C ARG D 260 25.38 -4.68 13.08
N ASN D 261 26.06 -5.48 13.90
CA ASN D 261 26.45 -5.03 15.22
C ASN D 261 27.37 -3.83 15.12
N SER D 262 27.26 -2.92 16.09
CA SER D 262 28.25 -1.86 16.17
C SER D 262 29.64 -2.47 16.37
N ALA D 263 30.64 -1.79 15.83
CA ALA D 263 32.01 -2.29 15.76
C ALA D 263 32.94 -1.09 15.79
N PRO D 264 34.23 -1.29 16.08
CA PRO D 264 35.13 -0.16 16.35
C PRO D 264 35.07 1.01 15.37
N GLY D 265 34.81 0.81 14.09
CA GLY D 265 34.65 1.96 13.22
C GLY D 265 33.24 2.15 12.72
N LEU D 266 32.26 1.54 13.40
CA LEU D 266 30.89 1.47 12.91
C LEU D 266 29.97 1.61 14.11
N ASP D 267 29.58 2.83 14.40
CA ASP D 267 28.70 3.12 15.54
C ASP D 267 27.29 3.19 14.99
N LYS D 268 26.52 2.12 15.18
CA LYS D 268 25.13 2.13 14.71
C LYS D 268 24.17 2.79 15.69
N GLY D 269 24.64 3.20 16.87
CA GLY D 269 23.81 3.95 17.79
C GLY D 269 22.76 3.15 18.54
N TYR D 270 22.83 1.81 18.53
CA TYR D 270 21.87 1.02 19.31
C TYR D 270 21.86 1.43 20.77
N HIS D 271 23.04 1.75 21.30
CA HIS D 271 23.16 2.13 22.71
C HIS D 271 22.41 3.42 23.01
N LEU D 272 22.24 4.28 22.00
CA LEU D 272 21.54 5.53 22.22
C LEU D 272 20.07 5.27 22.52
N LEU D 273 19.48 4.28 21.85
CA LEU D 273 18.08 3.94 22.12
C LEU D 273 17.92 3.34 23.52
N LEU D 274 18.80 2.41 23.90
CA LEU D 274 18.74 1.85 25.24
C LEU D 274 18.89 2.93 26.29
N GLU D 275 19.80 3.87 26.07
CA GLU D 275 19.96 5.01 26.97
C GLU D 275 18.66 5.80 27.08
N ALA D 276 18.10 6.21 25.93
CA ALA D 276 16.89 7.02 25.94
C ALA D 276 15.74 6.27 26.61
N ALA D 277 15.71 4.95 26.49
CA ALA D 277 14.61 4.18 27.04
C ALA D 277 14.50 4.28 28.55
N ARG D 278 15.57 4.71 29.23
CA ARG D 278 15.45 4.94 30.67
C ARG D 278 14.45 6.04 30.97
N ASP D 279 14.27 6.97 30.04
CA ASP D 279 13.35 8.08 30.18
C ASP D 279 12.04 7.84 29.44
N LEU D 280 11.75 6.60 29.04
CA LEU D 280 10.58 6.29 28.20
C LEU D 280 9.77 5.17 28.84
N PRO D 281 8.94 5.49 29.85
CA PRO D 281 8.29 4.43 30.65
C PRO D 281 7.50 3.40 29.84
N GLY D 282 6.76 3.81 28.83
CA GLY D 282 5.98 2.80 28.15
C GLY D 282 6.62 2.16 26.91
N VAL D 283 7.94 2.31 26.74
CA VAL D 283 8.59 1.97 25.49
C VAL D 283 9.48 0.75 25.67
N VAL D 284 9.38 -0.19 24.73
CA VAL D 284 10.23 -1.38 24.74
C VAL D 284 11.12 -1.37 23.48
N PRO D 285 12.41 -1.11 23.63
CA PRO D 285 13.31 -1.24 22.49
C PRO D 285 13.36 -2.69 21.99
N VAL D 286 13.33 -2.86 20.67
CA VAL D 286 13.51 -4.19 20.07
C VAL D 286 14.65 -4.05 19.07
N ILE D 287 15.79 -4.67 19.37
CA ILE D 287 17.01 -4.46 18.61
C ILE D 287 17.46 -5.81 18.09
N ALA D 288 17.49 -5.96 16.79
CA ALA D 288 17.82 -7.22 16.16
C ALA D 288 19.14 -7.00 15.43
N THR D 289 20.21 -7.60 15.94
CA THR D 289 21.52 -7.46 15.31
C THR D 289 21.85 -8.74 14.54
N ARG D 290 22.75 -8.62 13.57
CA ARG D 290 23.16 -9.80 12.82
C ARG D 290 23.64 -10.90 13.75
N ARG D 291 24.49 -10.54 14.72
CA ARG D 291 25.02 -11.47 15.70
C ARG D 291 24.52 -11.13 17.11
N PRO D 292 24.54 -12.09 18.04
CA PRO D 292 23.86 -11.91 19.35
C PRO D 292 24.08 -10.62 20.15
N ASP D 293 25.30 -10.15 20.33
CA ASP D 293 25.65 -8.92 21.09
C ASP D 293 25.49 -8.95 22.61
N PRO D 294 26.41 -9.61 23.31
CA PRO D 294 26.43 -9.50 24.79
C PRO D 294 26.48 -8.07 25.33
N GLY D 295 27.15 -7.15 24.64
CA GLY D 295 27.30 -5.80 25.16
C GLY D 295 26.00 -5.02 25.26
N LEU D 296 25.10 -5.20 24.28
CA LEU D 296 23.80 -4.54 24.37
C LEU D 296 23.00 -5.07 25.57
N ARG D 297 23.08 -6.38 25.84
CA ARG D 297 22.40 -6.93 27.02
C ARG D 297 22.98 -6.36 28.32
N ARG D 298 24.31 -6.17 28.37
CA ARG D 298 24.91 -5.58 29.56
C ARG D 298 24.45 -4.14 29.74
N LEU D 299 24.35 -3.41 28.64
CA LEU D 299 23.86 -2.03 28.72
C LEU D 299 22.39 -1.98 29.13
N ALA D 300 21.55 -2.84 28.55
CA ALA D 300 20.14 -2.86 28.93
C ALA D 300 19.99 -3.23 30.41
N ASP D 301 20.71 -4.27 30.85
CA ASP D 301 20.68 -4.66 32.26
C ASP D 301 21.16 -3.53 33.16
N ARG D 302 22.27 -2.89 32.78
CA ARG D 302 22.82 -1.81 33.59
C ARG D 302 21.81 -0.68 33.75
N TYR D 303 21.08 -0.39 32.68
CA TYR D 303 20.05 0.65 32.67
C TYR D 303 18.70 0.16 33.18
N ALA D 304 18.57 -1.13 33.51
CA ALA D 304 17.27 -1.71 33.89
C ALA D 304 16.20 -1.45 32.83
N VAL D 305 16.58 -1.57 31.57
CA VAL D 305 15.65 -1.35 30.45
C VAL D 305 15.22 -2.70 29.91
N PRO D 306 13.89 -2.95 29.78
CA PRO D 306 13.40 -4.28 29.37
C PRO D 306 13.42 -4.50 27.87
N ALA D 307 14.59 -4.35 27.26
CA ALA D 307 14.69 -4.47 25.82
C ALA D 307 14.60 -5.92 25.37
N VAL D 308 14.04 -6.12 24.17
CA VAL D 308 14.08 -7.40 23.49
C VAL D 308 15.24 -7.37 22.52
N LEU D 309 16.23 -8.23 22.74
CA LEU D 309 17.43 -8.25 21.92
C LEU D 309 17.44 -9.54 21.14
N LEU D 310 17.34 -9.43 19.81
CA LEU D 310 17.26 -10.56 18.90
C LEU D 310 18.53 -10.62 18.05
N ASP D 311 18.75 -11.78 17.43
CA ASP D 311 19.89 -11.89 16.51
C ASP D 311 19.52 -12.78 15.34
N ASP D 312 20.26 -12.60 14.24
CA ASP D 312 20.10 -13.41 13.02
C ASP D 312 18.62 -13.54 12.61
N GLN D 313 17.89 -12.41 12.67
CA GLN D 313 16.48 -12.44 12.33
C GLN D 313 16.28 -12.44 10.81
N PRO D 314 15.35 -13.22 10.28
CA PRO D 314 15.03 -13.13 8.85
C PRO D 314 14.20 -11.88 8.60
N PHE D 315 14.25 -11.39 7.36
CA PHE D 315 13.58 -10.12 7.11
C PHE D 315 12.06 -10.26 7.24
N THR D 316 11.50 -11.45 6.98
CA THR D 316 10.08 -11.68 7.20
C THR D 316 9.66 -11.23 8.60
N HIS D 317 10.49 -11.52 9.59
CA HIS D 317 10.07 -11.18 10.95
C HIS D 317 10.34 -9.72 11.30
N LEU D 318 11.39 -9.12 10.72
CA LEU D 318 11.59 -7.68 10.87
C LEU D 318 10.46 -6.90 10.21
N SER D 319 10.03 -7.33 9.02
CA SER D 319 8.88 -6.74 8.35
C SER D 319 7.63 -6.75 9.22
N ALA D 320 7.34 -7.89 9.85
CA ALA D 320 6.18 -8.00 10.73
C ALA D 320 6.26 -7.05 11.91
N LEU D 321 7.43 -7.02 12.58
CA LEU D 321 7.63 -6.06 13.66
C LEU D 321 7.36 -4.64 13.20
N LEU D 322 7.92 -4.27 12.04
CA LEU D 322 7.80 -2.91 11.55
C LEU D 322 6.37 -2.55 11.20
N GLN D 323 5.55 -3.52 10.76
CA GLN D 323 4.17 -3.24 10.36
C GLN D 323 3.18 -3.32 11.52
N SER D 324 3.57 -3.89 12.66
CA SER D 324 2.62 -4.08 13.76
C SER D 324 2.18 -2.74 14.34
N PRO D 325 0.89 -2.53 14.55
CA PRO D 325 0.45 -1.28 15.22
C PRO D 325 1.04 -1.10 16.60
N ARG D 326 1.56 -2.17 17.23
CA ARG D 326 2.27 -2.01 18.49
C ARG D 326 3.62 -1.31 18.34
N THR D 327 4.11 -1.19 17.11
CA THR D 327 5.40 -0.57 16.88
C THR D 327 5.23 0.92 16.60
N LEU D 328 5.80 1.73 17.49
CA LEU D 328 5.71 3.18 17.38
C LEU D 328 6.70 3.73 16.35
N ALA D 329 7.92 3.19 16.34
CA ALA D 329 8.94 3.77 15.49
C ALA D 329 10.01 2.74 15.20
N ALA D 330 10.72 2.98 14.10
CA ALA D 330 11.96 2.30 13.77
C ALA D 330 13.04 3.37 13.80
N ALA D 331 14.13 3.12 14.52
CA ALA D 331 15.16 4.13 14.72
C ALA D 331 16.43 3.76 13.98
N PHE D 332 17.05 4.76 13.37
CA PHE D 332 18.30 4.60 12.62
C PHE D 332 19.25 5.67 13.11
N LEU D 333 20.26 5.27 13.86
CA LEU D 333 21.00 6.21 14.69
C LEU D 333 22.50 6.12 14.45
N GLY D 334 22.89 5.68 13.25
CA GLY D 334 24.29 5.57 12.93
C GLY D 334 25.00 6.92 13.01
N GLU D 335 26.26 6.86 13.38
CA GLU D 335 27.07 8.08 13.50
C GLU D 335 27.26 8.77 12.15
N ALA D 336 27.56 8.02 11.09
CA ALA D 336 27.75 8.66 9.79
C ALA D 336 27.49 7.69 8.63
N GLU D 337 26.25 7.24 8.47
CA GLU D 337 25.92 6.30 7.39
C GLU D 337 26.21 6.93 6.05
N PRO D 338 27.10 6.36 5.24
CA PRO D 338 27.32 6.92 3.88
C PRO D 338 26.09 6.81 2.99
N GLY D 339 25.36 5.71 3.08
CA GLY D 339 24.14 5.55 2.30
C GLY D 339 23.29 4.38 2.75
N ALA D 340 22.74 4.45 3.97
CA ALA D 340 22.02 3.32 4.53
C ALA D 340 20.67 3.13 3.85
N VAL D 341 20.31 1.88 3.56
CA VAL D 341 19.02 1.59 2.96
C VAL D 341 18.01 1.07 3.98
N SER D 342 18.46 0.65 5.16
CA SER D 342 17.52 0.17 6.18
C SER D 342 16.40 1.15 6.49
N PRO D 343 16.65 2.47 6.64
CA PRO D 343 15.51 3.38 6.81
C PRO D 343 14.56 3.38 5.63
N MET D 344 15.07 3.21 4.41
CA MET D 344 14.19 3.11 3.26
C MET D 344 13.35 1.85 3.31
N GLU D 345 13.92 0.74 3.82
CA GLU D 345 13.15 -0.48 3.97
C GLU D 345 12.01 -0.28 4.96
N ALA D 346 12.28 0.40 6.09
CA ALA D 346 11.23 0.67 7.06
C ALA D 346 10.15 1.58 6.48
N MET D 347 10.56 2.65 5.79
CA MET D 347 9.58 3.56 5.21
C MET D 347 8.69 2.86 4.21
N TRP D 348 9.26 1.93 3.45
CA TRP D 348 8.48 1.24 2.44
C TRP D 348 7.60 0.16 3.04
N VAL D 349 8.15 -0.68 3.93
CA VAL D 349 7.34 -1.82 4.37
C VAL D 349 6.24 -1.38 5.32
N ALA D 350 6.41 -0.25 6.01
CA ALA D 350 5.40 0.31 6.90
C ALA D 350 4.45 1.27 6.19
N ARG D 351 4.36 1.20 4.86
CA ARG D 351 3.52 2.13 4.12
C ARG D 351 2.04 2.04 4.52
N GLU D 352 1.59 0.91 5.05
CA GLU D 352 0.19 0.77 5.45
C GLU D 352 0.00 0.91 6.96
N SER D 353 0.95 0.42 7.77
CA SER D 353 0.78 0.42 9.22
C SER D 353 2.13 0.28 9.91
N GLY D 354 2.15 0.62 11.19
CA GLY D 354 3.28 0.33 12.06
C GLY D 354 4.20 1.54 12.22
N ALA D 355 5.50 1.31 12.07
CA ALA D 355 6.52 2.27 12.46
C ALA D 355 6.47 3.55 11.64
N LEU D 356 6.79 4.66 12.30
CA LEU D 356 7.36 5.81 11.61
C LEU D 356 8.86 5.84 11.91
N VAL D 357 9.62 6.55 11.08
CA VAL D 357 11.08 6.50 11.15
C VAL D 357 11.63 7.64 11.98
N ILE D 358 12.54 7.29 12.90
CA ILE D 358 13.38 8.25 13.61
C ILE D 358 14.79 8.11 13.05
N ALA D 359 15.37 9.21 12.60
CA ALA D 359 16.65 9.18 11.91
C ALA D 359 17.61 10.16 12.57
N ALA D 360 18.84 9.71 12.84
CA ALA D 360 19.87 10.64 13.28
C ALA D 360 20.10 11.72 12.24
N ASP D 361 20.60 12.88 12.70
CA ASP D 361 20.83 14.02 11.82
C ASP D 361 22.21 13.98 11.15
N THR D 362 22.73 12.80 10.84
CA THR D 362 24.07 12.67 10.28
C THR D 362 24.04 11.74 9.06
N GLY D 363 25.11 11.76 8.28
CA GLY D 363 25.18 10.84 7.16
C GLY D 363 24.06 11.08 6.16
N ASN D 364 23.60 10.00 5.51
CA ASN D 364 22.54 10.15 4.52
C ASN D 364 21.15 10.16 5.14
N LEU D 365 21.03 9.96 6.45
CA LEU D 365 19.71 9.77 7.07
C LEU D 365 18.79 10.97 6.90
N PRO D 366 19.23 12.22 7.14
CA PRO D 366 18.32 13.36 6.87
C PRO D 366 17.78 13.38 5.46
N GLU D 367 18.58 13.02 4.45
CA GLU D 367 18.03 12.97 3.10
C GLU D 367 16.95 11.90 2.99
N VAL D 368 17.14 10.75 3.64
CA VAL D 368 16.18 9.68 3.51
C VAL D 368 14.80 10.13 4.01
N VAL D 369 14.75 10.84 5.14
CA VAL D 369 13.47 11.24 5.72
C VAL D 369 13.08 12.66 5.28
N ASP D 370 13.67 13.13 4.18
CA ASP D 370 13.33 14.43 3.60
C ASP D 370 13.42 15.55 4.65
N ASP D 371 14.49 15.51 5.44
CA ASP D 371 14.79 16.54 6.44
C ASP D 371 13.61 16.80 7.39
N GLY D 372 12.77 15.81 7.61
CA GLY D 372 11.68 15.91 8.58
C GLY D 372 10.28 15.77 7.99
N ALA D 373 10.13 15.88 6.67
CA ALA D 373 8.82 15.72 6.08
C ALA D 373 8.39 14.26 6.01
N ALA D 374 9.33 13.31 6.03
CA ALA D 374 9.00 11.90 5.89
C ALA D 374 9.44 11.07 7.09
N GLY D 375 9.73 11.71 8.20
CA GLY D 375 10.22 11.04 9.39
C GLY D 375 10.75 12.09 10.34
N ILE D 376 11.17 11.63 11.52
CA ILE D 376 11.61 12.52 12.59
C ILE D 376 13.13 12.50 12.69
N VAL D 377 13.74 13.66 12.60
CA VAL D 377 15.18 13.82 12.67
C VAL D 377 15.57 14.07 14.12
N THR D 378 16.65 13.42 14.57
CA THR D 378 17.10 13.59 15.94
C THR D 378 18.61 13.78 15.98
N ARG D 379 19.07 14.61 16.92
CA ARG D 379 20.47 14.63 17.27
C ARG D 379 20.84 13.33 17.99
N ARG D 380 22.13 12.99 17.93
CA ARG D 380 22.60 11.73 18.50
C ARG D 380 22.98 11.90 19.97
N THR D 381 21.95 12.09 20.81
CA THR D 381 22.08 12.01 22.26
C THR D 381 20.86 11.29 22.82
N ALA D 382 21.05 10.63 23.96
CA ALA D 382 19.95 9.95 24.63
C ALA D 382 18.76 10.88 24.83
N ALA D 383 19.00 12.09 25.31
CA ALA D 383 17.88 12.99 25.59
C ALA D 383 17.15 13.38 24.31
N ASP D 384 17.87 13.60 23.22
CA ASP D 384 17.21 13.95 21.96
C ASP D 384 16.45 12.76 21.40
N VAL D 385 17.03 11.56 21.49
CA VAL D 385 16.35 10.36 20.98
C VAL D 385 15.05 10.13 21.73
N ALA D 386 15.06 10.29 23.06
CA ALA D 386 13.82 10.14 23.82
C ALA D 386 12.82 11.23 23.44
N ASP D 387 13.29 12.46 23.28
CA ASP D 387 12.43 13.52 22.73
C ASP D 387 11.84 13.12 21.38
N ALA D 388 12.62 12.43 20.54
CA ALA D 388 12.12 12.05 19.22
C ALA D 388 11.01 11.02 19.33
N VAL D 389 11.16 10.05 20.25
CA VAL D 389 10.11 9.08 20.48
C VAL D 389 8.84 9.77 20.94
N ARG D 390 8.98 10.74 21.85
CA ARG D 390 7.81 11.48 22.33
C ARG D 390 7.17 12.26 21.19
N ARG D 391 7.98 12.84 20.30
CA ARG D 391 7.42 13.56 19.17
C ARG D 391 6.58 12.65 18.29
N VAL D 392 7.03 11.39 18.10
CA VAL D 392 6.24 10.46 17.30
C VAL D 392 4.90 10.19 17.96
N ARG D 393 4.92 10.03 19.29
CA ARG D 393 3.70 9.75 20.03
C ARG D 393 2.68 10.89 19.92
N LYS D 394 3.16 12.13 19.92
CA LYS D 394 2.28 13.29 20.01
C LYS D 394 1.79 13.79 18.65
N LEU D 395 2.17 13.14 17.55
CA LEU D 395 1.71 13.54 16.23
C LEU D 395 0.18 13.57 16.19
N THR D 396 -0.37 14.58 15.53
CA THR D 396 -1.79 14.48 15.24
C THR D 396 -2.05 13.29 14.32
N ALA D 397 -3.31 12.83 14.30
CA ALA D 397 -3.64 11.70 13.43
C ALA D 397 -3.39 12.05 11.97
N ASP D 398 -3.68 13.30 11.58
CA ASP D 398 -3.45 13.74 10.22
C ASP D 398 -1.98 13.70 9.86
N GLU D 399 -1.11 14.15 10.78
CA GLU D 399 0.30 14.24 10.46
C GLU D 399 0.94 12.85 10.43
N ARG D 400 0.48 11.95 11.29
CA ARG D 400 0.96 10.56 11.26
C ARG D 400 0.63 9.92 9.92
N ARG D 401 -0.63 10.04 9.50
CA ARG D 401 -1.06 9.57 8.18
C ARG D 401 -0.25 10.22 7.07
N ARG D 402 -0.05 11.54 7.15
CA ARG D 402 0.67 12.26 6.09
C ARG D 402 2.13 11.83 6.04
N MET D 403 2.75 11.62 7.21
CA MET D 403 4.16 11.26 7.21
C MET D 403 4.36 9.86 6.65
N ARG D 404 3.50 8.92 7.04
CA ARG D 404 3.57 7.56 6.52
C ARG D 404 3.47 7.56 5.00
N ALA D 405 2.56 8.37 4.44
CA ALA D 405 2.40 8.44 3.00
C ALA D 405 3.61 9.11 2.34
N ALA D 406 4.11 10.19 2.94
CA ALA D 406 5.26 10.88 2.38
C ALA D 406 6.48 9.98 2.35
N ALA D 407 6.64 9.17 3.41
CA ALA D 407 7.77 8.24 3.48
C ALA D 407 7.69 7.21 2.36
N ALA D 408 6.52 6.59 2.18
CA ALA D 408 6.37 5.61 1.12
C ALA D 408 6.54 6.25 -0.25
N ALA D 409 5.98 7.45 -0.44
CA ALA D 409 6.12 8.12 -1.73
C ALA D 409 7.58 8.47 -2.01
N ARG D 410 8.34 8.82 -0.97
CA ARG D 410 9.75 9.16 -1.17
C ARG D 410 10.54 7.96 -1.67
N VAL D 411 10.31 6.79 -1.08
CA VAL D 411 11.03 5.60 -1.52
C VAL D 411 10.72 5.32 -2.98
N ARG D 412 9.44 5.40 -3.35
CA ARG D 412 9.02 5.23 -4.73
C ARG D 412 9.73 6.22 -5.65
N ALA D 413 9.88 7.47 -5.22
CA ALA D 413 10.37 8.48 -6.13
C ALA D 413 11.89 8.59 -6.18
N ARG D 414 12.59 8.31 -5.07
N ARG D 414 12.59 8.31 -5.07
CA ARG D 414 14.01 8.56 -5.00
CA ARG D 414 14.01 8.56 -5.00
C ARG D 414 14.86 7.33 -4.68
C ARG D 414 14.85 7.34 -4.68
N PHE D 415 14.28 6.30 -4.06
CA PHE D 415 15.04 5.16 -3.57
C PHE D 415 14.54 3.86 -4.17
N ASP D 416 14.15 3.88 -5.44
CA ASP D 416 13.76 2.68 -6.16
C ASP D 416 14.99 2.06 -6.82
N PHE D 417 15.31 0.83 -6.46
CA PHE D 417 16.56 0.25 -6.96
C PHE D 417 16.54 0.04 -8.48
N ALA D 418 15.43 -0.44 -9.04
CA ALA D 418 15.37 -0.67 -10.47
C ALA D 418 15.68 0.62 -11.23
N ALA D 419 15.15 1.74 -10.75
CA ALA D 419 15.43 3.01 -11.42
C ALA D 419 16.85 3.49 -11.15
N ASN D 420 17.35 3.32 -9.92
CA ASN D 420 18.64 3.91 -9.58
C ASN D 420 19.81 3.10 -10.14
N VAL D 421 19.66 1.79 -10.29
CA VAL D 421 20.73 1.02 -10.93
C VAL D 421 20.71 1.25 -12.44
N ARG D 422 19.53 1.45 -13.03
CA ARG D 422 19.48 1.87 -14.43
C ARG D 422 20.10 3.26 -14.60
N GLU D 423 19.82 4.16 -13.67
CA GLU D 423 20.47 5.47 -13.72
C GLU D 423 21.99 5.35 -13.70
N LEU D 424 22.53 4.51 -12.82
CA LEU D 424 23.97 4.26 -12.84
C LEU D 424 24.44 3.72 -14.19
N ALA D 425 23.74 2.72 -14.72
CA ALA D 425 24.21 2.09 -15.95
C ALA D 425 24.14 3.05 -17.13
N ASP D 426 23.08 3.86 -17.21
CA ASP D 426 22.99 4.86 -18.26
C ASP D 426 24.08 5.91 -18.14
N ALA D 427 24.37 6.36 -16.92
CA ALA D 427 25.41 7.37 -16.74
C ALA D 427 26.79 6.83 -17.09
N ALA D 428 27.07 5.56 -16.73
CA ALA D 428 28.35 4.96 -17.08
C ALA D 428 28.48 4.77 -18.58
N VAL D 429 27.40 4.34 -19.22
CA VAL D 429 27.43 4.14 -20.66
C VAL D 429 27.59 5.48 -21.37
N ASP D 430 26.91 6.53 -20.88
CA ASP D 430 27.12 7.87 -21.43
C ASP D 430 28.56 8.32 -21.24
N ARG D 431 29.09 8.14 -20.02
CA ARG D 431 30.47 8.54 -19.74
C ARG D 431 31.45 7.80 -20.64
N LEU D 432 31.21 6.50 -20.84
CA LEU D 432 32.06 5.70 -21.72
C LEU D 432 32.11 6.29 -23.12
N ALA D 433 30.96 6.71 -23.66
CA ALA D 433 30.93 7.33 -24.98
C ALA D 433 31.73 8.62 -25.01
N GLU D 434 31.66 9.42 -23.95
CA GLU D 434 32.38 10.70 -23.95
C GLU D 434 33.89 10.50 -23.95
N VAL D 435 34.41 9.55 -23.17
CA VAL D 435 35.85 9.36 -23.15
C VAL D 435 36.35 8.75 -24.45
N SER D 436 35.46 8.31 -25.33
CA SER D 436 35.80 7.90 -26.69
C SER D 436 35.19 8.82 -27.76
#